data_4FIU
#
_entry.id   4FIU
#
_cell.length_a   69.070
_cell.length_b   240.783
_cell.length_c   69.479
_cell.angle_alpha   90.00
_cell.angle_beta   119.68
_cell.angle_gamma   90.00
#
_symmetry.space_group_name_H-M   'P 1 21 1'
#
loop_
_entity.id
_entity.type
_entity.pdbx_description
1 polymer hemagglutinin
2 branched 2-acetamido-2-deoxy-beta-D-glucopyranose-(1-4)-2-acetamido-2-deoxy-beta-D-glucopyranose
3 non-polymer 2-acetamido-2-deoxy-beta-D-glucopyranose
4 water water
#
_entity_poly.entity_id   1
_entity_poly.type   'polypeptide(L)'
_entity_poly.pdbx_seq_one_letter_code
;HHHHHHADGIQDKICIGYLSNNSTDTVDTLTENGVPVTSSIDLVETNHTGTYCSLNGVSPIHLGDCSFEGWIVGNPSCAS
NINIREWSYLIEDPNAPHKLCFPGEVDNNGELRHLFSGVNSFSRTELIPPSKWGDILEGTTASCQNRGANSFYRNLIWLV
NKLNKYPVVKGEYNNTTGRDVLVLWGIHHPDTEATANKLYVNKNPYTLVSTKEWSRRYELEIGTRIGDGQRSWMKIYWHL
MHPGERITFESSGGLLAPRYGYIIEKYGTGRIFQSGVRLAKCNTKCQTSMGGINTNKTFQNIERNALGDCPKYIKSGQLK
LATGLRNVPSIGERGLFGAIAGFIEGGWPGLINGWYGFQHQNEQGTGIAADKTSTQKAINEITTKINNIIEKMNGNYDSI
RGEFNQVEKRINMIADRVDDAVTDIWSYNAKLLVLIENDRTLDLHDANVRNLHEQIKRALKDNAIDEGDGCFSILHKCND
SCMETIRNGTYNHEDYKEESQLKRQEIEGIRLVPR
;
_entity_poly.pdbx_strand_id   A,B,C
#
# COMPACT_ATOMS: atom_id res chain seq x y z
N ALA A 7 -59.23 15.57 30.87
CA ALA A 7 -58.74 16.25 29.67
C ALA A 7 -58.88 17.76 29.77
N ASP A 8 -57.89 18.41 30.37
CA ASP A 8 -57.84 19.87 30.41
C ASP A 8 -57.69 20.36 28.97
N GLY A 9 -57.89 21.65 28.75
CA GLY A 9 -57.71 22.24 27.44
C GLY A 9 -56.24 22.32 27.09
N ILE A 10 -55.92 22.04 25.84
CA ILE A 10 -54.54 22.00 25.36
C ILE A 10 -54.41 22.73 24.03
N GLN A 11 -53.25 23.35 23.80
CA GLN A 11 -53.04 24.08 22.55
C GLN A 11 -52.84 23.13 21.39
N ASP A 12 -53.26 23.55 20.20
CA ASP A 12 -52.93 22.82 19.00
C ASP A 12 -51.40 22.75 18.89
N LYS A 13 -50.88 21.74 18.20
CA LYS A 13 -49.45 21.49 18.25
C LYS A 13 -48.94 20.96 16.94
N ILE A 14 -47.73 21.37 16.55
CA ILE A 14 -47.07 20.75 15.42
C ILE A 14 -45.65 20.35 15.82
N CYS A 15 -45.22 19.16 15.42
CA CYS A 15 -43.91 18.60 15.76
C CYS A 15 -43.13 18.31 14.49
N ILE A 16 -41.85 18.64 14.51
CA ILE A 16 -41.02 18.47 13.32
C ILE A 16 -39.93 17.47 13.62
N GLY A 17 -39.82 16.44 12.79
CA GLY A 17 -38.78 15.45 13.01
C GLY A 17 -38.83 14.27 12.06
N TYR A 18 -38.62 13.08 12.62
CA TYR A 18 -38.53 11.88 11.80
C TYR A 18 -39.86 11.17 11.73
N LEU A 19 -40.21 10.64 10.56
CA LEU A 19 -41.35 9.73 10.44
C LEU A 19 -40.82 8.44 9.86
N SER A 20 -41.04 7.32 10.55
CA SER A 20 -40.60 6.05 9.98
C SER A 20 -41.33 4.89 10.63
N ASN A 21 -41.15 3.69 10.09
CA ASN A 21 -41.58 2.51 10.82
C ASN A 21 -40.54 2.20 11.89
N ASN A 22 -40.84 1.19 12.72
CA ASN A 22 -39.90 0.72 13.72
C ASN A 22 -38.60 0.24 13.07
N SER A 23 -37.47 0.53 13.70
CA SER A 23 -36.14 0.23 13.14
C SER A 23 -35.71 -1.22 13.33
N THR A 24 -35.58 -1.94 12.22
CA THR A 24 -35.05 -3.30 12.25
C THR A 24 -33.80 -3.37 11.38
N ASP A 25 -32.67 -3.00 11.99
CA ASP A 25 -31.35 -2.93 11.37
C ASP A 25 -30.44 -2.12 12.29
N THR A 26 -29.24 -2.62 12.58
CA THR A 26 -28.29 -1.82 13.35
C THR A 26 -26.94 -1.65 12.63
N VAL A 27 -26.25 -0.55 12.93
CA VAL A 27 -24.89 -0.35 12.43
C VAL A 27 -23.99 0.00 13.61
N ASP A 28 -22.68 0.02 13.38
CA ASP A 28 -21.79 0.59 14.38
C ASP A 28 -21.25 1.90 13.83
N THR A 29 -20.90 2.81 14.75
CA THR A 29 -20.22 4.04 14.42
C THR A 29 -18.88 4.06 15.14
N LEU A 30 -18.05 5.03 14.83
CA LEU A 30 -16.76 5.17 15.49
C LEU A 30 -16.88 5.27 17.02
N THR A 31 -17.98 5.88 17.49
CA THR A 31 -18.19 6.11 18.91
C THR A 31 -19.27 5.25 19.58
N GLU A 32 -20.00 4.44 18.83
CA GLU A 32 -21.06 3.62 19.44
C GLU A 32 -21.40 2.33 18.69
N ASN A 33 -21.64 1.25 19.43
CA ASN A 33 -22.01 -0.03 18.82
C ASN A 33 -23.52 -0.24 18.77
N GLY A 34 -23.97 -1.00 17.78
CA GLY A 34 -25.36 -1.41 17.68
C GLY A 34 -26.38 -0.29 17.71
N VAL A 35 -26.28 0.65 16.78
CA VAL A 35 -27.21 1.77 16.69
C VAL A 35 -28.30 1.41 15.71
N PRO A 36 -29.56 1.43 16.17
CA PRO A 36 -30.67 1.09 15.26
C PRO A 36 -30.91 2.21 14.28
N VAL A 37 -30.95 1.87 12.98
CA VAL A 37 -31.22 2.87 11.94
C VAL A 37 -32.29 2.31 11.02
N THR A 38 -32.97 3.17 10.28
CA THR A 38 -34.08 2.71 9.44
C THR A 38 -33.63 2.01 8.15
N SER A 39 -32.36 2.17 7.79
CA SER A 39 -31.80 1.47 6.63
C SER A 39 -30.28 1.59 6.52
N SER A 40 -29.66 0.65 5.80
CA SER A 40 -28.22 0.67 5.54
C SER A 40 -27.97 -0.16 4.29
N ILE A 41 -26.75 -0.08 3.76
CA ILE A 41 -26.33 -0.99 2.69
C ILE A 41 -25.08 -1.75 3.12
N ASP A 42 -24.92 -2.94 2.56
CA ASP A 42 -23.71 -3.74 2.77
C ASP A 42 -22.61 -3.37 1.77
N LEU A 43 -21.39 -3.21 2.26
CA LEU A 43 -20.28 -2.82 1.39
C LEU A 43 -19.42 -4.01 1.01
N VAL A 44 -19.64 -5.14 1.66
CA VAL A 44 -18.80 -6.33 1.48
C VAL A 44 -19.60 -7.44 0.81
N GLU A 45 -19.12 -7.94 -0.32
CA GLU A 45 -19.74 -9.11 -0.94
C GLU A 45 -19.30 -10.39 -0.23
N THR A 46 -20.27 -11.24 0.08
CA THR A 46 -20.03 -12.50 0.78
C THR A 46 -20.59 -13.67 -0.03
N ASN A 47 -21.32 -13.36 -1.09
CA ASN A 47 -21.93 -14.36 -1.96
C ASN A 47 -21.12 -14.63 -3.21
N HIS A 48 -21.03 -15.91 -3.59
CA HIS A 48 -20.29 -16.32 -4.77
C HIS A 48 -20.90 -17.61 -5.33
N THR A 49 -20.43 -18.06 -6.50
CA THR A 49 -21.06 -19.17 -7.20
C THR A 49 -20.66 -20.55 -6.68
N GLY A 50 -19.54 -20.62 -5.99
CA GLY A 50 -19.02 -21.89 -5.52
C GLY A 50 -18.49 -22.74 -6.67
N THR A 51 -18.36 -22.12 -7.84
CA THR A 51 -17.93 -22.81 -9.04
C THR A 51 -16.86 -22.00 -9.79
N TYR A 52 -16.16 -22.66 -10.72
CA TYR A 52 -15.33 -21.94 -11.67
C TYR A 52 -16.21 -21.55 -12.85
N CYS A 53 -16.14 -20.28 -13.23
CA CYS A 53 -17.00 -19.78 -14.31
C CYS A 53 -16.17 -19.15 -15.39
N SER A 54 -16.82 -18.85 -16.50
CA SER A 54 -16.22 -17.97 -17.49
C SER A 54 -15.93 -16.64 -16.81
N LEU A 55 -14.88 -15.97 -17.26
CA LEU A 55 -14.49 -14.70 -16.66
C LEU A 55 -14.67 -13.61 -17.71
N ASN A 56 -15.67 -12.75 -17.51
CA ASN A 56 -15.96 -11.70 -18.47
C ASN A 56 -16.04 -12.20 -19.92
N GLY A 57 -16.70 -13.33 -20.10
CA GLY A 57 -16.99 -13.84 -21.43
C GLY A 57 -15.99 -14.84 -21.99
N VAL A 58 -14.92 -15.08 -21.24
CA VAL A 58 -13.82 -15.92 -21.72
C VAL A 58 -13.69 -17.15 -20.82
N SER A 59 -13.86 -18.33 -21.39
CA SER A 59 -13.78 -19.57 -20.63
C SER A 59 -12.36 -19.87 -20.20
N PRO A 60 -12.22 -20.54 -19.04
CA PRO A 60 -10.92 -21.03 -18.63
C PRO A 60 -10.65 -22.34 -19.33
N ILE A 61 -9.51 -22.96 -19.04
CA ILE A 61 -9.26 -24.32 -19.48
C ILE A 61 -9.06 -25.17 -18.23
N HIS A 62 -9.87 -26.22 -18.05
CA HIS A 62 -9.58 -27.21 -17.02
C HIS A 62 -8.59 -28.21 -17.60
N LEU A 63 -7.41 -28.35 -16.99
CA LEU A 63 -6.36 -29.25 -17.53
C LEU A 63 -6.65 -30.72 -17.25
N GLY A 64 -7.70 -30.96 -16.45
CA GLY A 64 -8.17 -32.32 -16.21
C GLY A 64 -7.14 -33.23 -15.58
N ASP A 65 -6.77 -34.27 -16.33
CA ASP A 65 -5.83 -35.28 -15.86
C ASP A 65 -4.37 -34.87 -16.06
N CYS A 66 -4.13 -33.68 -16.59
CA CYS A 66 -2.78 -33.29 -16.99
C CYS A 66 -2.20 -32.15 -16.18
N SER A 67 -0.86 -32.09 -16.10
CA SER A 67 -0.21 -30.91 -15.52
C SER A 67 -0.09 -29.83 -16.61
N PHE A 68 0.23 -28.60 -16.21
CA PHE A 68 0.51 -27.57 -17.22
C PHE A 68 1.64 -27.98 -18.17
N GLU A 69 2.72 -28.53 -17.63
CA GLU A 69 3.88 -28.91 -18.47
C GLU A 69 3.51 -29.93 -19.54
N GLY A 70 2.76 -30.94 -19.15
CA GLY A 70 2.39 -32.01 -20.08
C GLY A 70 1.46 -31.49 -21.15
N TRP A 71 0.58 -30.56 -20.79
CA TRP A 71 -0.34 -29.93 -21.73
C TRP A 71 0.40 -29.03 -22.73
N ILE A 72 1.34 -28.24 -22.22
CA ILE A 72 2.02 -27.26 -23.06
C ILE A 72 3.05 -27.91 -24.01
N VAL A 73 3.68 -29.01 -23.59
CA VAL A 73 4.61 -29.67 -24.49
C VAL A 73 3.94 -30.69 -25.40
N GLY A 74 2.72 -31.09 -25.06
CA GLY A 74 1.95 -31.96 -25.92
C GLY A 74 2.00 -33.45 -25.61
N ASN A 75 1.99 -33.80 -24.32
CA ASN A 75 1.91 -35.20 -23.90
C ASN A 75 0.70 -35.79 -24.62
N PRO A 76 0.90 -36.88 -25.38
CA PRO A 76 -0.19 -37.42 -26.20
C PRO A 76 -1.38 -37.92 -25.37
N SER A 77 -1.19 -38.06 -24.06
CA SER A 77 -2.29 -38.43 -23.17
C SER A 77 -3.16 -37.24 -22.80
N CYS A 78 -2.69 -36.04 -23.10
CA CYS A 78 -3.45 -34.86 -22.73
C CYS A 78 -4.25 -34.35 -23.94
N ALA A 79 -5.26 -33.54 -23.65
CA ALA A 79 -6.07 -32.92 -24.69
C ALA A 79 -5.18 -32.10 -25.61
N SER A 80 -5.38 -32.24 -26.92
CA SER A 80 -4.65 -31.42 -27.88
C SER A 80 -5.11 -29.99 -27.77
N ASN A 81 -4.17 -29.05 -27.88
CA ASN A 81 -4.53 -27.64 -27.92
C ASN A 81 -4.60 -27.08 -29.33
N ILE A 82 -4.70 -27.97 -30.32
CA ILE A 82 -4.67 -27.55 -31.72
C ILE A 82 -5.77 -26.51 -32.01
N ASN A 83 -6.93 -26.67 -31.38
CA ASN A 83 -8.06 -25.80 -31.65
C ASN A 83 -8.30 -24.69 -30.61
N ILE A 84 -7.44 -24.60 -29.61
CA ILE A 84 -7.61 -23.58 -28.56
C ILE A 84 -7.33 -22.19 -29.14
N ARG A 85 -8.10 -21.19 -28.73
CA ARG A 85 -7.92 -19.83 -29.24
C ARG A 85 -7.67 -18.78 -28.15
N GLU A 86 -7.98 -19.16 -26.90
CA GLU A 86 -7.93 -18.22 -25.78
C GLU A 86 -8.21 -18.94 -24.46
N TRP A 87 -7.77 -18.35 -23.34
CA TRP A 87 -8.27 -18.74 -22.02
C TRP A 87 -8.10 -17.64 -20.97
N SER A 88 -9.04 -17.56 -20.03
CA SER A 88 -9.02 -16.54 -18.98
C SER A 88 -8.17 -16.97 -17.79
N TYR A 89 -8.16 -18.27 -17.52
CA TYR A 89 -7.35 -18.85 -16.46
C TYR A 89 -7.25 -20.36 -16.65
N LEU A 90 -6.43 -21.00 -15.83
CA LEU A 90 -6.31 -22.46 -15.89
C LEU A 90 -6.74 -23.07 -14.55
N ILE A 91 -7.28 -24.29 -14.60
CA ILE A 91 -7.54 -25.07 -13.40
C ILE A 91 -6.73 -26.35 -13.48
N GLU A 92 -5.90 -26.60 -12.46
CA GLU A 92 -4.95 -27.72 -12.54
C GLU A 92 -5.00 -28.60 -11.29
N ASP A 93 -4.88 -29.91 -11.47
CA ASP A 93 -4.73 -30.83 -10.35
C ASP A 93 -3.25 -30.95 -10.05
N PRO A 94 -2.84 -30.62 -8.82
CA PRO A 94 -1.44 -30.80 -8.42
C PRO A 94 -1.00 -32.26 -8.53
N ASN A 95 -1.94 -33.19 -8.39
CA ASN A 95 -1.60 -34.61 -8.51
C ASN A 95 -2.09 -35.21 -9.80
N ALA A 96 -2.20 -34.37 -10.82
CA ALA A 96 -2.55 -34.82 -12.16
C ALA A 96 -1.55 -35.90 -12.55
N PRO A 97 -2.04 -37.05 -12.99
CA PRO A 97 -1.13 -38.16 -13.30
C PRO A 97 -0.35 -37.91 -14.57
N HIS A 98 -0.95 -37.19 -15.52
CA HIS A 98 -0.27 -36.97 -16.79
C HIS A 98 0.59 -35.70 -16.78
N LYS A 99 1.90 -35.89 -16.65
CA LYS A 99 2.81 -34.76 -16.58
C LYS A 99 3.74 -34.79 -17.78
N LEU A 100 5.04 -34.93 -17.55
CA LEU A 100 5.93 -35.26 -18.64
C LEU A 100 5.95 -36.77 -18.79
N CYS A 101 5.45 -37.29 -19.92
CA CYS A 101 5.30 -38.73 -20.10
C CYS A 101 6.64 -39.44 -20.18
N PHE A 102 7.64 -38.78 -20.76
CA PHE A 102 8.99 -39.29 -20.72
C PHE A 102 9.67 -38.47 -19.65
N PRO A 103 10.25 -39.14 -18.64
CA PRO A 103 10.82 -38.44 -17.49
C PRO A 103 11.75 -37.30 -17.89
N GLY A 104 11.50 -36.15 -17.30
CA GLY A 104 12.30 -34.97 -17.61
C GLY A 104 11.88 -33.76 -16.83
N GLU A 105 12.35 -32.59 -17.25
CA GLU A 105 12.02 -31.34 -16.56
C GLU A 105 11.85 -30.21 -17.59
N VAL A 106 11.08 -29.20 -17.23
CA VAL A 106 10.99 -27.99 -18.06
C VAL A 106 11.77 -26.87 -17.36
N ASP A 107 12.78 -26.34 -18.05
CA ASP A 107 13.58 -25.22 -17.56
C ASP A 107 12.71 -24.01 -17.36
N ASN A 108 12.92 -23.31 -16.23
CA ASN A 108 12.31 -22.00 -16.00
C ASN A 108 10.80 -22.12 -16.12
N ASN A 109 10.23 -23.17 -15.50
CA ASN A 109 8.82 -23.45 -15.71
C ASN A 109 7.88 -22.59 -14.86
N GLY A 110 8.41 -21.96 -13.82
CA GLY A 110 7.62 -21.01 -13.06
C GLY A 110 7.27 -19.81 -13.94
N GLU A 111 8.28 -19.27 -14.60
CA GLU A 111 8.10 -18.14 -15.50
C GLU A 111 7.13 -18.48 -16.63
N LEU A 112 7.29 -19.69 -17.19
CA LEU A 112 6.42 -20.18 -18.26
C LEU A 112 4.98 -20.30 -17.80
N ARG A 113 4.78 -20.90 -16.63
CA ARG A 113 3.47 -20.94 -16.01
C ARG A 113 2.88 -19.53 -15.88
N HIS A 114 3.72 -18.57 -15.49
CA HIS A 114 3.23 -17.23 -15.22
C HIS A 114 2.77 -16.57 -16.52
N LEU A 115 3.50 -16.78 -17.59
CA LEU A 115 3.13 -16.13 -18.84
C LEU A 115 1.92 -16.81 -19.46
N PHE A 116 1.70 -18.07 -19.13
CA PHE A 116 0.60 -18.82 -19.74
C PHE A 116 -0.61 -18.99 -18.83
N SER A 117 -0.62 -18.27 -17.71
CA SER A 117 -1.72 -18.35 -16.75
C SER A 117 -3.02 -17.93 -17.40
N GLY A 118 -2.93 -16.95 -18.29
CA GLY A 118 -4.06 -16.58 -19.11
C GLY A 118 -3.60 -15.86 -20.36
N VAL A 119 -4.16 -16.24 -21.51
CA VAL A 119 -3.78 -15.59 -22.77
C VAL A 119 -4.98 -15.34 -23.69
N ASN A 120 -5.07 -14.11 -24.15
CA ASN A 120 -6.30 -13.64 -24.76
C ASN A 120 -6.42 -13.99 -26.23
N SER A 121 -5.28 -14.28 -26.85
CA SER A 121 -5.26 -14.72 -28.24
C SER A 121 -4.13 -15.74 -28.35
N PHE A 122 -4.47 -16.95 -28.81
CA PHE A 122 -3.55 -18.09 -28.81
C PHE A 122 -3.76 -18.88 -30.08
N SER A 123 -2.66 -19.26 -30.73
CA SER A 123 -2.78 -20.06 -31.93
C SER A 123 -1.59 -20.97 -32.06
N ARG A 124 -1.81 -22.28 -32.07
CA ARG A 124 -0.69 -23.19 -32.31
C ARG A 124 -0.28 -23.02 -33.76
N THR A 125 1.02 -23.15 -34.03
CA THR A 125 1.53 -22.97 -35.38
C THR A 125 2.69 -23.93 -35.61
N GLU A 126 2.77 -24.51 -36.81
CA GLU A 126 3.91 -25.34 -37.17
C GLU A 126 5.10 -24.50 -37.63
N LEU A 127 6.18 -24.56 -36.84
CA LEU A 127 7.35 -23.71 -37.03
C LEU A 127 8.25 -24.23 -38.15
N ILE A 128 8.56 -25.51 -38.08
CA ILE A 128 9.54 -26.16 -38.97
C ILE A 128 9.01 -27.54 -39.26
N PRO A 129 8.90 -27.90 -40.55
CA PRO A 129 8.45 -29.25 -40.90
C PRO A 129 9.47 -30.28 -40.50
N PRO A 130 9.01 -31.47 -40.07
CA PRO A 130 9.91 -32.60 -39.75
C PRO A 130 10.89 -32.91 -40.89
N SER A 131 10.38 -32.81 -42.11
CA SER A 131 11.17 -33.06 -43.31
C SER A 131 12.46 -32.24 -43.34
N LYS A 132 12.43 -31.07 -42.70
CA LYS A 132 13.56 -30.15 -42.74
C LYS A 132 14.82 -30.71 -42.07
N TRP A 133 14.65 -31.59 -41.08
CA TRP A 133 15.86 -32.07 -40.37
C TRP A 133 16.72 -33.10 -41.14
N GLY A 134 16.25 -33.55 -42.30
CA GLY A 134 17.09 -34.34 -43.17
C GLY A 134 17.00 -35.84 -42.99
N ASP A 135 18.10 -36.55 -43.27
CA ASP A 135 18.10 -38.01 -43.25
C ASP A 135 18.15 -38.56 -41.83
N ILE A 136 17.09 -38.28 -41.08
CA ILE A 136 16.95 -38.61 -39.68
C ILE A 136 15.68 -39.47 -39.54
N LEU A 137 15.53 -40.19 -38.43
CA LEU A 137 14.23 -40.78 -38.10
C LEU A 137 13.63 -40.12 -36.85
N GLU A 138 12.35 -40.38 -36.60
CA GLU A 138 11.67 -39.82 -35.45
C GLU A 138 11.50 -40.90 -34.38
N GLY A 139 12.07 -40.67 -33.21
CA GLY A 139 11.99 -41.65 -32.14
C GLY A 139 10.63 -41.65 -31.50
N THR A 140 10.11 -42.83 -31.18
CA THR A 140 8.88 -42.90 -30.43
C THR A 140 9.11 -43.73 -29.18
N THR A 141 8.16 -43.67 -28.26
CA THR A 141 8.30 -44.36 -26.98
C THR A 141 6.95 -44.78 -26.40
N ALA A 142 7.00 -45.89 -25.66
CA ALA A 142 5.82 -46.42 -25.00
C ALA A 142 5.50 -45.58 -23.77
N SER A 143 6.45 -44.74 -23.35
CA SER A 143 6.22 -43.80 -22.27
C SER A 143 5.20 -42.73 -22.69
N CYS A 144 5.15 -42.43 -23.97
CA CYS A 144 4.30 -41.36 -24.48
C CYS A 144 3.35 -41.91 -25.51
N GLN A 145 2.32 -42.62 -25.08
CA GLN A 145 1.49 -43.32 -26.05
C GLN A 145 0.34 -42.51 -26.58
N ASN A 146 0.01 -42.78 -27.85
CA ASN A 146 -1.14 -42.18 -28.49
C ASN A 146 -2.08 -43.31 -28.83
N ARG A 147 -3.05 -43.59 -27.96
CA ARG A 147 -4.04 -44.64 -28.20
C ARG A 147 -3.40 -46.02 -28.32
N GLY A 148 -2.49 -46.33 -27.41
CA GLY A 148 -1.77 -47.58 -27.49
C GLY A 148 -0.56 -47.55 -28.40
N ALA A 149 -0.49 -46.56 -29.30
CA ALA A 149 0.63 -46.47 -30.21
C ALA A 149 1.80 -45.72 -29.57
N ASN A 150 3.01 -46.27 -29.65
CA ASN A 150 4.19 -45.57 -29.15
C ASN A 150 4.26 -44.24 -29.88
N SER A 151 4.47 -43.16 -29.14
CA SER A 151 4.45 -41.84 -29.78
C SER A 151 5.49 -40.89 -29.14
N PHE A 152 5.18 -39.60 -29.08
CA PHE A 152 6.07 -38.62 -28.45
C PHE A 152 5.29 -37.33 -28.29
N TYR A 153 5.87 -36.33 -27.61
CA TYR A 153 5.17 -35.07 -27.42
C TYR A 153 4.79 -34.52 -28.79
N ARG A 154 3.61 -33.93 -28.88
CA ARG A 154 3.11 -33.38 -30.13
C ARG A 154 4.00 -32.26 -30.65
N ASN A 155 4.54 -31.46 -29.73
CA ASN A 155 5.22 -30.23 -30.10
C ASN A 155 6.66 -30.41 -30.51
N LEU A 156 7.22 -31.59 -30.22
CA LEU A 156 8.63 -31.87 -30.46
C LEU A 156 8.86 -33.10 -31.35
N ILE A 157 10.04 -33.20 -31.92
CA ILE A 157 10.42 -34.40 -32.64
C ILE A 157 11.73 -34.97 -32.11
N TRP A 158 11.69 -36.22 -31.68
CA TRP A 158 12.87 -36.88 -31.15
C TRP A 158 13.77 -37.39 -32.28
N LEU A 159 14.76 -36.57 -32.65
CA LEU A 159 15.60 -36.94 -33.78
C LEU A 159 16.57 -38.08 -33.43
N VAL A 160 16.49 -39.18 -34.18
CA VAL A 160 17.42 -40.28 -33.99
C VAL A 160 17.99 -40.76 -35.32
N ASN A 161 19.00 -41.61 -35.25
CA ASN A 161 19.70 -42.07 -36.43
C ASN A 161 18.80 -42.72 -37.47
N LYS A 162 19.25 -42.69 -38.71
CA LYS A 162 18.61 -43.47 -39.77
C LYS A 162 19.71 -44.34 -40.35
N LEU A 163 19.48 -45.66 -40.34
CA LEU A 163 20.46 -46.63 -40.84
C LEU A 163 21.82 -46.38 -40.19
N ASN A 164 21.79 -46.06 -38.90
CA ASN A 164 23.00 -45.84 -38.11
C ASN A 164 23.89 -44.72 -38.60
N LYS A 165 23.28 -43.71 -39.21
CA LYS A 165 23.96 -42.45 -39.48
C LYS A 165 23.07 -41.34 -38.95
N TYR A 166 23.69 -40.29 -38.42
CA TYR A 166 22.97 -39.10 -37.96
C TYR A 166 23.71 -37.91 -38.56
N PRO A 167 23.24 -37.42 -39.72
CA PRO A 167 23.99 -36.27 -40.24
C PRO A 167 23.67 -35.05 -39.41
N VAL A 168 24.52 -34.03 -39.45
CA VAL A 168 24.21 -32.78 -38.78
C VAL A 168 22.84 -32.27 -39.23
N VAL A 169 21.96 -31.98 -38.28
CA VAL A 169 20.62 -31.50 -38.61
C VAL A 169 20.54 -30.01 -38.38
N LYS A 170 19.83 -29.33 -39.27
CA LYS A 170 19.67 -27.88 -39.15
C LYS A 170 18.26 -27.42 -39.46
N GLY A 171 17.79 -26.41 -38.72
CA GLY A 171 16.46 -25.84 -38.95
C GLY A 171 16.33 -24.46 -38.34
N GLU A 172 15.48 -23.62 -38.91
CA GLU A 172 15.38 -22.25 -38.43
C GLU A 172 13.94 -21.73 -38.50
N TYR A 173 13.64 -20.75 -37.66
CA TYR A 173 12.33 -20.08 -37.70
C TYR A 173 12.46 -18.57 -37.53
N ASN A 174 11.89 -17.85 -38.49
CA ASN A 174 11.84 -16.39 -38.45
C ASN A 174 10.47 -15.93 -37.93
N ASN A 175 10.42 -15.18 -36.81
CA ASN A 175 9.12 -14.70 -36.35
C ASN A 175 8.64 -13.52 -37.20
N THR A 176 7.83 -13.82 -38.20
CA THR A 176 7.28 -12.80 -39.07
C THR A 176 5.79 -12.60 -38.80
N THR A 177 5.32 -13.01 -37.62
CA THR A 177 3.87 -13.01 -37.34
C THR A 177 3.29 -11.69 -36.82
N GLY A 178 4.16 -10.73 -36.49
CA GLY A 178 3.71 -9.49 -35.87
C GLY A 178 3.33 -9.71 -34.41
N ARG A 179 3.47 -10.95 -33.96
CA ARG A 179 3.06 -11.36 -32.62
C ARG A 179 4.22 -12.06 -31.92
N ASP A 180 4.09 -12.25 -30.61
CA ASP A 180 5.05 -13.05 -29.86
C ASP A 180 4.83 -14.53 -30.14
N VAL A 181 5.93 -15.29 -30.24
CA VAL A 181 5.88 -16.72 -30.59
C VAL A 181 6.67 -17.57 -29.59
N LEU A 182 6.00 -18.51 -28.92
CA LEU A 182 6.68 -19.38 -27.97
C LEU A 182 7.25 -20.58 -28.71
N VAL A 183 8.55 -20.78 -28.58
CA VAL A 183 9.24 -21.92 -29.21
C VAL A 183 9.77 -22.84 -28.12
N LEU A 184 9.45 -24.14 -28.23
CA LEU A 184 9.92 -25.16 -27.29
C LEU A 184 10.94 -26.06 -27.98
N TRP A 185 12.00 -26.45 -27.26
CA TRP A 185 12.90 -27.48 -27.76
C TRP A 185 13.37 -28.32 -26.59
N GLY A 186 14.13 -29.37 -26.84
CA GLY A 186 14.68 -30.14 -25.73
C GLY A 186 15.96 -30.87 -26.08
N ILE A 187 16.55 -31.51 -25.05
CA ILE A 187 17.74 -32.33 -25.19
C ILE A 187 17.45 -33.65 -24.46
N HIS A 188 17.70 -34.77 -25.15
CA HIS A 188 17.60 -36.09 -24.53
C HIS A 188 18.96 -36.52 -24.03
N HIS A 189 19.01 -36.92 -22.76
CA HIS A 189 20.25 -37.29 -22.10
C HIS A 189 20.16 -38.76 -21.76
N PRO A 190 20.91 -39.60 -22.52
CA PRO A 190 20.94 -41.05 -22.38
C PRO A 190 21.47 -41.49 -21.03
N ASP A 191 21.07 -42.68 -20.57
CA ASP A 191 21.56 -43.21 -19.30
C ASP A 191 22.96 -43.78 -19.44
N THR A 192 23.36 -44.12 -20.67
CA THR A 192 24.67 -44.76 -20.90
C THR A 192 25.30 -44.24 -22.18
N GLU A 193 26.61 -44.36 -22.30
CA GLU A 193 27.28 -44.01 -23.54
C GLU A 193 26.81 -44.94 -24.65
N ALA A 194 26.52 -46.20 -24.29
CA ALA A 194 25.99 -47.17 -25.24
C ALA A 194 24.73 -46.69 -25.95
N THR A 195 23.79 -46.14 -25.18
CA THR A 195 22.54 -45.60 -25.72
C THR A 195 22.79 -44.32 -26.54
N ALA A 196 23.69 -43.47 -26.06
CA ALA A 196 24.05 -42.26 -26.80
C ALA A 196 24.55 -42.63 -28.19
N ASN A 197 25.48 -43.59 -28.26
CA ASN A 197 26.01 -44.06 -29.54
C ASN A 197 24.95 -44.74 -30.40
N LYS A 198 24.09 -45.53 -29.76
CA LYS A 198 23.00 -46.18 -30.47
C LYS A 198 22.10 -45.19 -31.19
N LEU A 199 21.57 -44.23 -30.42
CA LEU A 199 20.63 -43.26 -30.95
C LEU A 199 21.25 -42.23 -31.89
N TYR A 200 22.41 -41.71 -31.52
CA TYR A 200 22.98 -40.51 -32.16
C TYR A 200 24.26 -40.72 -32.96
N VAL A 201 24.90 -41.88 -32.78
CA VAL A 201 26.07 -42.32 -33.57
C VAL A 201 27.33 -41.48 -33.37
N ASN A 202 27.23 -40.17 -33.57
CA ASN A 202 28.38 -39.28 -33.52
C ASN A 202 28.99 -39.20 -32.12
N LYS A 203 30.30 -39.08 -32.03
CA LYS A 203 30.95 -38.96 -30.74
C LYS A 203 30.84 -37.53 -30.24
N ASN A 204 30.59 -37.38 -28.94
CA ASN A 204 30.40 -36.07 -28.32
C ASN A 204 29.38 -35.21 -29.06
N PRO A 205 28.14 -35.69 -29.20
CA PRO A 205 27.18 -34.86 -29.94
C PRO A 205 26.80 -33.58 -29.18
N TYR A 206 26.46 -32.54 -29.95
CA TYR A 206 26.17 -31.22 -29.41
C TYR A 206 24.92 -30.70 -30.10
N THR A 207 24.28 -29.73 -29.46
CA THR A 207 23.15 -29.00 -30.02
C THR A 207 23.43 -27.53 -29.79
N LEU A 208 23.19 -26.71 -30.81
CA LEU A 208 23.42 -25.29 -30.69
C LEU A 208 22.14 -24.62 -31.10
N VAL A 209 21.64 -23.76 -30.22
CA VAL A 209 20.41 -23.00 -30.46
C VAL A 209 20.73 -21.52 -30.26
N SER A 210 20.42 -20.70 -31.26
CA SER A 210 20.74 -19.27 -31.14
C SER A 210 19.68 -18.34 -31.72
N THR A 211 19.54 -17.16 -31.13
CA THR A 211 18.88 -16.06 -31.82
C THR A 211 19.95 -15.02 -32.13
N LYS A 212 19.55 -13.86 -32.64
CA LYS A 212 20.50 -12.78 -32.80
C LYS A 212 20.85 -12.14 -31.47
N GLU A 213 20.15 -12.54 -30.41
CA GLU A 213 20.34 -11.96 -29.09
C GLU A 213 21.03 -12.89 -28.10
N TRP A 214 20.90 -14.19 -28.27
CA TRP A 214 21.57 -15.11 -27.34
C TRP A 214 21.95 -16.42 -28.02
N SER A 215 22.81 -17.18 -27.37
CA SER A 215 23.22 -18.46 -27.94
C SER A 215 23.51 -19.46 -26.82
N ARG A 216 23.09 -20.71 -27.03
CA ARG A 216 23.28 -21.78 -26.04
C ARG A 216 23.78 -23.02 -26.74
N ARG A 217 24.71 -23.71 -26.09
CA ARG A 217 25.22 -24.96 -26.61
C ARG A 217 24.98 -26.06 -25.57
N TYR A 218 24.59 -27.26 -26.03
CA TYR A 218 24.15 -28.35 -25.16
C TYR A 218 24.88 -29.63 -25.51
N GLU A 219 25.56 -30.21 -24.53
CA GLU A 219 26.14 -31.53 -24.68
C GLU A 219 25.34 -32.53 -23.82
N LEU A 220 25.59 -33.82 -24.01
CA LEU A 220 24.84 -34.85 -23.33
C LEU A 220 25.39 -35.03 -21.91
N GLU A 221 24.49 -35.21 -20.95
CA GLU A 221 24.85 -35.48 -19.57
C GLU A 221 24.42 -36.91 -19.26
N ILE A 222 25.37 -37.83 -19.31
CA ILE A 222 25.08 -39.26 -19.31
C ILE A 222 24.94 -39.84 -17.91
N GLY A 223 23.90 -40.64 -17.69
CA GLY A 223 23.75 -41.34 -16.43
C GLY A 223 22.33 -41.73 -16.10
N THR A 224 22.18 -42.57 -15.08
CA THR A 224 20.87 -43.07 -14.69
C THR A 224 20.05 -42.11 -13.84
N ARG A 225 18.79 -41.89 -14.24
CA ARG A 225 17.86 -41.07 -13.50
C ARG A 225 16.79 -41.98 -12.90
N ILE A 226 15.88 -41.40 -12.13
CA ILE A 226 14.90 -42.23 -11.42
C ILE A 226 13.46 -41.95 -11.77
N GLY A 227 13.22 -41.35 -12.94
CA GLY A 227 11.86 -41.17 -13.42
C GLY A 227 11.19 -42.50 -13.73
N ASP A 228 9.86 -42.53 -13.70
CA ASP A 228 9.14 -43.77 -13.95
C ASP A 228 9.30 -44.27 -15.38
N GLY A 229 9.70 -45.53 -15.54
CA GLY A 229 9.63 -46.19 -16.84
C GLY A 229 10.76 -45.92 -17.81
N GLN A 230 11.66 -45.00 -17.43
CA GLN A 230 12.89 -44.77 -18.20
C GLN A 230 14.06 -44.48 -17.27
N ARG A 231 15.26 -44.83 -17.71
CA ARG A 231 16.48 -44.48 -16.98
C ARG A 231 17.19 -43.24 -17.53
N SER A 232 16.83 -42.81 -18.72
CA SER A 232 17.40 -41.58 -19.25
C SER A 232 16.52 -40.38 -18.87
N TRP A 233 16.81 -39.21 -19.43
CA TRP A 233 16.20 -37.98 -18.92
C TRP A 233 16.04 -36.96 -20.04
N MET A 234 15.00 -36.13 -19.98
CA MET A 234 14.87 -35.09 -21.00
C MET A 234 14.83 -33.70 -20.36
N LYS A 235 15.55 -32.75 -20.94
CA LYS A 235 15.45 -31.37 -20.47
C LYS A 235 14.79 -30.53 -21.57
N ILE A 236 13.71 -29.83 -21.20
CA ILE A 236 12.93 -29.03 -22.16
C ILE A 236 13.22 -27.56 -21.89
N TYR A 237 13.48 -26.82 -22.97
CA TYR A 237 13.74 -25.39 -22.91
C TYR A 237 12.72 -24.61 -23.73
N TRP A 238 12.63 -23.31 -23.49
CA TRP A 238 11.70 -22.46 -24.23
C TRP A 238 12.21 -21.04 -24.37
N HIS A 239 11.70 -20.37 -25.40
CA HIS A 239 11.95 -18.95 -25.54
C HIS A 239 10.76 -18.27 -26.20
N LEU A 240 10.39 -17.12 -25.66
CA LEU A 240 9.34 -16.28 -26.24
C LEU A 240 9.97 -15.28 -27.21
N MET A 241 9.80 -15.52 -28.50
CA MET A 241 10.36 -14.66 -29.54
C MET A 241 9.46 -13.44 -29.76
N HIS A 242 10.06 -12.26 -29.73
CA HIS A 242 9.35 -11.06 -30.14
C HIS A 242 9.34 -10.98 -31.67
N PRO A 243 8.42 -10.18 -32.24
CA PRO A 243 8.42 -10.01 -33.70
C PRO A 243 9.79 -9.55 -34.19
N GLY A 244 10.21 -10.08 -35.32
CA GLY A 244 11.49 -9.73 -35.91
C GLY A 244 12.61 -10.66 -35.48
N GLU A 245 12.41 -11.40 -34.40
CA GLU A 245 13.43 -12.32 -33.93
C GLU A 245 13.59 -13.50 -34.88
N ARG A 246 14.74 -14.16 -34.75
CA ARG A 246 15.09 -15.26 -35.60
C ARG A 246 15.76 -16.31 -34.71
N ILE A 247 15.45 -17.57 -34.92
CA ILE A 247 16.06 -18.62 -34.09
C ILE A 247 16.54 -19.80 -34.93
N THR A 248 17.73 -20.32 -34.62
CA THR A 248 18.34 -21.42 -35.35
C THR A 248 18.70 -22.59 -34.45
N PHE A 249 18.63 -23.78 -35.05
CA PHE A 249 18.85 -25.07 -34.40
C PHE A 249 19.82 -25.91 -35.23
N GLU A 250 20.84 -26.44 -34.56
CA GLU A 250 21.77 -27.36 -35.20
C GLU A 250 22.09 -28.48 -34.22
N SER A 251 22.23 -29.71 -34.70
CA SER A 251 22.58 -30.81 -33.78
C SER A 251 23.32 -31.95 -34.46
N SER A 252 24.23 -32.57 -33.71
CA SER A 252 24.79 -33.85 -34.12
C SER A 252 24.23 -34.99 -33.25
N GLY A 253 23.25 -34.69 -32.42
CA GLY A 253 22.62 -35.70 -31.58
C GLY A 253 22.14 -35.15 -30.25
N GLY A 254 20.93 -35.53 -29.84
CA GLY A 254 20.37 -35.09 -28.58
C GLY A 254 19.23 -34.09 -28.68
N LEU A 255 19.18 -33.34 -29.78
CA LEU A 255 18.10 -32.37 -29.94
C LEU A 255 16.72 -32.99 -30.02
N LEU A 256 15.79 -32.48 -29.22
CA LEU A 256 14.37 -32.71 -29.39
C LEU A 256 13.86 -31.48 -30.14
N ALA A 257 13.70 -31.65 -31.45
CA ALA A 257 13.55 -30.54 -32.39
C ALA A 257 12.18 -29.89 -32.28
N PRO A 258 12.15 -28.55 -32.38
CA PRO A 258 10.86 -27.89 -32.30
C PRO A 258 10.03 -28.26 -33.53
N ARG A 259 8.75 -28.51 -33.34
CA ARG A 259 7.83 -28.57 -34.47
C ARG A 259 6.71 -27.55 -34.32
N TYR A 260 5.99 -27.63 -33.21
CA TYR A 260 4.89 -26.72 -32.97
C TYR A 260 5.27 -25.69 -31.92
N GLY A 261 4.88 -24.44 -32.18
CA GLY A 261 5.01 -23.35 -31.23
C GLY A 261 3.69 -22.63 -31.07
N TYR A 262 3.67 -21.53 -30.32
CA TYR A 262 2.41 -20.85 -30.01
C TYR A 262 2.47 -19.36 -30.25
N ILE A 263 1.58 -18.85 -31.08
CA ILE A 263 1.47 -17.43 -31.35
C ILE A 263 0.55 -16.83 -30.30
N ILE A 264 1.06 -15.89 -29.52
CA ILE A 264 0.28 -15.36 -28.41
C ILE A 264 0.29 -13.84 -28.33
N GLU A 265 -0.77 -13.31 -27.74
CA GLU A 265 -0.92 -11.87 -27.58
C GLU A 265 -1.71 -11.68 -26.30
N LYS A 266 -1.40 -10.63 -25.56
CA LYS A 266 -2.08 -10.35 -24.29
C LYS A 266 -2.09 -11.54 -23.32
N TYR A 267 -0.92 -11.85 -22.78
CA TYR A 267 -0.75 -13.02 -21.92
C TYR A 267 -0.33 -12.58 -20.51
N GLY A 268 -0.14 -13.55 -19.61
CA GLY A 268 0.22 -13.26 -18.23
C GLY A 268 -0.92 -12.59 -17.50
N THR A 269 -2.14 -12.82 -17.98
CA THR A 269 -3.30 -12.10 -17.48
C THR A 269 -4.16 -12.93 -16.55
N GLY A 270 -3.83 -14.21 -16.41
CA GLY A 270 -4.68 -15.13 -15.67
C GLY A 270 -4.17 -15.60 -14.33
N ARG A 271 -4.48 -16.86 -14.02
CA ARG A 271 -4.13 -17.47 -12.75
C ARG A 271 -4.25 -18.98 -12.95
N ILE A 272 -3.43 -19.75 -12.25
CA ILE A 272 -3.60 -21.20 -12.26
C ILE A 272 -4.30 -21.61 -10.96
N PHE A 273 -5.61 -21.88 -11.05
CA PHE A 273 -6.37 -22.30 -9.89
C PHE A 273 -6.26 -23.82 -9.70
N GLN A 274 -6.57 -24.27 -8.50
CA GLN A 274 -6.51 -25.68 -8.15
C GLN A 274 -7.85 -26.40 -8.43
N SER A 275 -7.75 -27.64 -8.94
CA SER A 275 -8.92 -28.47 -9.20
C SER A 275 -9.62 -28.87 -7.92
N GLY A 276 -10.86 -29.33 -8.06
CA GLY A 276 -11.71 -29.65 -6.92
C GLY A 276 -13.06 -28.93 -7.02
N VAL A 277 -13.04 -27.62 -6.86
CA VAL A 277 -14.20 -26.80 -7.17
C VAL A 277 -14.59 -27.09 -8.61
N ARG A 278 -15.89 -27.28 -8.87
CA ARG A 278 -16.38 -27.65 -10.21
C ARG A 278 -16.40 -26.49 -11.20
N LEU A 279 -16.03 -26.78 -12.44
CA LEU A 279 -16.25 -25.86 -13.55
C LEU A 279 -17.74 -25.89 -13.94
N ALA A 280 -18.40 -24.74 -13.96
CA ALA A 280 -19.81 -24.69 -14.34
C ALA A 280 -20.04 -23.81 -15.55
N LYS A 281 -21.24 -23.89 -16.12
CA LYS A 281 -21.60 -23.01 -17.22
C LYS A 281 -22.19 -21.70 -16.66
N CYS A 282 -21.31 -20.76 -16.35
CA CYS A 282 -21.70 -19.49 -15.76
C CYS A 282 -20.65 -18.48 -16.19
N ASN A 283 -20.96 -17.20 -16.02
CA ASN A 283 -20.03 -16.14 -16.34
C ASN A 283 -20.00 -15.13 -15.19
N THR A 284 -18.80 -14.71 -14.78
CA THR A 284 -18.68 -13.72 -13.71
C THR A 284 -17.61 -12.73 -14.12
N LYS A 285 -17.53 -11.60 -13.44
CA LYS A 285 -16.46 -10.65 -13.72
C LYS A 285 -15.27 -10.79 -12.78
N CYS A 286 -15.40 -11.65 -11.76
CA CYS A 286 -14.32 -11.90 -10.82
C CYS A 286 -14.29 -13.37 -10.39
N GLN A 287 -13.22 -14.09 -10.71
CA GLN A 287 -13.10 -15.49 -10.27
C GLN A 287 -12.15 -15.64 -9.08
N THR A 288 -12.60 -16.34 -8.03
CA THR A 288 -11.74 -16.64 -6.89
C THR A 288 -11.64 -18.15 -6.77
N SER A 289 -10.75 -18.64 -5.90
CA SER A 289 -10.59 -20.09 -5.77
C SER A 289 -11.82 -20.75 -5.14
N MET A 290 -12.71 -19.93 -4.59
CA MET A 290 -13.91 -20.42 -3.92
C MET A 290 -15.12 -20.40 -4.85
N GLY A 291 -15.14 -19.48 -5.80
CA GLY A 291 -16.28 -19.34 -6.71
C GLY A 291 -16.21 -18.00 -7.41
N GLY A 292 -17.07 -17.79 -8.41
CA GLY A 292 -17.13 -16.53 -9.12
C GLY A 292 -17.93 -15.48 -8.36
N ILE A 293 -17.54 -14.22 -8.50
CA ILE A 293 -18.25 -13.13 -7.80
C ILE A 293 -18.86 -12.16 -8.80
N ASN A 294 -20.16 -11.91 -8.66
CA ASN A 294 -20.86 -10.97 -9.53
C ASN A 294 -21.53 -9.92 -8.66
N THR A 295 -20.92 -8.76 -8.53
CA THR A 295 -21.41 -7.78 -7.60
C THR A 295 -20.99 -6.38 -8.03
N ASN A 296 -21.68 -5.37 -7.50
CA ASN A 296 -21.23 -4.00 -7.67
C ASN A 296 -20.57 -3.47 -6.40
N LYS A 297 -20.59 -4.28 -5.35
CA LYS A 297 -19.85 -3.98 -4.12
C LYS A 297 -18.36 -3.85 -4.40
N THR A 298 -17.67 -2.99 -3.67
CA THR A 298 -16.25 -2.79 -3.94
C THR A 298 -15.34 -3.53 -2.97
N PHE A 299 -15.93 -4.30 -2.06
CA PHE A 299 -15.17 -5.15 -1.15
C PHE A 299 -15.70 -6.58 -1.13
N GLN A 300 -14.79 -7.55 -0.96
CA GLN A 300 -15.19 -8.94 -0.71
C GLN A 300 -14.35 -9.53 0.44
N ASN A 301 -14.93 -10.47 1.19
CA ASN A 301 -14.19 -11.10 2.31
C ASN A 301 -14.20 -12.61 2.17
N ILE A 302 -14.43 -13.05 0.94
CA ILE A 302 -14.58 -14.45 0.61
C ILE A 302 -13.24 -15.17 0.44
N GLU A 303 -12.37 -14.58 -0.38
CA GLU A 303 -11.16 -15.27 -0.80
C GLU A 303 -10.09 -14.32 -1.37
N ARG A 304 -8.87 -14.42 -0.84
CA ARG A 304 -7.78 -13.52 -1.24
C ARG A 304 -7.23 -13.85 -2.62
N ASN A 305 -7.34 -15.10 -3.02
CA ASN A 305 -6.89 -15.54 -4.34
C ASN A 305 -7.98 -15.20 -5.34
N ALA A 306 -7.89 -14.01 -5.93
CA ALA A 306 -8.96 -13.49 -6.80
C ALA A 306 -8.41 -12.94 -8.10
N LEU A 307 -9.22 -12.99 -9.16
CA LEU A 307 -8.76 -12.64 -10.50
C LEU A 307 -9.83 -11.93 -11.31
N GLY A 308 -9.49 -10.81 -11.95
CA GLY A 308 -10.40 -10.16 -12.87
C GLY A 308 -10.85 -8.79 -12.39
N ASP A 309 -12.08 -8.43 -12.73
CA ASP A 309 -12.65 -7.14 -12.34
C ASP A 309 -13.24 -7.33 -10.95
N CYS A 310 -12.38 -7.27 -9.93
CA CYS A 310 -12.77 -7.72 -8.58
C CYS A 310 -13.02 -6.61 -7.56
N PRO A 311 -13.89 -6.90 -6.58
CA PRO A 311 -13.90 -6.03 -5.40
C PRO A 311 -12.60 -6.31 -4.64
N LYS A 312 -12.17 -5.41 -3.78
CA LYS A 312 -10.92 -5.62 -3.03
C LYS A 312 -11.12 -6.63 -1.90
N TYR A 313 -10.25 -7.63 -1.80
CA TYR A 313 -10.33 -8.54 -0.67
C TYR A 313 -9.97 -7.77 0.58
N ILE A 314 -10.80 -7.89 1.61
CA ILE A 314 -10.42 -7.37 2.92
C ILE A 314 -10.61 -8.41 4.04
N LYS A 315 -9.81 -8.27 5.09
CA LYS A 315 -9.94 -9.12 6.27
C LYS A 315 -10.94 -8.51 7.20
N SER A 316 -12.21 -8.86 7.05
CA SER A 316 -13.27 -8.15 7.74
C SER A 316 -14.56 -8.96 7.72
N GLY A 317 -15.45 -8.65 8.65
CA GLY A 317 -16.82 -9.10 8.55
C GLY A 317 -17.56 -8.17 7.63
N GLN A 318 -18.88 -8.22 7.65
CA GLN A 318 -19.68 -7.31 6.84
C GLN A 318 -19.48 -5.88 7.32
N LEU A 319 -19.53 -4.91 6.41
CA LEU A 319 -19.47 -3.50 6.80
C LEU A 319 -20.75 -2.81 6.40
N LYS A 320 -21.60 -2.51 7.38
CA LYS A 320 -22.88 -1.87 7.08
C LYS A 320 -22.78 -0.34 7.13
N LEU A 321 -23.05 0.28 5.98
CA LEU A 321 -23.02 1.73 5.81
C LEU A 321 -24.41 2.30 6.08
N ALA A 322 -24.54 3.10 7.12
CA ALA A 322 -25.83 3.73 7.44
C ALA A 322 -26.29 4.61 6.28
N THR A 323 -27.55 4.51 5.92
CA THR A 323 -28.11 5.41 4.92
C THR A 323 -29.31 6.12 5.53
N GLY A 324 -29.97 5.46 6.47
CA GLY A 324 -31.23 5.91 7.00
C GLY A 324 -31.13 6.72 8.28
N LEU A 325 -32.26 6.87 8.97
CA LEU A 325 -32.37 7.72 10.16
C LEU A 325 -32.15 6.99 11.48
N ARG A 326 -31.56 7.68 12.45
CA ARG A 326 -31.58 7.23 13.85
C ARG A 326 -32.85 7.77 14.51
N ASN A 327 -33.96 7.03 14.38
CA ASN A 327 -35.26 7.49 14.92
C ASN A 327 -35.67 6.58 16.08
N VAL A 328 -34.96 6.74 17.19
CA VAL A 328 -35.11 5.87 18.34
C VAL A 328 -35.82 6.62 19.48
N PRO A 329 -36.40 5.88 20.44
CA PRO A 329 -37.11 6.53 21.56
C PRO A 329 -36.32 7.61 22.31
N SER A 330 -35.00 7.59 22.23
CA SER A 330 -34.18 8.47 23.07
C SER A 330 -33.72 9.78 22.42
N ILE A 331 -34.12 10.02 21.18
CA ILE A 331 -33.70 11.25 20.50
C ILE A 331 -34.29 12.50 21.17
N GLY A 332 -35.36 12.33 21.92
CA GLY A 332 -35.95 13.41 22.68
C GLY A 332 -34.97 13.97 23.69
N GLU A 333 -34.00 13.16 24.11
CA GLU A 333 -32.99 13.62 25.06
C GLU A 333 -32.09 14.68 24.41
N ARG A 334 -32.08 14.70 23.09
CA ARG A 334 -31.28 15.67 22.35
C ARG A 334 -32.19 16.67 21.63
N GLY A 335 -33.42 16.78 22.12
CA GLY A 335 -34.35 17.79 21.64
C GLY A 335 -34.95 17.51 20.27
N LEU A 336 -34.96 16.24 19.89
CA LEU A 336 -35.43 15.87 18.56
C LEU A 336 -36.76 15.13 18.64
N PHE A 337 -37.57 15.26 17.59
CA PHE A 337 -38.86 14.59 17.55
C PHE A 337 -38.86 13.43 16.53
N GLY A 338 -39.62 12.40 16.87
CA GLY A 338 -39.74 11.27 15.98
C GLY A 338 -41.07 10.57 16.22
N ALA A 339 -41.64 10.07 15.14
CA ALA A 339 -42.88 9.31 15.16
C ALA A 339 -42.73 7.96 14.44
N ILE A 340 -43.31 6.94 15.06
CA ILE A 340 -43.29 5.59 14.50
C ILE A 340 -44.64 5.23 13.90
N ALA A 341 -44.66 4.93 12.61
CA ALA A 341 -45.90 4.55 11.93
C ALA A 341 -45.66 3.41 10.96
N GLY A 342 -46.61 2.48 10.87
CA GLY A 342 -46.53 1.40 9.91
C GLY A 342 -46.96 1.87 8.53
N PHE A 343 -47.86 2.86 8.51
CA PHE A 343 -48.40 3.39 7.25
C PHE A 343 -48.21 4.89 7.06
N ILE A 344 -47.99 5.28 5.81
CA ILE A 344 -48.11 6.67 5.38
C ILE A 344 -48.46 6.66 3.88
N GLU A 345 -49.34 7.57 3.47
CA GLU A 345 -49.76 7.67 2.08
C GLU A 345 -48.56 7.91 1.18
N GLY A 346 -48.33 6.99 0.25
CA GLY A 346 -47.18 7.06 -0.63
C GLY A 346 -46.06 6.11 -0.21
N GLY A 347 -46.09 5.69 1.06
CA GLY A 347 -45.07 4.80 1.58
C GLY A 347 -43.73 5.49 1.79
N TRP A 348 -42.77 4.75 2.34
CA TRP A 348 -41.47 5.31 2.68
C TRP A 348 -40.51 5.27 1.50
N PRO A 349 -39.75 6.37 1.27
CA PRO A 349 -38.74 6.40 0.20
C PRO A 349 -37.68 5.33 0.42
N GLY A 350 -37.20 4.76 -0.68
CA GLY A 350 -36.35 3.59 -0.64
C GLY A 350 -35.02 3.69 0.10
N LEU A 351 -34.17 4.64 -0.33
CA LEU A 351 -32.81 4.76 0.21
C LEU A 351 -32.76 5.04 1.72
N ILE A 352 -33.68 5.84 2.25
CA ILE A 352 -33.59 6.20 3.66
C ILE A 352 -34.71 5.67 4.61
N ASN A 353 -35.82 5.21 4.06
CA ASN A 353 -36.86 4.54 4.86
C ASN A 353 -37.38 5.22 6.17
N GLY A 354 -37.83 6.48 6.14
CA GLY A 354 -38.06 7.26 4.95
C GLY A 354 -38.11 8.79 5.10
N TRP A 355 -38.97 9.35 5.97
CA TRP A 355 -39.25 10.79 5.87
C TRP A 355 -38.79 11.76 6.98
N TYR A 356 -38.38 12.97 6.57
CA TYR A 356 -38.42 14.11 7.47
C TYR A 356 -39.85 14.62 7.34
N GLY A 357 -40.45 15.07 8.43
CA GLY A 357 -41.82 15.56 8.36
C GLY A 357 -42.40 16.16 9.62
N PHE A 358 -43.73 16.21 9.62
CA PHE A 358 -44.51 16.88 10.64
C PHE A 358 -45.51 15.93 11.26
N GLN A 359 -45.75 16.11 12.55
CA GLN A 359 -46.91 15.52 13.20
C GLN A 359 -47.76 16.63 13.80
N HIS A 360 -49.06 16.66 13.52
CA HIS A 360 -49.90 17.75 14.03
C HIS A 360 -51.02 17.25 14.90
N GLN A 361 -51.54 18.14 15.75
CA GLN A 361 -52.63 17.84 16.65
C GLN A 361 -53.53 19.08 16.79
N ASN A 362 -54.79 18.94 16.40
CA ASN A 362 -55.74 20.04 16.58
C ASN A 362 -57.13 19.47 16.86
N GLU A 363 -58.15 20.33 16.85
CA GLU A 363 -59.52 19.87 17.15
C GLU A 363 -60.03 18.83 16.14
N GLN A 364 -59.63 18.96 14.88
CA GLN A 364 -60.05 18.00 13.87
C GLN A 364 -59.38 16.62 13.99
N GLY A 365 -58.19 16.58 14.59
CA GLY A 365 -57.49 15.31 14.79
C GLY A 365 -55.97 15.35 14.67
N THR A 366 -55.40 14.24 14.20
CA THR A 366 -53.97 13.95 14.07
C THR A 366 -53.82 13.07 12.81
N GLY A 367 -52.69 13.08 12.09
CA GLY A 367 -51.61 14.00 12.32
C GLY A 367 -50.21 13.83 11.73
N ILE A 368 -49.96 13.03 10.70
CA ILE A 368 -48.59 13.04 10.09
C ILE A 368 -48.50 13.38 8.59
N ALA A 369 -47.44 14.09 8.21
CA ALA A 369 -47.21 14.48 6.81
C ALA A 369 -45.72 14.63 6.50
N ALA A 370 -45.30 14.13 5.35
CA ALA A 370 -43.89 14.23 4.95
C ALA A 370 -43.56 15.63 4.44
N ASP A 371 -42.32 16.07 4.68
CA ASP A 371 -41.79 17.27 4.02
C ASP A 371 -40.92 16.81 2.86
N LYS A 372 -41.47 16.88 1.65
CA LYS A 372 -40.81 16.29 0.50
C LYS A 372 -39.52 17.00 0.11
N THR A 373 -39.48 18.32 0.21
CA THR A 373 -38.31 19.07 -0.23
C THR A 373 -37.06 18.72 0.60
N SER A 374 -37.19 18.83 1.92
CA SER A 374 -36.07 18.51 2.79
C SER A 374 -35.63 17.04 2.67
N THR A 375 -36.59 16.12 2.63
CA THR A 375 -36.25 14.69 2.53
C THR A 375 -35.56 14.39 1.20
N GLN A 376 -36.04 14.98 0.11
CA GLN A 376 -35.41 14.75 -1.18
C GLN A 376 -33.99 15.33 -1.22
N LYS A 377 -33.80 16.47 -0.57
CA LYS A 377 -32.46 17.04 -0.43
C LYS A 377 -31.55 16.03 0.29
N ALA A 378 -32.06 15.45 1.36
CA ALA A 378 -31.28 14.48 2.14
C ALA A 378 -30.95 13.25 1.30
N ILE A 379 -31.94 12.77 0.55
CA ILE A 379 -31.77 11.61 -0.32
C ILE A 379 -30.69 11.89 -1.36
N ASN A 380 -30.69 13.11 -1.90
CA ASN A 380 -29.65 13.49 -2.84
C ASN A 380 -28.28 13.47 -2.19
N GLU A 381 -28.20 13.96 -0.95
CA GLU A 381 -26.94 13.94 -0.20
C GLU A 381 -26.40 12.52 0.03
N ILE A 382 -27.27 11.64 0.53
CA ILE A 382 -26.88 10.27 0.82
C ILE A 382 -26.49 9.52 -0.44
N THR A 383 -27.30 9.69 -1.49
CA THR A 383 -27.01 9.09 -2.79
C THR A 383 -25.65 9.53 -3.29
N THR A 384 -25.39 10.83 -3.15
CA THR A 384 -24.13 11.39 -3.62
C THR A 384 -22.94 10.82 -2.83
N LYS A 385 -23.12 10.70 -1.51
CA LYS A 385 -22.09 10.13 -0.64
C LYS A 385 -21.78 8.67 -1.02
N ILE A 386 -22.82 7.86 -1.13
CA ILE A 386 -22.67 6.44 -1.46
C ILE A 386 -21.98 6.27 -2.80
N ASN A 387 -22.45 7.04 -3.80
CA ASN A 387 -21.83 7.00 -5.11
C ASN A 387 -20.37 7.44 -5.11
N ASN A 388 -20.03 8.44 -4.29
CA ASN A 388 -18.61 8.79 -4.17
C ASN A 388 -17.78 7.65 -3.57
N ILE A 389 -18.25 7.12 -2.45
CA ILE A 389 -17.53 6.06 -1.75
C ILE A 389 -17.33 4.83 -2.64
N ILE A 390 -18.32 4.51 -3.46
CA ILE A 390 -18.25 3.32 -4.30
C ILE A 390 -17.57 3.57 -5.66
N GLU A 391 -18.09 4.53 -6.43
CA GLU A 391 -17.61 4.74 -7.80
C GLU A 391 -16.18 5.25 -7.89
N LYS A 392 -15.67 5.85 -6.81
CA LYS A 392 -14.29 6.35 -6.84
C LYS A 392 -13.30 5.21 -6.67
N MET A 393 -13.80 4.05 -6.28
CA MET A 393 -12.96 2.87 -6.14
C MET A 393 -12.91 2.14 -7.47
N ASN A 394 -12.23 2.76 -8.43
CA ASN A 394 -12.23 2.25 -9.80
C ASN A 394 -10.86 1.76 -10.22
N GLY A 395 -10.08 1.25 -9.25
CA GLY A 395 -8.74 0.77 -9.53
C GLY A 395 -8.69 -0.71 -9.90
N ASN A 396 -7.56 -1.35 -9.64
CA ASN A 396 -7.37 -2.78 -9.91
C ASN A 396 -7.11 -3.51 -8.61
N TYR A 397 -8.04 -4.36 -8.20
CA TYR A 397 -8.07 -4.86 -6.82
C TYR A 397 -8.02 -6.37 -6.71
N ASP A 398 -7.84 -7.06 -7.83
CA ASP A 398 -7.61 -8.50 -7.72
C ASP A 398 -6.25 -8.79 -7.08
N SER A 399 -5.97 -10.07 -6.82
CA SER A 399 -4.76 -10.42 -6.10
C SER A 399 -3.46 -10.00 -6.80
N ILE A 400 -2.52 -9.49 -6.01
CA ILE A 400 -1.16 -9.28 -6.49
C ILE A 400 -0.47 -10.60 -6.31
N ARG A 401 -0.33 -11.36 -7.38
CA ARG A 401 0.33 -12.65 -7.28
C ARG A 401 0.90 -13.14 -8.61
N GLY A 402 1.69 -14.19 -8.54
CA GLY A 402 2.27 -14.76 -9.74
C GLY A 402 2.31 -16.27 -9.65
N GLU A 403 2.74 -16.90 -10.73
CA GLU A 403 2.97 -18.34 -10.71
C GLU A 403 4.45 -18.57 -10.47
N PHE A 404 4.74 -19.51 -9.59
CA PHE A 404 6.11 -19.78 -9.18
C PHE A 404 6.28 -21.28 -9.02
N ASN A 405 7.47 -21.78 -9.32
CA ASN A 405 7.76 -23.20 -9.11
C ASN A 405 8.33 -23.44 -7.71
N GLN A 406 8.82 -24.65 -7.45
CA GLN A 406 9.16 -25.00 -6.06
C GLN A 406 10.52 -24.50 -5.58
N VAL A 407 11.35 -24.02 -6.49
CA VAL A 407 12.67 -23.49 -6.14
C VAL A 407 12.59 -21.94 -6.06
N GLU A 408 11.39 -21.40 -6.23
CA GLU A 408 11.22 -19.97 -6.24
C GLU A 408 10.50 -19.48 -4.98
N LYS A 409 10.85 -20.07 -3.83
CA LYS A 409 10.15 -19.80 -2.57
C LYS A 409 10.20 -18.35 -2.10
N ARG A 410 11.40 -17.76 -2.04
CA ARG A 410 11.54 -16.40 -1.53
C ARG A 410 10.71 -15.38 -2.31
N ILE A 411 10.81 -15.38 -3.63
CA ILE A 411 10.04 -14.39 -4.41
C ILE A 411 8.53 -14.61 -4.27
N ASN A 412 8.13 -15.88 -4.19
CA ASN A 412 6.73 -16.24 -3.96
C ASN A 412 6.24 -15.66 -2.63
N MET A 413 7.06 -15.83 -1.59
CA MET A 413 6.73 -15.36 -0.24
C MET A 413 6.64 -13.84 -0.21
N ILE A 414 7.55 -13.18 -0.92
CA ILE A 414 7.56 -11.72 -0.96
C ILE A 414 6.33 -11.17 -1.69
N ALA A 415 6.02 -11.74 -2.84
CA ALA A 415 4.82 -11.36 -3.59
C ALA A 415 3.58 -11.53 -2.71
N ASP A 416 3.49 -12.69 -2.05
CA ASP A 416 2.35 -12.94 -1.18
C ASP A 416 2.27 -11.95 -0.02
N ARG A 417 3.42 -11.57 0.52
CA ARG A 417 3.45 -10.60 1.63
C ARG A 417 3.02 -9.20 1.17
N VAL A 418 3.40 -8.81 -0.04
CA VAL A 418 2.95 -7.54 -0.59
C VAL A 418 1.43 -7.55 -0.79
N ASP A 419 0.92 -8.64 -1.34
CA ASP A 419 -0.52 -8.80 -1.49
C ASP A 419 -1.18 -8.58 -0.12
N ASP A 420 -0.64 -9.24 0.89
CA ASP A 420 -1.18 -9.16 2.26
C ASP A 420 -1.12 -7.74 2.85
N ALA A 421 -0.02 -7.02 2.61
CA ALA A 421 0.14 -5.65 3.12
C ALA A 421 -0.86 -4.68 2.47
N VAL A 422 -1.03 -4.80 1.16
CA VAL A 422 -2.02 -3.99 0.45
C VAL A 422 -3.39 -4.31 1.02
N THR A 423 -3.65 -5.60 1.20
CA THR A 423 -4.90 -6.02 1.81
C THR A 423 -5.11 -5.40 3.20
N ASP A 424 -4.05 -5.31 4.00
CA ASP A 424 -4.15 -4.81 5.38
C ASP A 424 -4.47 -3.31 5.38
N ILE A 425 -3.86 -2.61 4.43
CA ILE A 425 -4.17 -1.20 4.25
C ILE A 425 -5.66 -1.02 3.91
N TRP A 426 -6.14 -1.68 2.87
CA TRP A 426 -7.57 -1.51 2.54
C TRP A 426 -8.51 -1.98 3.64
N SER A 427 -8.14 -3.05 4.34
CA SER A 427 -8.98 -3.57 5.42
C SER A 427 -9.19 -2.54 6.51
N TYR A 428 -8.07 -1.97 7.01
CA TYR A 428 -8.18 -0.93 8.03
C TYR A 428 -8.96 0.27 7.52
N ASN A 429 -8.57 0.78 6.34
CA ASN A 429 -9.22 1.96 5.80
C ASN A 429 -10.73 1.81 5.61
N ALA A 430 -11.16 0.64 5.13
CA ALA A 430 -12.58 0.37 4.95
C ALA A 430 -13.32 0.31 6.30
N LYS A 431 -12.75 -0.39 7.27
CA LYS A 431 -13.39 -0.45 8.59
C LYS A 431 -13.60 0.95 9.18
N LEU A 432 -12.54 1.75 9.15
CA LEU A 432 -12.60 3.08 9.78
C LEU A 432 -13.48 4.05 9.00
N LEU A 433 -13.43 3.96 7.67
CA LEU A 433 -14.26 4.79 6.80
C LEU A 433 -15.72 4.55 7.13
N VAL A 434 -16.12 3.28 7.21
CA VAL A 434 -17.52 3.01 7.55
C VAL A 434 -17.92 3.54 8.94
N LEU A 435 -17.08 3.31 9.95
CA LEU A 435 -17.45 3.79 11.30
C LEU A 435 -17.64 5.32 11.38
N ILE A 436 -16.66 6.03 10.83
CA ILE A 436 -16.66 7.48 10.81
C ILE A 436 -17.83 8.03 10.00
N GLU A 437 -17.98 7.51 8.79
CA GLU A 437 -19.06 7.99 7.92
C GLU A 437 -20.44 7.67 8.49
N ASN A 438 -20.57 6.59 9.24
CA ASN A 438 -21.83 6.34 9.91
C ASN A 438 -22.17 7.42 10.95
N ASP A 439 -21.18 7.76 11.78
CA ASP A 439 -21.39 8.90 12.68
C ASP A 439 -21.84 10.16 11.91
N ARG A 440 -21.12 10.47 10.85
CA ARG A 440 -21.45 11.66 10.07
C ARG A 440 -22.83 11.61 9.41
N THR A 441 -23.25 10.46 8.94
CA THR A 441 -24.55 10.34 8.28
C THR A 441 -25.68 10.55 9.28
N LEU A 442 -25.60 9.89 10.43
CA LEU A 442 -26.65 10.06 11.45
C LEU A 442 -26.74 11.51 11.94
N ASP A 443 -25.56 12.11 12.14
CA ASP A 443 -25.49 13.52 12.52
C ASP A 443 -26.05 14.44 11.44
N LEU A 444 -25.83 14.09 10.18
CA LEU A 444 -26.35 14.91 9.07
C LEU A 444 -27.87 14.89 9.03
N HIS A 445 -28.46 13.70 9.16
CA HIS A 445 -29.93 13.63 9.27
C HIS A 445 -30.46 14.50 10.43
N ASP A 446 -29.81 14.39 11.59
CA ASP A 446 -30.18 15.25 12.71
C ASP A 446 -30.11 16.76 12.38
N ALA A 447 -29.03 17.17 11.73
CA ALA A 447 -28.87 18.58 11.38
C ALA A 447 -29.94 19.03 10.38
N ASN A 448 -30.31 18.14 9.48
CA ASN A 448 -31.35 18.45 8.49
C ASN A 448 -32.72 18.68 9.14
N VAL A 449 -33.10 17.80 10.06
CA VAL A 449 -34.39 18.00 10.74
C VAL A 449 -34.39 19.19 11.72
N ARG A 450 -33.23 19.46 12.31
CA ARG A 450 -33.09 20.66 13.12
C ARG A 450 -33.22 21.91 12.27
N ASN A 451 -32.69 21.89 11.05
CA ASN A 451 -32.85 23.04 10.18
C ASN A 451 -34.30 23.24 9.80
N LEU A 452 -35.01 22.15 9.49
CA LEU A 452 -36.46 22.26 9.24
C LEU A 452 -37.19 22.86 10.45
N HIS A 453 -36.89 22.31 11.63
CA HIS A 453 -37.43 22.82 12.91
C HIS A 453 -37.21 24.33 13.04
N GLU A 454 -35.98 24.77 12.80
CA GLU A 454 -35.67 26.20 12.89
C GLU A 454 -36.42 27.03 11.85
N GLN A 455 -36.63 26.48 10.66
CA GLN A 455 -37.43 27.18 9.66
C GLN A 455 -38.87 27.39 10.18
N ILE A 456 -39.44 26.35 10.76
CA ILE A 456 -40.80 26.48 11.28
C ILE A 456 -40.83 27.50 12.41
N LYS A 457 -39.85 27.41 13.31
CA LYS A 457 -39.72 28.34 14.43
C LYS A 457 -39.69 29.78 13.93
N ARG A 458 -38.91 30.00 12.88
CA ARG A 458 -38.80 31.31 12.26
C ARG A 458 -40.13 31.78 11.69
N ALA A 459 -40.91 30.86 11.13
CA ALA A 459 -42.24 31.22 10.61
C ALA A 459 -43.25 31.55 11.72
N LEU A 460 -43.20 30.80 12.82
CA LEU A 460 -44.17 30.95 13.91
C LEU A 460 -43.90 32.15 14.78
N LYS A 461 -42.62 32.50 14.91
CA LYS A 461 -42.22 33.60 15.79
C LYS A 461 -42.89 33.50 17.18
N ASP A 462 -43.49 34.59 17.63
CA ASP A 462 -44.06 34.61 18.98
C ASP A 462 -45.45 33.98 19.09
N ASN A 463 -45.92 33.37 18.01
CA ASN A 463 -47.22 32.71 18.00
C ASN A 463 -47.16 31.27 18.49
N ALA A 464 -45.99 30.83 18.95
CA ALA A 464 -45.83 29.45 19.41
C ALA A 464 -44.82 29.35 20.54
N ILE A 465 -45.04 28.38 21.42
CA ILE A 465 -44.08 28.05 22.45
C ILE A 465 -43.27 26.82 21.98
N ASP A 466 -41.94 26.96 21.96
CA ASP A 466 -41.00 25.89 21.67
C ASP A 466 -40.87 25.01 22.91
N GLU A 467 -41.42 23.79 22.84
CA GLU A 467 -41.45 22.92 24.02
C GLU A 467 -40.11 22.23 24.26
N GLY A 468 -39.15 22.48 23.37
CA GLY A 468 -37.81 21.90 23.48
C GLY A 468 -37.69 20.45 23.04
N ASP A 469 -38.77 19.88 22.51
CA ASP A 469 -38.78 18.47 22.13
C ASP A 469 -39.03 18.26 20.64
N GLY A 470 -38.84 19.31 19.85
CA GLY A 470 -39.18 19.27 18.43
C GLY A 470 -40.59 19.76 18.14
N CYS A 471 -41.36 20.02 19.20
CA CYS A 471 -42.75 20.44 19.07
C CYS A 471 -42.98 21.93 19.41
N PHE A 472 -43.98 22.51 18.74
CA PHE A 472 -44.44 23.87 19.02
C PHE A 472 -45.90 23.78 19.44
N SER A 473 -46.20 24.38 20.60
CA SER A 473 -47.58 24.61 21.02
C SER A 473 -48.04 25.93 20.43
N ILE A 474 -48.98 25.84 19.50
CA ILE A 474 -49.45 27.01 18.75
C ILE A 474 -50.45 27.82 19.61
N LEU A 475 -50.22 29.13 19.71
CA LEU A 475 -50.98 29.97 20.64
C LEU A 475 -52.30 30.53 20.08
N HIS A 476 -52.83 29.87 19.07
CA HIS A 476 -54.09 30.28 18.47
C HIS A 476 -54.67 29.02 17.87
N LYS A 477 -55.96 29.00 17.58
CA LYS A 477 -56.49 27.80 16.95
C LYS A 477 -55.90 27.67 15.55
N CYS A 478 -55.54 26.43 15.20
CA CYS A 478 -54.82 26.20 13.96
C CYS A 478 -55.41 24.97 13.31
N ASN A 479 -56.46 25.17 12.53
CA ASN A 479 -57.12 24.06 11.86
C ASN A 479 -56.24 23.45 10.75
N ASP A 480 -56.77 22.47 10.04
CA ASP A 480 -56.02 21.75 9.02
C ASP A 480 -55.45 22.68 7.93
N SER A 481 -56.26 23.64 7.53
CA SER A 481 -55.85 24.68 6.58
C SER A 481 -54.64 25.49 7.11
N CYS A 482 -54.73 25.93 8.35
CA CYS A 482 -53.61 26.66 8.96
C CYS A 482 -52.35 25.79 9.04
N MET A 483 -52.54 24.55 9.50
CA MET A 483 -51.45 23.58 9.59
C MET A 483 -50.77 23.44 8.23
N GLU A 484 -51.57 23.38 7.18
CA GLU A 484 -51.05 23.19 5.85
C GLU A 484 -50.26 24.42 5.39
N THR A 485 -50.68 25.61 5.82
CA THR A 485 -49.88 26.81 5.53
C THR A 485 -48.57 26.83 6.29
N ILE A 486 -48.54 26.20 7.48
CA ILE A 486 -47.27 26.03 8.17
C ILE A 486 -46.37 25.06 7.39
N ARG A 487 -46.93 23.95 6.94
CA ARG A 487 -46.14 22.94 6.22
C ARG A 487 -45.65 23.36 4.83
N ASN A 488 -46.41 24.20 4.14
CA ASN A 488 -45.97 24.66 2.82
C ASN A 488 -45.31 26.04 2.79
N GLY A 489 -45.08 26.61 3.98
CA GLY A 489 -44.28 27.83 4.10
C GLY A 489 -44.98 29.13 3.76
N THR A 490 -46.31 29.14 3.85
CA THR A 490 -47.06 30.36 3.52
C THR A 490 -47.66 30.99 4.77
N TYR A 491 -47.51 30.32 5.91
CA TYR A 491 -48.03 30.84 7.18
C TYR A 491 -47.46 32.21 7.50
N ASN A 492 -48.35 33.16 7.78
CA ASN A 492 -47.97 34.52 8.16
C ASN A 492 -48.33 34.78 9.62
N HIS A 493 -47.33 34.98 10.46
CA HIS A 493 -47.59 35.09 11.89
C HIS A 493 -48.44 36.32 12.24
N GLU A 494 -48.36 37.35 11.39
CA GLU A 494 -49.12 38.59 11.63
C GLU A 494 -50.61 38.30 11.66
N ASP A 495 -51.05 37.42 10.77
CA ASP A 495 -52.45 37.00 10.72
C ASP A 495 -53.00 36.56 12.08
N TYR A 496 -52.13 36.08 12.97
CA TYR A 496 -52.63 35.53 14.24
C TYR A 496 -52.14 36.28 15.47
N LYS A 497 -51.47 37.41 15.24
CA LYS A 497 -50.85 38.17 16.33
C LYS A 497 -51.79 38.44 17.53
N GLU A 498 -52.90 39.12 17.28
CA GLU A 498 -53.84 39.43 18.37
C GLU A 498 -54.19 38.18 19.16
N GLU A 499 -54.57 37.11 18.44
CA GLU A 499 -55.12 35.94 19.11
C GLU A 499 -54.00 35.36 19.96
N SER A 500 -52.81 35.30 19.37
CA SER A 500 -51.69 34.66 20.01
C SER A 500 -51.36 35.43 21.28
N GLN A 501 -51.36 36.75 21.19
CA GLN A 501 -50.94 37.51 22.37
C GLN A 501 -51.92 37.24 23.51
N LEU A 502 -53.21 37.21 23.16
CA LEU A 502 -54.23 36.96 24.17
C LEU A 502 -53.95 35.64 24.84
N LYS A 503 -53.68 34.61 24.03
CA LYS A 503 -53.54 33.28 24.60
C LYS A 503 -52.27 33.23 25.44
N ARG A 504 -51.23 33.92 24.98
CA ARG A 504 -49.99 33.87 25.74
C ARG A 504 -50.28 34.46 27.11
N GLN A 505 -51.03 35.57 27.10
CA GLN A 505 -51.28 36.26 28.36
C GLN A 505 -52.06 35.31 29.27
N GLU A 506 -53.03 34.60 28.68
CA GLU A 506 -53.84 33.71 29.48
C GLU A 506 -52.95 32.64 30.10
N ILE A 507 -52.07 32.07 29.28
CA ILE A 507 -51.26 30.94 29.74
C ILE A 507 -50.31 31.47 30.78
N GLU A 508 -49.90 32.73 30.62
CA GLU A 508 -48.97 33.34 31.56
C GLU A 508 -49.59 33.45 32.93
N GLY A 509 -50.90 33.73 32.96
CA GLY A 509 -51.57 34.08 34.20
C GLY A 509 -51.97 32.87 35.00
N ILE A 510 -51.97 31.71 34.34
CA ILE A 510 -52.43 30.48 34.96
C ILE A 510 -51.43 29.99 36.02
N ARG A 511 -51.93 29.34 37.05
CA ARG A 511 -51.10 28.85 38.14
C ARG A 511 -51.50 27.44 38.48
N LEU A 512 -50.71 26.47 38.02
CA LEU A 512 -50.88 25.06 38.34
C LEU A 512 -50.98 24.89 39.84
N VAL A 513 -50.06 25.54 40.56
CA VAL A 513 -50.17 25.68 42.00
C VAL A 513 -50.68 27.08 42.32
N PRO A 514 -51.87 27.17 42.94
CA PRO A 514 -52.51 28.47 43.16
C PRO A 514 -51.63 29.49 43.87
N ARG A 515 -51.65 30.71 43.35
CA ARG A 515 -50.98 31.88 43.94
C ARG A 515 -51.30 31.97 45.42
N ALA B 7 -43.31 54.34 2.19
CA ALA B 7 -42.81 53.08 2.76
C ALA B 7 -42.78 53.11 4.29
N ASP B 8 -43.31 52.06 4.91
CA ASP B 8 -43.46 52.00 6.37
C ASP B 8 -42.13 52.13 7.11
N GLY B 9 -42.14 52.74 8.28
CA GLY B 9 -40.94 52.87 9.10
C GLY B 9 -40.43 51.52 9.58
N ILE B 10 -39.11 51.37 9.66
CA ILE B 10 -38.50 50.12 10.07
C ILE B 10 -37.38 50.34 11.10
N GLN B 11 -37.21 49.40 12.03
CA GLN B 11 -36.16 49.49 13.03
C GLN B 11 -34.78 49.42 12.39
N ASP B 12 -33.82 50.17 12.94
CA ASP B 12 -32.42 49.97 12.55
C ASP B 12 -32.06 48.50 12.72
N LYS B 13 -31.05 48.06 11.98
CA LYS B 13 -30.81 46.63 11.87
C LYS B 13 -29.32 46.36 11.66
N ILE B 14 -28.84 45.25 12.20
CA ILE B 14 -27.48 44.79 11.90
C ILE B 14 -27.48 43.29 11.57
N CYS B 15 -26.78 42.91 10.49
CA CYS B 15 -26.75 41.55 10.00
C CYS B 15 -25.34 40.99 10.09
N ILE B 16 -25.25 39.71 10.47
CA ILE B 16 -23.95 39.08 10.70
C ILE B 16 -23.74 37.89 9.77
N GLY B 17 -22.66 37.90 9.00
CA GLY B 17 -22.45 36.81 8.08
C GLY B 17 -21.30 36.99 7.13
N TYR B 18 -21.50 36.60 5.88
CA TYR B 18 -20.44 36.56 4.90
C TYR B 18 -20.41 37.84 4.10
N LEU B 19 -19.22 38.37 3.82
CA LEU B 19 -19.09 39.47 2.89
C LEU B 19 -18.13 38.99 1.79
N SER B 20 -18.60 38.95 0.56
CA SER B 20 -17.69 38.59 -0.52
C SER B 20 -18.15 39.16 -1.85
N ASN B 21 -17.38 38.88 -2.90
CA ASN B 21 -17.91 39.11 -4.23
C ASN B 21 -18.55 37.82 -4.70
N ASN B 22 -19.19 37.87 -5.86
CA ASN B 22 -19.79 36.68 -6.44
C ASN B 22 -18.71 35.63 -6.76
N SER B 23 -18.98 34.40 -6.36
CA SER B 23 -18.07 33.29 -6.60
C SER B 23 -18.24 32.80 -8.04
N THR B 24 -17.18 32.22 -8.59
CA THR B 24 -17.17 31.82 -9.98
C THR B 24 -16.70 30.38 -10.13
N ASP B 25 -16.00 29.89 -9.11
CA ASP B 25 -15.47 28.53 -9.14
C ASP B 25 -16.19 27.60 -8.16
N THR B 26 -16.20 26.31 -8.48
CA THR B 26 -17.01 25.36 -7.75
C THR B 26 -16.16 24.22 -7.23
N VAL B 27 -16.62 23.59 -6.16
CA VAL B 27 -16.00 22.37 -5.68
C VAL B 27 -17.07 21.30 -5.52
N ASP B 28 -16.63 20.07 -5.33
CA ASP B 28 -17.52 18.99 -4.96
C ASP B 28 -17.25 18.63 -3.51
N THR B 29 -18.26 18.10 -2.83
CA THR B 29 -18.04 17.62 -1.48
C THR B 29 -18.54 16.20 -1.51
N LEU B 30 -18.34 15.48 -0.42
CA LEU B 30 -18.82 14.10 -0.33
C LEU B 30 -20.34 14.02 -0.57
N THR B 31 -21.08 15.05 -0.19
CA THR B 31 -22.53 15.01 -0.26
C THR B 31 -23.16 15.88 -1.36
N GLU B 32 -22.36 16.72 -2.00
CA GLU B 32 -22.92 17.65 -2.98
C GLU B 32 -22.00 17.93 -4.18
N ASN B 33 -22.60 18.05 -5.36
CA ASN B 33 -21.86 18.34 -6.58
C ASN B 33 -21.89 19.82 -6.92
N GLY B 34 -20.76 20.33 -7.41
CA GLY B 34 -20.68 21.70 -7.91
C GLY B 34 -21.17 22.81 -6.97
N VAL B 35 -20.60 22.86 -5.77
CA VAL B 35 -20.88 23.92 -4.82
C VAL B 35 -20.02 25.14 -5.13
N PRO B 36 -20.66 26.29 -5.39
CA PRO B 36 -19.87 27.49 -5.65
C PRO B 36 -19.19 27.97 -4.37
N VAL B 37 -17.90 28.25 -4.41
CA VAL B 37 -17.24 28.81 -3.23
C VAL B 37 -16.36 29.99 -3.63
N THR B 38 -15.95 30.79 -2.66
CA THR B 38 -15.21 32.02 -2.98
C THR B 38 -13.75 31.77 -3.38
N SER B 39 -13.18 30.65 -2.94
CA SER B 39 -11.86 30.24 -3.41
C SER B 39 -11.54 28.78 -3.09
N SER B 40 -10.54 28.26 -3.80
CA SER B 40 -10.03 26.92 -3.60
C SER B 40 -8.62 26.84 -4.17
N ILE B 41 -7.88 25.81 -3.78
CA ILE B 41 -6.56 25.54 -4.38
C ILE B 41 -6.60 24.23 -5.15
N ASP B 42 -5.71 24.05 -6.12
CA ASP B 42 -5.58 22.79 -6.85
C ASP B 42 -4.58 21.88 -6.14
N LEU B 43 -4.94 20.62 -5.92
CA LEU B 43 -4.02 19.70 -5.27
C LEU B 43 -3.14 18.88 -6.24
N VAL B 44 -3.49 18.90 -7.53
CA VAL B 44 -2.87 18.04 -8.52
C VAL B 44 -2.12 18.84 -9.58
N GLU B 45 -0.83 18.54 -9.75
CA GLU B 45 -0.05 19.20 -10.79
C GLU B 45 -0.31 18.58 -12.17
N THR B 46 -0.59 19.44 -13.16
CA THR B 46 -0.88 18.97 -14.50
C THR B 46 0.11 19.53 -15.52
N ASN B 47 0.94 20.47 -15.07
CA ASN B 47 1.90 21.12 -15.97
C ASN B 47 3.27 20.47 -15.90
N HIS B 48 3.89 20.30 -17.07
CA HIS B 48 5.26 19.81 -17.14
C HIS B 48 5.97 20.44 -18.33
N THR B 49 7.28 20.20 -18.42
CA THR B 49 8.12 20.85 -19.43
C THR B 49 8.03 20.22 -20.83
N GLY B 50 7.54 18.98 -20.91
CA GLY B 50 7.49 18.28 -22.16
C GLY B 50 8.86 17.93 -22.72
N THR B 51 9.86 17.95 -21.85
CA THR B 51 11.24 17.67 -22.21
C THR B 51 11.95 16.87 -21.12
N TYR B 52 13.13 16.33 -21.45
CA TYR B 52 14.03 15.78 -20.44
C TYR B 52 14.92 16.91 -19.93
N CYS B 53 15.05 17.01 -18.61
CA CYS B 53 15.82 18.08 -17.96
C CYS B 53 16.85 17.49 -17.02
N SER B 54 17.80 18.31 -16.57
CA SER B 54 18.64 17.93 -15.45
C SER B 54 17.74 17.59 -14.28
N LEU B 55 18.19 16.67 -13.43
CA LEU B 55 17.36 16.25 -12.32
C LEU B 55 17.98 16.70 -11.03
N ASN B 56 17.36 17.68 -10.38
CA ASN B 56 17.92 18.30 -9.17
C ASN B 56 19.40 18.64 -9.34
N GLY B 57 19.74 19.24 -10.48
CA GLY B 57 21.07 19.75 -10.69
C GLY B 57 22.02 18.76 -11.38
N VAL B 58 21.55 17.54 -11.60
CA VAL B 58 22.39 16.50 -12.21
C VAL B 58 21.86 16.12 -13.60
N SER B 59 22.71 16.21 -14.61
CA SER B 59 22.32 15.90 -15.98
C SER B 59 22.16 14.41 -16.22
N PRO B 60 21.22 14.06 -17.11
CA PRO B 60 21.15 12.67 -17.56
C PRO B 60 22.18 12.46 -18.66
N ILE B 61 22.26 11.24 -19.15
CA ILE B 61 23.07 10.94 -20.33
C ILE B 61 22.14 10.46 -21.43
N HIS B 62 22.14 11.13 -22.57
CA HIS B 62 21.40 10.66 -23.72
C HIS B 62 22.32 9.73 -24.48
N LEU B 63 21.90 8.48 -24.60
CA LEU B 63 22.76 7.46 -25.20
C LEU B 63 22.79 7.56 -26.73
N GLY B 64 21.92 8.41 -27.28
CA GLY B 64 21.91 8.71 -28.71
C GLY B 64 21.72 7.48 -29.60
N ASP B 65 22.72 7.17 -30.41
CA ASP B 65 22.60 6.02 -31.31
C ASP B 65 23.17 4.73 -30.71
N CYS B 66 23.39 4.72 -29.40
CA CYS B 66 23.93 3.53 -28.73
C CYS B 66 22.96 2.93 -27.74
N SER B 67 23.02 1.61 -27.57
CA SER B 67 22.24 0.94 -26.54
C SER B 67 23.06 1.01 -25.27
N PHE B 68 22.44 0.73 -24.13
CA PHE B 68 23.20 0.73 -22.89
C PHE B 68 24.38 -0.24 -22.94
N GLU B 69 24.19 -1.44 -23.49
CA GLU B 69 25.26 -2.44 -23.53
C GLU B 69 26.46 -1.95 -24.34
N GLY B 70 26.17 -1.40 -25.52
CA GLY B 70 27.20 -0.78 -26.34
C GLY B 70 27.97 0.29 -25.58
N TRP B 71 27.26 1.10 -24.83
CA TRP B 71 27.89 2.20 -24.13
C TRP B 71 28.78 1.68 -23.00
N ILE B 72 28.27 0.72 -22.24
CA ILE B 72 28.96 0.30 -21.02
C ILE B 72 30.17 -0.57 -21.31
N VAL B 73 30.10 -1.36 -22.39
CA VAL B 73 31.25 -2.23 -22.75
C VAL B 73 32.29 -1.47 -23.58
N GLY B 74 31.88 -0.37 -24.18
CA GLY B 74 32.81 0.50 -24.90
C GLY B 74 32.85 0.29 -26.40
N ASN B 75 31.70 0.07 -27.01
CA ASN B 75 31.60 -0.01 -28.47
C ASN B 75 32.27 1.25 -29.04
N PRO B 76 33.30 1.08 -29.90
CA PRO B 76 34.04 2.27 -30.36
C PRO B 76 33.22 3.21 -31.24
N SER B 77 32.00 2.83 -31.60
CA SER B 77 31.08 3.73 -32.30
C SER B 77 30.25 4.59 -31.34
N CYS B 78 30.35 4.30 -30.05
CA CYS B 78 29.66 5.11 -29.03
C CYS B 78 30.62 6.12 -28.39
N ALA B 79 30.06 7.16 -27.80
CA ALA B 79 30.88 8.16 -27.11
C ALA B 79 31.61 7.51 -25.94
N SER B 80 32.89 7.82 -25.77
CA SER B 80 33.65 7.30 -24.65
C SER B 80 33.11 7.88 -23.34
N ASN B 81 33.15 7.11 -22.26
CA ASN B 81 32.72 7.66 -20.97
C ASN B 81 33.90 8.02 -20.09
N ILE B 82 35.04 8.22 -20.74
CA ILE B 82 36.30 8.55 -20.05
C ILE B 82 36.20 9.76 -19.12
N ASN B 83 35.44 10.79 -19.53
CA ASN B 83 35.29 11.99 -18.71
C ASN B 83 33.96 12.09 -17.95
N ILE B 84 33.14 11.04 -18.03
CA ILE B 84 31.87 11.02 -17.30
C ILE B 84 32.09 10.91 -15.79
N ARG B 85 31.35 11.69 -15.00
CA ARG B 85 31.50 11.73 -13.54
C ARG B 85 30.23 11.37 -12.76
N GLU B 86 29.08 11.44 -13.44
CA GLU B 86 27.78 11.27 -12.78
C GLU B 86 26.65 11.28 -13.82
N TRP B 87 25.56 10.60 -13.53
CA TRP B 87 24.32 10.93 -14.22
C TRP B 87 23.08 10.68 -13.36
N SER B 88 22.00 11.40 -13.64
CA SER B 88 20.80 11.27 -12.83
C SER B 88 19.91 10.17 -13.41
N TYR B 89 19.86 10.10 -14.74
CA TYR B 89 19.16 9.02 -15.43
C TYR B 89 19.70 8.84 -16.85
N LEU B 90 19.18 7.82 -17.54
CA LEU B 90 19.62 7.53 -18.90
C LEU B 90 18.47 7.69 -19.90
N ILE B 91 18.78 8.14 -21.11
CA ILE B 91 17.77 8.20 -22.17
C ILE B 91 18.21 7.30 -23.30
N GLU B 92 17.40 6.29 -23.61
CA GLU B 92 17.83 5.27 -24.57
C GLU B 92 16.85 5.02 -25.73
N ASP B 93 17.41 4.88 -26.93
CA ASP B 93 16.67 4.48 -28.13
C ASP B 93 16.60 2.96 -28.16
N PRO B 94 15.37 2.40 -28.14
CA PRO B 94 15.23 0.94 -28.15
C PRO B 94 15.77 0.34 -29.44
N ASN B 95 15.84 1.17 -30.49
CA ASN B 95 16.34 0.72 -31.79
C ASN B 95 17.70 1.31 -32.15
N ALA B 96 18.49 1.62 -31.12
CA ALA B 96 19.83 2.16 -31.35
C ALA B 96 20.62 1.20 -32.23
N PRO B 97 21.26 1.72 -33.29
CA PRO B 97 21.99 0.86 -34.22
C PRO B 97 23.28 0.31 -33.60
N HIS B 98 23.86 1.08 -32.68
CA HIS B 98 25.11 0.68 -32.05
C HIS B 98 24.89 -0.05 -30.72
N LYS B 99 24.89 -1.37 -30.79
CA LYS B 99 24.74 -2.19 -29.60
C LYS B 99 26.07 -2.89 -29.30
N LEU B 100 26.02 -4.22 -29.23
CA LEU B 100 27.24 -5.00 -29.20
C LEU B 100 27.73 -5.06 -30.62
N CYS B 101 28.86 -4.42 -30.89
CA CYS B 101 29.39 -4.35 -32.26
C CYS B 101 29.78 -5.71 -32.81
N PHE B 102 30.30 -6.58 -31.96
CA PHE B 102 30.59 -7.96 -32.38
C PHE B 102 29.45 -8.75 -31.78
N PRO B 103 28.80 -9.59 -32.60
CA PRO B 103 27.66 -10.42 -32.16
C PRO B 103 27.95 -11.10 -30.82
N GLY B 104 27.08 -10.86 -29.85
CA GLY B 104 27.27 -11.44 -28.54
C GLY B 104 26.15 -11.09 -27.60
N GLU B 105 26.36 -11.35 -26.31
CA GLU B 105 25.35 -11.07 -25.31
C GLU B 105 25.99 -10.68 -24.00
N VAL B 106 25.31 -9.84 -23.21
CA VAL B 106 25.79 -9.51 -21.88
C VAL B 106 24.96 -10.28 -20.86
N ASP B 107 25.63 -11.12 -20.06
CA ASP B 107 25.00 -11.90 -19.00
C ASP B 107 24.36 -10.98 -17.97
N ASN B 108 23.17 -11.36 -17.47
CA ASN B 108 22.51 -10.66 -16.37
C ASN B 108 22.44 -9.16 -16.65
N ASN B 109 22.09 -8.80 -17.90
CA ASN B 109 22.15 -7.40 -18.29
C ASN B 109 20.98 -6.55 -17.75
N GLY B 110 19.87 -7.18 -17.37
CA GLY B 110 18.78 -6.43 -16.73
C GLY B 110 19.21 -5.89 -15.36
N GLU B 111 19.95 -6.72 -14.62
CA GLU B 111 20.50 -6.30 -13.34
C GLU B 111 21.52 -5.18 -13.53
N LEU B 112 22.30 -5.28 -14.60
CA LEU B 112 23.33 -4.29 -14.89
C LEU B 112 22.69 -2.95 -15.24
N ARG B 113 21.65 -3.00 -16.07
CA ARG B 113 20.88 -1.81 -16.41
C ARG B 113 20.25 -1.16 -15.17
N HIS B 114 19.73 -2.00 -14.27
CA HIS B 114 19.17 -1.49 -13.05
C HIS B 114 20.22 -0.76 -12.21
N LEU B 115 21.39 -1.38 -12.03
CA LEU B 115 22.44 -0.77 -11.20
C LEU B 115 22.97 0.54 -11.80
N PHE B 116 22.92 0.65 -13.12
CA PHE B 116 23.49 1.82 -13.81
C PHE B 116 22.46 2.80 -14.35
N SER B 117 21.22 2.70 -13.86
CA SER B 117 20.14 3.58 -14.32
C SER B 117 20.38 5.00 -13.86
N GLY B 118 21.12 5.12 -12.76
CA GLY B 118 21.60 6.42 -12.30
C GLY B 118 22.74 6.15 -11.33
N VAL B 119 23.81 6.93 -11.45
CA VAL B 119 24.92 6.85 -10.50
C VAL B 119 25.55 8.22 -10.21
N ASN B 120 25.56 8.55 -8.93
CA ASN B 120 25.89 9.89 -8.48
C ASN B 120 27.39 10.16 -8.44
N SER B 121 28.18 9.09 -8.46
CA SER B 121 29.64 9.18 -8.51
C SER B 121 30.17 8.04 -9.36
N PHE B 122 30.87 8.39 -10.43
CA PHE B 122 31.30 7.45 -11.45
C PHE B 122 32.67 7.85 -11.96
N SER B 123 33.55 6.87 -12.13
CA SER B 123 34.87 7.16 -12.67
C SER B 123 35.44 5.94 -13.39
N ARG B 124 35.75 6.07 -14.67
CA ARG B 124 36.40 4.97 -15.37
C ARG B 124 37.85 4.82 -14.89
N THR B 125 38.27 3.58 -14.70
CA THR B 125 39.59 3.31 -14.14
C THR B 125 40.24 2.16 -14.88
N GLU B 126 41.55 2.25 -15.11
CA GLU B 126 42.27 1.13 -15.74
C GLU B 126 42.51 0.04 -14.69
N LEU B 127 42.14 -1.20 -15.00
CA LEU B 127 42.26 -2.25 -13.99
C LEU B 127 43.61 -2.94 -14.09
N ILE B 128 43.83 -3.60 -15.22
CA ILE B 128 45.02 -4.40 -15.39
C ILE B 128 45.71 -3.87 -16.64
N PRO B 129 47.02 -3.58 -16.54
CA PRO B 129 47.74 -3.07 -17.71
C PRO B 129 47.87 -4.21 -18.71
N PRO B 130 47.64 -3.94 -20.00
CA PRO B 130 47.68 -4.97 -21.05
C PRO B 130 48.98 -5.80 -21.09
N SER B 131 50.10 -5.15 -20.79
CA SER B 131 51.40 -5.80 -20.76
C SER B 131 51.41 -6.99 -19.79
N LYS B 132 50.54 -6.95 -18.80
CA LYS B 132 50.49 -8.00 -17.79
C LYS B 132 50.11 -9.34 -18.38
N TRP B 133 49.39 -9.33 -19.51
CA TRP B 133 48.94 -10.60 -20.07
C TRP B 133 50.06 -11.40 -20.77
N GLY B 134 51.21 -10.79 -20.95
CA GLY B 134 52.38 -11.51 -21.45
C GLY B 134 52.47 -11.52 -22.97
N ASP B 135 53.13 -12.55 -23.49
CA ASP B 135 53.45 -12.65 -24.92
C ASP B 135 52.24 -13.02 -25.78
N ILE B 136 51.30 -12.09 -25.86
CA ILE B 136 50.04 -12.31 -26.54
C ILE B 136 49.87 -11.14 -27.51
N LEU B 137 48.92 -11.22 -28.44
CA LEU B 137 48.54 -10.04 -29.23
C LEU B 137 47.08 -9.66 -28.99
N GLU B 138 46.68 -8.49 -29.50
CA GLU B 138 45.32 -8.00 -29.27
C GLU B 138 44.51 -8.10 -30.56
N GLY B 139 43.36 -8.78 -30.47
CA GLY B 139 42.52 -8.95 -31.63
C GLY B 139 41.79 -7.67 -31.98
N THR B 140 41.72 -7.35 -33.27
CA THR B 140 40.87 -6.26 -33.73
C THR B 140 39.96 -6.77 -34.84
N THR B 141 38.87 -6.05 -35.11
CA THR B 141 37.85 -6.53 -36.04
C THR B 141 37.10 -5.40 -36.74
N ALA B 142 36.77 -5.59 -38.02
CA ALA B 142 36.01 -4.57 -38.75
C ALA B 142 34.60 -4.38 -38.18
N SER B 143 34.15 -5.34 -37.37
CA SER B 143 32.84 -5.22 -36.72
C SER B 143 32.78 -4.06 -35.71
N CYS B 144 33.91 -3.77 -35.08
CA CYS B 144 33.99 -2.74 -34.06
C CYS B 144 35.02 -1.70 -34.50
N GLN B 145 34.71 -0.94 -35.53
CA GLN B 145 35.69 0.01 -36.05
C GLN B 145 35.82 1.29 -35.23
N ASN B 146 37.04 1.82 -35.23
CA ASN B 146 37.36 3.11 -34.65
C ASN B 146 37.61 4.05 -35.81
N ARG B 147 36.58 4.79 -36.22
CA ARG B 147 36.66 5.69 -37.36
C ARG B 147 37.46 5.10 -38.53
N GLY B 148 36.98 3.97 -39.05
CA GLY B 148 37.62 3.35 -40.20
C GLY B 148 38.65 2.28 -39.86
N ALA B 149 39.19 2.30 -38.66
CA ALA B 149 40.21 1.33 -38.28
C ALA B 149 39.58 0.17 -37.51
N ASN B 150 39.98 -1.06 -37.84
CA ASN B 150 39.57 -2.22 -37.04
C ASN B 150 39.96 -1.99 -35.57
N SER B 151 39.04 -2.27 -34.67
CA SER B 151 39.30 -2.04 -33.25
C SER B 151 38.55 -3.06 -32.40
N PHE B 152 38.25 -2.71 -31.15
CA PHE B 152 37.51 -3.59 -30.25
C PHE B 152 36.91 -2.72 -29.16
N TYR B 153 36.09 -3.32 -28.29
CA TYR B 153 35.52 -2.57 -27.16
C TYR B 153 36.63 -1.89 -26.39
N ARG B 154 36.38 -0.66 -25.97
CA ARG B 154 37.40 0.09 -25.24
C ARG B 154 37.77 -0.62 -23.95
N ASN B 155 36.80 -1.27 -23.32
CA ASN B 155 36.97 -1.82 -21.98
C ASN B 155 37.56 -3.21 -21.90
N LEU B 156 37.68 -3.86 -23.06
CA LEU B 156 38.17 -5.23 -23.13
C LEU B 156 39.37 -5.33 -24.06
N ILE B 157 40.14 -6.41 -23.90
CA ILE B 157 41.23 -6.74 -24.82
C ILE B 157 41.04 -8.15 -25.33
N TRP B 158 40.90 -8.29 -26.65
CA TRP B 158 40.75 -9.61 -27.26
C TRP B 158 42.12 -10.31 -27.40
N LEU B 159 42.43 -11.16 -26.43
CA LEU B 159 43.74 -11.84 -26.42
C LEU B 159 43.78 -12.95 -27.47
N VAL B 160 44.78 -12.87 -28.35
CA VAL B 160 44.96 -13.89 -29.37
C VAL B 160 46.42 -14.28 -29.45
N ASN B 161 46.70 -15.28 -30.27
CA ASN B 161 48.06 -15.83 -30.34
C ASN B 161 49.06 -14.81 -30.85
N LYS B 162 50.33 -15.04 -30.52
CA LYS B 162 51.42 -14.26 -31.10
C LYS B 162 52.42 -15.28 -31.64
N LEU B 163 52.73 -15.14 -32.92
CA LEU B 163 53.53 -16.11 -33.66
C LEU B 163 53.01 -17.54 -33.48
N ASN B 164 51.69 -17.69 -33.48
CA ASN B 164 51.05 -19.00 -33.38
C ASN B 164 51.34 -19.73 -32.06
N LYS B 165 51.57 -18.94 -31.01
CA LYS B 165 51.64 -19.47 -29.65
C LYS B 165 50.75 -18.66 -28.70
N TYR B 166 50.10 -19.33 -27.77
CA TYR B 166 49.30 -18.65 -26.74
C TYR B 166 49.71 -19.24 -25.40
N PRO B 167 50.62 -18.55 -24.70
CA PRO B 167 51.00 -19.04 -23.38
C PRO B 167 49.88 -18.78 -22.38
N VAL B 168 49.86 -19.49 -21.26
CA VAL B 168 48.83 -19.23 -20.25
C VAL B 168 48.91 -17.77 -19.83
N VAL B 169 47.80 -17.05 -19.92
CA VAL B 169 47.84 -15.65 -19.51
C VAL B 169 47.24 -15.55 -18.13
N LYS B 170 47.72 -14.58 -17.36
CA LYS B 170 47.25 -14.36 -16.01
C LYS B 170 47.30 -12.89 -15.66
N GLY B 171 46.28 -12.44 -14.90
CA GLY B 171 46.29 -11.08 -14.43
C GLY B 171 45.32 -10.93 -13.27
N GLU B 172 45.54 -9.94 -12.42
CA GLU B 172 44.60 -9.75 -11.33
C GLU B 172 44.41 -8.30 -10.94
N TYR B 173 43.30 -8.03 -10.27
CA TYR B 173 43.00 -6.68 -9.81
C TYR B 173 42.51 -6.73 -8.36
N ASN B 174 43.07 -5.87 -7.51
CA ASN B 174 42.57 -5.71 -6.15
C ASN B 174 41.82 -4.40 -5.99
N ASN B 175 40.59 -4.45 -5.50
CA ASN B 175 39.84 -3.23 -5.30
C ASN B 175 40.31 -2.48 -4.07
N THR B 176 41.26 -1.57 -4.26
CA THR B 176 41.78 -0.73 -3.18
C THR B 176 41.16 0.67 -3.15
N THR B 177 40.12 0.89 -3.96
CA THR B 177 39.56 2.22 -4.19
C THR B 177 38.73 2.79 -3.03
N GLY B 178 38.32 1.92 -2.11
CA GLY B 178 37.42 2.35 -1.04
C GLY B 178 35.98 2.40 -1.51
N ARG B 179 35.76 2.03 -2.77
CA ARG B 179 34.42 2.05 -3.36
C ARG B 179 34.17 0.80 -4.20
N ASP B 180 32.95 0.66 -4.70
CA ASP B 180 32.61 -0.47 -5.57
C ASP B 180 33.17 -0.25 -6.97
N VAL B 181 33.65 -1.33 -7.58
CA VAL B 181 34.24 -1.27 -8.92
C VAL B 181 33.58 -2.32 -9.82
N LEU B 182 33.03 -1.89 -10.94
CA LEU B 182 32.44 -2.81 -11.90
C LEU B 182 33.55 -3.28 -12.81
N VAL B 183 33.66 -4.60 -12.90
CA VAL B 183 34.65 -5.25 -13.74
C VAL B 183 33.94 -6.08 -14.80
N LEU B 184 34.35 -5.89 -16.05
CA LEU B 184 33.75 -6.58 -17.19
C LEU B 184 34.78 -7.49 -17.83
N TRP B 185 34.37 -8.69 -18.22
CA TRP B 185 35.24 -9.55 -19.04
C TRP B 185 34.36 -10.31 -20.01
N GLY B 186 34.95 -11.11 -20.88
CA GLY B 186 34.15 -11.86 -21.83
C GLY B 186 34.88 -13.09 -22.33
N ILE B 187 34.18 -13.89 -23.13
CA ILE B 187 34.68 -15.11 -23.68
C ILE B 187 34.30 -15.12 -25.16
N HIS B 188 35.28 -15.31 -26.04
CA HIS B 188 34.96 -15.49 -27.46
C HIS B 188 34.81 -16.95 -27.83
N HIS B 189 33.65 -17.28 -28.38
CA HIS B 189 33.31 -18.62 -28.85
C HIS B 189 33.38 -18.69 -30.39
N PRO B 190 34.44 -19.31 -30.92
CA PRO B 190 34.65 -19.46 -32.37
C PRO B 190 33.54 -20.24 -33.04
N ASP B 191 33.29 -19.93 -34.31
CA ASP B 191 32.33 -20.69 -35.12
C ASP B 191 32.82 -22.10 -35.48
N THR B 192 34.14 -22.28 -35.52
CA THR B 192 34.73 -23.56 -35.94
C THR B 192 35.92 -23.94 -35.10
N GLU B 193 36.31 -25.20 -35.17
CA GLU B 193 37.51 -25.66 -34.48
C GLU B 193 38.75 -25.06 -35.14
N ALA B 194 38.73 -24.93 -36.47
CA ALA B 194 39.78 -24.25 -37.20
C ALA B 194 40.06 -22.84 -36.67
N THR B 195 39.02 -22.06 -36.44
CA THR B 195 39.17 -20.71 -35.87
C THR B 195 39.67 -20.74 -34.41
N ALA B 196 39.12 -21.65 -33.61
CA ALA B 196 39.62 -21.85 -32.25
C ALA B 196 41.12 -22.10 -32.23
N ASN B 197 41.56 -23.06 -33.03
CA ASN B 197 42.96 -23.41 -33.12
C ASN B 197 43.81 -22.26 -33.64
N LYS B 198 43.30 -21.56 -34.66
CA LYS B 198 44.05 -20.50 -35.27
C LYS B 198 44.28 -19.34 -34.30
N LEU B 199 43.22 -18.92 -33.59
CA LEU B 199 43.35 -17.82 -32.65
C LEU B 199 44.09 -18.21 -31.36
N TYR B 200 43.77 -19.38 -30.81
CA TYR B 200 44.18 -19.68 -29.43
C TYR B 200 45.19 -20.80 -29.29
N VAL B 201 45.46 -21.48 -30.41
CA VAL B 201 46.49 -22.53 -30.50
C VAL B 201 46.26 -23.76 -29.61
N ASN B 202 45.98 -23.53 -28.35
CA ASN B 202 45.98 -24.61 -27.35
C ASN B 202 44.76 -25.52 -27.45
N LYS B 203 44.95 -26.79 -27.13
CA LYS B 203 43.83 -27.72 -27.11
C LYS B 203 42.98 -27.52 -25.86
N ASN B 204 41.66 -27.66 -26.02
CA ASN B 204 40.71 -27.41 -24.94
C ASN B 204 40.97 -26.14 -24.11
N PRO B 205 41.00 -24.96 -24.75
CA PRO B 205 41.23 -23.69 -24.06
C PRO B 205 40.23 -23.45 -22.95
N TYR B 206 40.71 -22.95 -21.80
CA TYR B 206 39.86 -22.63 -20.66
C TYR B 206 40.14 -21.21 -20.18
N THR B 207 39.16 -20.61 -19.50
CA THR B 207 39.37 -19.37 -18.77
C THR B 207 38.88 -19.60 -17.34
N LEU B 208 39.61 -19.10 -16.35
CA LEU B 208 39.23 -19.23 -14.95
C LEU B 208 39.28 -17.86 -14.33
N VAL B 209 38.14 -17.45 -13.77
CA VAL B 209 38.01 -16.17 -13.10
C VAL B 209 37.56 -16.42 -11.67
N SER B 210 38.27 -15.85 -10.71
CA SER B 210 37.88 -16.09 -9.32
C SER B 210 38.11 -14.89 -8.44
N THR B 211 37.22 -14.72 -7.46
CA THR B 211 37.52 -13.86 -6.33
C THR B 211 37.72 -14.80 -5.14
N LYS B 212 37.84 -14.25 -3.94
CA LYS B 212 37.91 -15.11 -2.75
C LYS B 212 36.52 -15.61 -2.37
N GLU B 213 35.52 -15.17 -3.11
CA GLU B 213 34.14 -15.56 -2.80
C GLU B 213 33.53 -16.51 -3.82
N TRP B 214 33.98 -16.43 -5.07
CA TRP B 214 33.43 -17.30 -6.10
C TRP B 214 34.43 -17.66 -7.16
N SER B 215 34.14 -18.73 -7.91
CA SER B 215 35.02 -19.18 -9.00
C SER B 215 34.23 -19.70 -10.19
N ARG B 216 34.55 -19.18 -11.37
CA ARG B 216 33.88 -19.59 -12.61
C ARG B 216 34.92 -20.06 -13.63
N ARG B 217 34.61 -21.16 -14.30
CA ARG B 217 35.46 -21.67 -15.36
C ARG B 217 34.65 -21.69 -16.67
N TYR B 218 35.31 -21.29 -17.75
CA TYR B 218 34.66 -21.12 -19.06
C TYR B 218 35.42 -21.87 -20.13
N GLU B 219 34.74 -22.76 -20.85
CA GLU B 219 35.35 -23.38 -22.02
C GLU B 219 34.69 -22.81 -23.27
N LEU B 220 35.25 -23.11 -24.44
CA LEU B 220 34.70 -22.59 -25.69
C LEU B 220 33.49 -23.41 -26.13
N GLU B 221 32.45 -22.72 -26.56
CA GLU B 221 31.27 -23.36 -27.13
C GLU B 221 31.25 -23.10 -28.63
N ILE B 222 31.73 -24.07 -29.38
CA ILE B 222 32.02 -23.91 -30.81
C ILE B 222 30.78 -24.14 -31.65
N GLY B 223 30.56 -23.27 -32.64
CA GLY B 223 29.43 -23.42 -33.52
C GLY B 223 29.05 -22.12 -34.19
N THR B 224 28.28 -22.22 -35.27
CA THR B 224 27.89 -21.07 -36.07
C THR B 224 26.70 -20.32 -35.48
N ARG B 225 26.86 -19.00 -35.33
CA ARG B 225 25.78 -18.16 -34.85
C ARG B 225 25.26 -17.28 -35.99
N ILE B 226 24.22 -16.51 -35.72
CA ILE B 226 23.55 -15.71 -36.75
C ILE B 226 23.55 -14.20 -36.53
N GLY B 227 24.42 -13.71 -35.63
CA GLY B 227 24.66 -12.27 -35.52
C GLY B 227 25.14 -11.66 -36.83
N ASP B 228 24.90 -10.36 -37.03
CA ASP B 228 25.34 -9.70 -38.26
C ASP B 228 26.85 -9.58 -38.38
N GLY B 229 27.40 -9.98 -39.52
CA GLY B 229 28.81 -9.76 -39.83
C GLY B 229 29.82 -10.76 -39.27
N GLN B 230 29.35 -11.73 -38.48
CA GLN B 230 30.23 -12.72 -37.86
C GLN B 230 29.48 -14.01 -37.61
N ARG B 231 30.17 -15.14 -37.83
CA ARG B 231 29.60 -16.44 -37.50
C ARG B 231 29.93 -16.89 -36.08
N SER B 232 30.92 -16.27 -35.44
CA SER B 232 31.22 -16.59 -34.02
C SER B 232 30.46 -15.70 -33.03
N TRP B 233 30.74 -15.86 -31.74
CA TRP B 233 29.85 -15.29 -30.73
C TRP B 233 30.64 -14.87 -29.50
N MET B 234 30.27 -13.78 -28.86
CA MET B 234 30.93 -13.38 -27.62
C MET B 234 29.96 -13.37 -26.44
N LYS B 235 30.41 -13.86 -25.30
CA LYS B 235 29.62 -13.76 -24.08
C LYS B 235 30.34 -12.85 -23.08
N ILE B 236 29.63 -11.82 -22.61
CA ILE B 236 30.18 -10.80 -21.73
C ILE B 236 29.63 -10.96 -20.32
N TYR B 237 30.54 -10.93 -19.34
CA TYR B 237 30.20 -11.12 -17.95
C TYR B 237 30.68 -9.93 -17.12
N TRP B 238 30.10 -9.76 -15.94
CA TRP B 238 30.50 -8.64 -15.09
C TRP B 238 30.42 -9.03 -13.62
N HIS B 239 31.15 -8.30 -12.79
CA HIS B 239 31.00 -8.40 -11.35
C HIS B 239 31.30 -7.06 -10.73
N LEU B 240 30.49 -6.71 -9.74
CA LEU B 240 30.67 -5.51 -8.94
C LEU B 240 31.48 -5.86 -7.67
N MET B 241 32.70 -5.36 -7.59
CA MET B 241 33.60 -5.69 -6.49
C MET B 241 33.42 -4.68 -5.37
N HIS B 242 33.19 -5.18 -4.15
CA HIS B 242 33.17 -4.31 -2.98
C HIS B 242 34.62 -4.00 -2.61
N PRO B 243 34.86 -2.92 -1.83
CA PRO B 243 36.22 -2.64 -1.39
C PRO B 243 36.86 -3.86 -0.73
N GLY B 244 38.10 -4.16 -1.09
CA GLY B 244 38.83 -5.25 -0.47
C GLY B 244 38.75 -6.56 -1.22
N GLU B 245 37.77 -6.70 -2.12
CA GLU B 245 37.69 -7.90 -2.94
C GLU B 245 38.90 -7.94 -3.85
N ARG B 246 39.17 -9.12 -4.39
CA ARG B 246 40.24 -9.25 -5.34
C ARG B 246 39.83 -10.29 -6.40
N ILE B 247 40.15 -9.99 -7.66
CA ILE B 247 39.69 -10.86 -8.75
C ILE B 247 40.87 -11.27 -9.63
N THR B 248 40.91 -12.55 -10.01
CA THR B 248 42.01 -13.09 -10.82
C THR B 248 41.48 -13.73 -12.10
N PHE B 249 42.30 -13.67 -13.13
CA PHE B 249 41.97 -14.16 -14.46
C PHE B 249 43.13 -15.03 -14.97
N GLU B 250 42.79 -16.17 -15.54
CA GLU B 250 43.76 -17.05 -16.18
C GLU B 250 43.14 -17.63 -17.43
N SER B 251 43.90 -17.75 -18.51
CA SER B 251 43.30 -18.33 -19.72
C SER B 251 44.32 -19.02 -20.60
N SER B 252 43.89 -20.09 -21.27
CA SER B 252 44.70 -20.65 -22.34
C SER B 252 44.00 -20.42 -23.69
N GLY B 253 43.03 -19.52 -23.71
CA GLY B 253 42.35 -19.15 -24.94
C GLY B 253 40.90 -18.80 -24.75
N GLY B 254 40.50 -17.63 -25.27
CA GLY B 254 39.10 -17.26 -25.29
C GLY B 254 38.75 -16.03 -24.47
N LEU B 255 39.54 -15.76 -23.42
CA LEU B 255 39.32 -14.62 -22.56
C LEU B 255 39.32 -13.30 -23.32
N LEU B 256 38.27 -12.49 -23.09
CA LEU B 256 38.29 -11.09 -23.46
C LEU B 256 38.65 -10.36 -22.15
N ALA B 257 39.91 -9.96 -22.04
CA ALA B 257 40.51 -9.52 -20.79
C ALA B 257 40.02 -8.17 -20.34
N PRO B 258 39.85 -7.99 -19.03
CA PRO B 258 39.37 -6.70 -18.53
C PRO B 258 40.43 -5.62 -18.68
N ARG B 259 40.09 -4.47 -19.26
CA ARG B 259 41.03 -3.36 -19.32
C ARG B 259 40.58 -2.17 -18.46
N TYR B 260 39.37 -1.68 -18.73
CA TYR B 260 38.80 -0.61 -17.94
C TYR B 260 37.58 -1.11 -17.19
N GLY B 261 37.43 -0.61 -15.97
CA GLY B 261 36.23 -0.83 -15.20
C GLY B 261 35.73 0.49 -14.67
N TYR B 262 34.76 0.45 -13.78
CA TYR B 262 34.15 1.70 -13.33
C TYR B 262 34.09 1.74 -11.81
N ILE B 263 34.56 2.83 -11.21
CA ILE B 263 34.42 3.05 -9.77
C ILE B 263 33.10 3.81 -9.55
N ILE B 264 32.20 3.25 -8.77
CA ILE B 264 30.87 3.83 -8.63
C ILE B 264 30.40 3.99 -7.18
N GLU B 265 29.62 5.02 -6.93
CA GLU B 265 29.07 5.27 -5.61
C GLU B 265 27.64 5.75 -5.78
N LYS B 266 26.74 5.32 -4.90
CA LYS B 266 25.33 5.74 -4.94
C LYS B 266 24.73 5.50 -6.32
N TYR B 267 24.50 4.23 -6.63
CA TYR B 267 24.01 3.83 -7.95
C TYR B 267 22.65 3.18 -7.81
N GLY B 268 22.02 2.78 -8.91
CA GLY B 268 20.67 2.24 -8.85
C GLY B 268 19.65 3.31 -8.51
N THR B 269 20.00 4.57 -8.77
CA THR B 269 19.17 5.66 -8.35
C THR B 269 18.32 6.24 -9.49
N GLY B 270 18.57 5.78 -10.71
CA GLY B 270 17.98 6.43 -11.87
C GLY B 270 16.86 5.69 -12.57
N ARG B 271 16.80 5.87 -13.88
CA ARG B 271 15.75 5.28 -14.72
C ARG B 271 16.28 5.27 -16.14
N ILE B 272 15.91 4.27 -16.92
CA ILE B 272 16.22 4.33 -18.34
C ILE B 272 14.95 4.76 -19.08
N PHE B 273 14.91 6.03 -19.43
CA PHE B 273 13.77 6.57 -20.15
C PHE B 273 14.00 6.35 -21.64
N GLN B 274 12.92 6.40 -22.42
CA GLN B 274 12.97 6.17 -23.87
C GLN B 274 13.20 7.44 -24.67
N SER B 275 13.96 7.34 -25.75
CA SER B 275 14.27 8.48 -26.61
C SER B 275 13.03 8.90 -27.37
N GLY B 276 13.04 10.16 -27.84
CA GLY B 276 11.85 10.75 -28.46
C GLY B 276 11.57 12.13 -27.89
N VAL B 277 11.12 12.17 -26.64
CA VAL B 277 11.02 13.43 -25.92
C VAL B 277 12.42 14.03 -25.91
N ARG B 278 12.52 15.33 -26.16
CA ARG B 278 13.83 15.95 -26.32
C ARG B 278 14.52 16.36 -25.02
N LEU B 279 15.84 16.26 -25.01
CA LEU B 279 16.64 16.74 -23.88
C LEU B 279 16.81 18.24 -24.05
N ALA B 280 16.62 18.98 -22.96
CA ALA B 280 16.74 20.43 -23.00
C ALA B 280 17.58 20.99 -21.85
N LYS B 281 18.01 22.24 -22.01
CA LYS B 281 18.65 22.95 -20.92
C LYS B 281 17.57 23.46 -19.97
N CYS B 282 17.33 22.68 -18.93
CA CYS B 282 16.34 23.00 -17.91
C CYS B 282 16.64 22.08 -16.74
N ASN B 283 16.12 22.40 -15.58
CA ASN B 283 16.33 21.59 -14.40
C ASN B 283 15.01 21.45 -13.66
N THR B 284 14.84 20.34 -12.96
CA THR B 284 13.54 19.97 -12.39
C THR B 284 13.74 19.05 -11.19
N LYS B 285 12.79 19.03 -10.25
CA LYS B 285 12.84 18.15 -9.07
C LYS B 285 12.39 16.72 -9.40
N CYS B 286 11.68 16.56 -10.50
CA CYS B 286 10.98 15.31 -10.81
C CYS B 286 10.87 15.11 -12.29
N GLN B 287 11.58 14.11 -12.83
CA GLN B 287 11.50 13.81 -14.26
C GLN B 287 10.50 12.69 -14.53
N THR B 288 9.58 12.92 -15.47
CA THR B 288 8.72 11.83 -15.95
C THR B 288 9.03 11.57 -17.41
N SER B 289 8.44 10.51 -17.97
CA SER B 289 8.74 10.15 -19.36
C SER B 289 8.09 11.13 -20.35
N MET B 290 7.18 11.94 -19.82
CA MET B 290 6.45 12.99 -20.55
C MET B 290 7.14 14.36 -20.45
N GLY B 291 7.86 14.58 -19.37
CA GLY B 291 8.48 15.88 -19.13
C GLY B 291 8.78 16.08 -17.66
N GLY B 292 9.51 17.15 -17.35
CA GLY B 292 9.88 17.45 -15.99
C GLY B 292 8.83 18.27 -15.24
N ILE B 293 8.73 18.02 -13.93
CA ILE B 293 7.78 18.72 -13.07
C ILE B 293 8.45 19.55 -11.98
N ASN B 294 8.17 20.84 -11.97
CA ASN B 294 8.58 21.70 -10.86
C ASN B 294 7.34 22.26 -10.15
N THR B 295 7.04 21.75 -8.96
CA THR B 295 5.80 22.10 -8.29
C THR B 295 5.93 21.82 -6.81
N ASN B 296 5.11 22.48 -6.00
CA ASN B 296 5.03 22.15 -4.59
C ASN B 296 3.76 21.37 -4.29
N LYS B 297 2.96 21.13 -5.33
CA LYS B 297 1.80 20.24 -5.21
C LYS B 297 2.28 18.82 -4.93
N THR B 298 1.51 18.06 -4.17
CA THR B 298 1.96 16.72 -3.76
C THR B 298 1.34 15.58 -4.55
N PHE B 299 0.55 15.90 -5.56
CA PHE B 299 -0.01 14.91 -6.47
C PHE B 299 0.24 15.36 -7.88
N GLN B 300 0.36 14.40 -8.80
CA GLN B 300 0.33 14.72 -10.23
C GLN B 300 -0.49 13.66 -10.94
N ASN B 301 -1.05 14.00 -12.09
CA ASN B 301 -1.81 13.02 -12.86
C ASN B 301 -1.30 12.92 -14.28
N ILE B 302 -0.03 13.31 -14.48
CA ILE B 302 0.55 13.39 -15.80
C ILE B 302 1.09 12.05 -16.33
N GLU B 303 1.91 11.38 -15.52
CA GLU B 303 2.66 10.21 -15.98
C GLU B 303 3.14 9.33 -14.81
N ARG B 304 2.88 8.03 -14.89
CA ARG B 304 3.19 7.14 -13.78
C ARG B 304 4.68 6.82 -13.73
N ASN B 305 5.35 7.00 -14.86
CA ASN B 305 6.79 6.74 -14.95
C ASN B 305 7.52 7.99 -14.52
N ALA B 306 7.78 8.09 -13.21
CA ALA B 306 8.35 9.31 -12.63
C ALA B 306 9.54 9.03 -11.72
N LEU B 307 10.49 9.95 -11.70
CA LEU B 307 11.75 9.78 -10.97
C LEU B 307 12.16 11.04 -10.21
N GLY B 308 12.49 10.88 -8.93
CA GLY B 308 13.09 11.96 -8.18
C GLY B 308 12.23 12.47 -7.02
N ASP B 309 12.35 13.76 -6.75
CA ASP B 309 11.62 14.42 -5.69
C ASP B 309 10.20 14.76 -6.20
N CYS B 310 9.33 13.76 -6.19
CA CYS B 310 8.10 13.82 -6.96
C CYS B 310 6.83 13.91 -6.16
N PRO B 311 5.82 14.58 -6.72
CA PRO B 311 4.44 14.43 -6.28
C PRO B 311 4.03 12.98 -6.51
N LYS B 312 3.06 12.47 -5.78
CA LYS B 312 2.58 11.12 -6.02
C LYS B 312 1.69 11.09 -7.27
N TYR B 313 1.97 10.18 -8.20
CA TYR B 313 1.09 10.01 -9.34
C TYR B 313 -0.23 9.42 -8.86
N ILE B 314 -1.33 9.95 -9.37
CA ILE B 314 -2.65 9.40 -9.05
C ILE B 314 -3.51 9.33 -10.31
N LYS B 315 -4.43 8.38 -10.34
CA LYS B 315 -5.33 8.24 -11.46
C LYS B 315 -6.55 9.08 -11.14
N SER B 316 -6.50 10.34 -11.55
CA SER B 316 -7.51 11.27 -11.12
C SER B 316 -7.48 12.50 -11.99
N GLY B 317 -8.61 13.19 -12.05
CA GLY B 317 -8.61 14.52 -12.63
C GLY B 317 -8.16 15.48 -11.55
N GLN B 318 -8.43 16.76 -11.76
CA GLN B 318 -8.00 17.78 -10.81
C GLN B 318 -8.74 17.62 -9.47
N LEU B 319 -8.06 17.94 -8.37
CA LEU B 319 -8.69 17.92 -7.05
C LEU B 319 -8.69 19.31 -6.39
N LYS B 320 -9.84 19.99 -6.40
CA LYS B 320 -9.93 21.34 -5.84
C LYS B 320 -10.34 21.31 -4.38
N LEU B 321 -9.44 21.81 -3.55
CA LEU B 321 -9.62 21.86 -2.09
C LEU B 321 -10.18 23.23 -1.72
N ALA B 322 -11.41 23.25 -1.20
CA ALA B 322 -12.07 24.49 -0.83
C ALA B 322 -11.34 25.24 0.28
N THR B 323 -11.19 26.55 0.11
CA THR B 323 -10.58 27.37 1.15
C THR B 323 -11.56 28.46 1.56
N GLY B 324 -12.28 28.97 0.58
CA GLY B 324 -13.18 30.08 0.80
C GLY B 324 -14.57 29.71 1.29
N LEU B 325 -15.50 30.66 1.16
CA LEU B 325 -16.82 30.52 1.74
C LEU B 325 -17.84 29.98 0.74
N ARG B 326 -18.88 29.34 1.28
CA ARG B 326 -20.10 29.05 0.54
C ARG B 326 -21.05 30.23 0.82
N ASN B 327 -20.92 31.30 0.04
CA ASN B 327 -21.74 32.51 0.22
C ASN B 327 -22.69 32.71 -0.94
N VAL B 328 -23.80 31.96 -0.92
CA VAL B 328 -24.71 31.88 -2.04
C VAL B 328 -26.12 32.26 -1.58
N PRO B 329 -27.00 32.64 -2.53
CA PRO B 329 -28.38 33.03 -2.19
C PRO B 329 -29.11 32.08 -1.23
N SER B 330 -28.93 30.77 -1.38
CA SER B 330 -29.74 29.81 -0.62
C SER B 330 -29.34 29.61 0.86
N ILE B 331 -28.22 30.21 1.28
CA ILE B 331 -27.78 30.04 2.68
C ILE B 331 -28.82 30.56 3.68
N GLY B 332 -29.70 31.46 3.22
CA GLY B 332 -30.72 32.03 4.07
C GLY B 332 -31.66 30.96 4.57
N GLU B 333 -31.78 29.88 3.80
CA GLU B 333 -32.63 28.77 4.19
C GLU B 333 -32.13 28.11 5.48
N ARG B 334 -30.85 28.32 5.78
CA ARG B 334 -30.24 27.74 6.97
C ARG B 334 -29.97 28.82 8.02
N GLY B 335 -30.68 29.94 7.89
CA GLY B 335 -30.57 31.01 8.86
C GLY B 335 -29.28 31.83 8.78
N LEU B 336 -28.62 31.77 7.64
CA LEU B 336 -27.32 32.42 7.48
C LEU B 336 -27.44 33.69 6.65
N PHE B 337 -26.61 34.68 6.94
CA PHE B 337 -26.65 35.92 6.19
C PHE B 337 -25.41 36.07 5.32
N GLY B 338 -25.61 36.61 4.12
CA GLY B 338 -24.51 36.92 3.25
C GLY B 338 -24.79 38.11 2.36
N ALA B 339 -23.76 38.92 2.18
CA ALA B 339 -23.82 40.06 1.28
C ALA B 339 -22.76 39.98 0.18
N ILE B 340 -23.18 40.32 -1.03
CA ILE B 340 -22.33 40.29 -2.21
C ILE B 340 -21.94 41.70 -2.65
N ALA B 341 -20.64 42.01 -2.56
CA ALA B 341 -20.14 43.33 -2.91
C ALA B 341 -18.96 43.20 -3.85
N GLY B 342 -18.82 44.14 -4.79
CA GLY B 342 -17.72 44.13 -5.73
C GLY B 342 -16.46 44.79 -5.18
N PHE B 343 -16.60 45.44 -4.02
CA PHE B 343 -15.54 46.23 -3.44
C PHE B 343 -15.79 46.38 -1.95
N ILE B 344 -14.76 46.29 -1.12
CA ILE B 344 -14.92 46.63 0.29
C ILE B 344 -14.03 47.80 0.74
N GLU B 345 -12.81 47.51 1.19
CA GLU B 345 -11.84 48.50 1.69
C GLU B 345 -10.68 47.78 2.36
N GLY B 346 -9.53 47.78 1.71
CA GLY B 346 -8.43 46.94 2.13
C GLY B 346 -8.51 45.66 1.34
N GLY B 347 -9.55 45.59 0.51
CA GLY B 347 -9.81 44.46 -0.36
C GLY B 347 -10.16 43.19 0.38
N TRP B 348 -10.30 42.10 -0.36
CA TRP B 348 -10.60 40.80 0.24
C TRP B 348 -9.30 40.08 0.58
N PRO B 349 -9.30 39.31 1.69
CA PRO B 349 -8.18 38.45 2.11
C PRO B 349 -7.88 37.39 1.05
N GLY B 350 -6.59 37.19 0.74
CA GLY B 350 -6.19 36.32 -0.35
C GLY B 350 -6.62 34.88 -0.25
N LEU B 351 -6.51 34.29 0.94
CA LEU B 351 -6.81 32.87 1.14
C LEU B 351 -8.29 32.53 1.02
N ILE B 352 -9.15 33.24 1.73
CA ILE B 352 -10.59 32.91 1.74
C ILE B 352 -11.50 33.81 0.85
N ASN B 353 -11.03 35.02 0.53
CA ASN B 353 -11.74 35.87 -0.43
C ASN B 353 -13.26 36.10 -0.19
N GLY B 354 -13.68 36.60 0.98
CA GLY B 354 -12.79 37.16 1.97
C GLY B 354 -13.23 37.35 3.42
N TRP B 355 -14.39 37.94 3.71
CA TRP B 355 -14.66 38.34 5.12
C TRP B 355 -15.87 37.74 5.84
N TYR B 356 -15.71 37.49 7.14
CA TYR B 356 -16.84 37.42 8.07
C TYR B 356 -17.05 38.88 8.46
N GLY B 357 -18.30 39.30 8.62
CA GLY B 357 -18.55 40.67 9.01
C GLY B 357 -20.01 41.05 9.15
N PHE B 358 -20.24 42.36 9.03
CA PHE B 358 -21.52 42.97 9.35
C PHE B 358 -22.05 43.80 8.19
N GLN B 359 -23.37 43.82 8.06
CA GLN B 359 -24.03 44.81 7.24
C GLN B 359 -25.06 45.53 8.09
N HIS B 360 -25.02 46.85 8.14
CA HIS B 360 -25.95 47.60 8.99
C HIS B 360 -26.87 48.49 8.17
N GLN B 361 -27.98 48.92 8.79
CA GLN B 361 -28.91 49.86 8.19
C GLN B 361 -29.55 50.72 9.28
N ASN B 362 -29.40 52.03 9.16
CA ASN B 362 -30.07 52.94 10.08
C ASN B 362 -30.50 54.18 9.32
N GLU B 363 -30.93 55.22 10.05
CA GLU B 363 -31.45 56.40 9.37
C GLU B 363 -30.36 57.21 8.66
N GLN B 364 -29.09 56.98 9.05
CA GLN B 364 -27.97 57.62 8.37
C GLN B 364 -27.58 56.93 7.06
N GLY B 365 -27.94 55.65 6.92
CA GLY B 365 -27.59 54.89 5.73
C GLY B 365 -27.17 53.45 5.99
N THR B 366 -26.27 52.94 5.13
CA THR B 366 -25.81 51.54 5.10
C THR B 366 -24.46 51.55 4.32
N GLY B 367 -23.54 50.59 4.54
CA GLY B 367 -23.55 49.63 5.61
C GLY B 367 -22.82 48.28 5.55
N ILE B 368 -21.53 48.18 5.15
CA ILE B 368 -20.78 46.90 5.34
C ILE B 368 -19.36 47.04 5.96
N ALA B 369 -19.00 46.12 6.85
CA ALA B 369 -17.72 46.21 7.55
C ALA B 369 -17.24 44.83 8.01
N ALA B 370 -15.94 44.55 7.84
CA ALA B 370 -15.39 43.24 8.20
C ALA B 370 -15.13 43.09 9.70
N ASP B 371 -15.32 41.88 10.23
CA ASP B 371 -14.80 41.56 11.57
C ASP B 371 -13.46 40.88 11.39
N LYS B 372 -12.37 41.62 11.66
CA LYS B 372 -11.03 41.12 11.38
C LYS B 372 -10.60 39.95 12.25
N THR B 373 -10.89 40.00 13.55
CA THR B 373 -10.46 38.95 14.46
C THR B 373 -11.02 37.56 14.09
N SER B 374 -12.34 37.48 13.93
CA SER B 374 -12.94 36.19 13.59
C SER B 374 -12.44 35.67 12.23
N THR B 375 -12.36 36.56 11.25
CA THR B 375 -11.88 36.18 9.93
C THR B 375 -10.43 35.70 9.97
N GLN B 376 -9.58 36.40 10.70
CA GLN B 376 -8.18 36.02 10.79
C GLN B 376 -8.06 34.69 11.48
N LYS B 377 -8.94 34.44 12.45
CA LYS B 377 -8.99 33.13 13.11
C LYS B 377 -9.26 32.04 12.07
N ALA B 378 -10.23 32.29 11.20
CA ALA B 378 -10.58 31.34 10.16
C ALA B 378 -9.42 31.15 9.20
N ILE B 379 -8.74 32.24 8.86
CA ILE B 379 -7.59 32.19 7.96
C ILE B 379 -6.46 31.35 8.54
N ASN B 380 -6.18 31.53 9.83
CA ASN B 380 -5.21 30.69 10.50
C ASN B 380 -5.63 29.23 10.49
N GLU B 381 -6.92 28.99 10.72
CA GLU B 381 -7.46 27.63 10.65
C GLU B 381 -7.26 26.96 9.28
N ILE B 382 -7.68 27.62 8.21
CA ILE B 382 -7.57 27.06 6.86
C ILE B 382 -6.10 26.87 6.49
N THR B 383 -5.29 27.85 6.87
CA THR B 383 -3.86 27.79 6.61
C THR B 383 -3.25 26.55 7.25
N THR B 384 -3.63 26.33 8.50
CA THR B 384 -3.14 25.18 9.26
C THR B 384 -3.60 23.86 8.63
N LYS B 385 -4.86 23.79 8.22
CA LYS B 385 -5.38 22.61 7.52
C LYS B 385 -4.60 22.27 6.24
N ILE B 386 -4.51 23.26 5.34
CA ILE B 386 -3.82 23.09 4.06
C ILE B 386 -2.37 22.65 4.28
N ASN B 387 -1.68 23.37 5.14
CA ASN B 387 -0.29 23.07 5.43
C ASN B 387 -0.13 21.68 6.05
N ASN B 388 -1.10 21.25 6.84
CA ASN B 388 -1.10 19.88 7.33
C ASN B 388 -1.28 18.83 6.23
N ILE B 389 -2.29 19.04 5.38
CA ILE B 389 -2.55 18.11 4.29
C ILE B 389 -1.35 17.96 3.36
N ILE B 390 -0.73 19.09 3.05
CA ILE B 390 0.37 19.11 2.08
C ILE B 390 1.72 18.75 2.69
N GLU B 391 2.12 19.44 3.75
CA GLU B 391 3.46 19.25 4.31
C GLU B 391 3.69 17.86 4.91
N LYS B 392 2.64 17.17 5.32
CA LYS B 392 2.80 15.87 5.96
C LYS B 392 2.99 14.76 4.92
N MET B 393 2.76 15.09 3.65
CA MET B 393 3.13 14.20 2.57
C MET B 393 4.61 14.36 2.24
N ASN B 394 5.47 13.88 3.13
CA ASN B 394 6.90 14.09 2.96
C ASN B 394 7.69 12.79 2.78
N GLY B 395 7.04 11.79 2.20
CA GLY B 395 7.69 10.51 1.97
C GLY B 395 8.29 10.45 0.58
N ASN B 396 8.39 9.24 0.03
CA ASN B 396 8.97 9.05 -1.28
C ASN B 396 7.91 8.56 -2.26
N TYR B 397 7.60 9.38 -3.27
CA TYR B 397 6.44 9.11 -4.13
C TYR B 397 6.73 8.92 -5.62
N ASP B 398 7.98 8.79 -6.02
CA ASP B 398 8.24 8.47 -7.41
C ASP B 398 7.92 6.99 -7.66
N SER B 399 8.05 6.56 -8.91
CA SER B 399 7.61 5.22 -9.30
C SER B 399 8.33 4.12 -8.54
N ILE B 400 7.59 3.07 -8.21
CA ILE B 400 8.22 1.83 -7.75
C ILE B 400 8.51 1.00 -8.99
N ARG B 401 9.79 0.86 -9.30
CA ARG B 401 10.15 0.47 -10.64
C ARG B 401 11.54 -0.15 -10.69
N GLY B 402 11.83 -0.88 -11.75
CA GLY B 402 13.16 -1.41 -11.95
C GLY B 402 13.48 -1.46 -13.44
N GLU B 403 14.72 -1.83 -13.77
CA GLU B 403 15.10 -2.11 -15.14
C GLU B 403 15.17 -3.60 -15.28
N PHE B 404 14.58 -4.12 -16.34
CA PHE B 404 14.49 -5.56 -16.57
C PHE B 404 14.76 -5.86 -18.04
N ASN B 405 15.33 -7.04 -18.33
CA ASN B 405 15.50 -7.46 -19.72
C ASN B 405 14.29 -8.26 -20.21
N GLN B 406 14.36 -8.75 -21.45
CA GLN B 406 13.20 -9.39 -22.08
C GLN B 406 12.83 -10.72 -21.41
N VAL B 407 13.84 -11.30 -20.78
CA VAL B 407 13.74 -12.60 -20.12
C VAL B 407 13.00 -12.50 -18.77
N GLU B 408 13.03 -11.32 -18.15
CA GLU B 408 12.44 -11.20 -16.80
C GLU B 408 11.05 -10.55 -16.78
N LYS B 409 10.15 -11.09 -17.59
CA LYS B 409 8.82 -10.54 -17.73
C LYS B 409 8.02 -10.66 -16.43
N ARG B 410 8.08 -11.81 -15.76
CA ARG B 410 7.27 -11.99 -14.55
C ARG B 410 7.58 -10.95 -13.47
N ILE B 411 8.85 -10.80 -13.11
CA ILE B 411 9.22 -9.83 -12.08
C ILE B 411 8.94 -8.38 -12.52
N ASN B 412 9.18 -8.08 -13.79
CA ASN B 412 8.79 -6.80 -14.36
C ASN B 412 7.30 -6.51 -14.15
N MET B 413 6.45 -7.50 -14.47
CA MET B 413 4.99 -7.37 -14.28
C MET B 413 4.57 -7.20 -12.82
N ILE B 414 5.21 -7.96 -11.93
CA ILE B 414 4.91 -7.85 -10.51
C ILE B 414 5.30 -6.48 -9.97
N ALA B 415 6.50 -6.03 -10.33
CA ALA B 415 6.96 -4.70 -9.93
C ALA B 415 5.99 -3.62 -10.38
N ASP B 416 5.59 -3.68 -11.66
CA ASP B 416 4.66 -2.71 -12.18
C ASP B 416 3.29 -2.78 -11.48
N ARG B 417 2.82 -3.99 -11.17
CA ARG B 417 1.58 -4.12 -10.44
C ARG B 417 1.65 -3.53 -9.02
N VAL B 418 2.78 -3.67 -8.35
CA VAL B 418 2.89 -3.10 -7.01
C VAL B 418 2.90 -1.57 -7.11
N ASP B 419 3.64 -1.03 -8.08
CA ASP B 419 3.55 0.41 -8.34
C ASP B 419 2.08 0.82 -8.53
N ASP B 420 1.34 0.04 -9.31
CA ASP B 420 -0.05 0.36 -9.63
C ASP B 420 -0.98 0.27 -8.41
N ALA B 421 -0.77 -0.72 -7.56
CA ALA B 421 -1.56 -0.85 -6.31
C ALA B 421 -1.30 0.29 -5.34
N VAL B 422 -0.03 0.67 -5.20
CA VAL B 422 0.27 1.82 -4.33
C VAL B 422 -0.41 3.06 -4.90
N THR B 423 -0.35 3.20 -6.22
CA THR B 423 -1.05 4.31 -6.88
C THR B 423 -2.55 4.29 -6.62
N ASP B 424 -3.16 3.10 -6.66
CA ASP B 424 -4.60 2.99 -6.45
C ASP B 424 -4.98 3.40 -5.02
N ILE B 425 -4.14 3.03 -4.06
CA ILE B 425 -4.39 3.48 -2.68
C ILE B 425 -4.34 5.00 -2.58
N TRP B 426 -3.26 5.59 -3.07
CA TRP B 426 -3.16 7.04 -3.00
C TRP B 426 -4.28 7.77 -3.75
N SER B 427 -4.70 7.22 -4.87
CA SER B 427 -5.73 7.87 -5.71
C SER B 427 -7.06 7.90 -4.97
N TYR B 428 -7.47 6.75 -4.44
CA TYR B 428 -8.74 6.71 -3.71
C TYR B 428 -8.69 7.61 -2.48
N ASN B 429 -7.61 7.48 -1.71
CA ASN B 429 -7.47 8.31 -0.50
C ASN B 429 -7.48 9.83 -0.78
N ALA B 430 -6.76 10.25 -1.81
CA ALA B 430 -6.78 11.65 -2.23
C ALA B 430 -8.21 12.13 -2.57
N LYS B 431 -8.90 11.38 -3.42
CA LYS B 431 -10.27 11.79 -3.82
C LYS B 431 -11.19 11.94 -2.60
N LEU B 432 -11.17 10.94 -1.73
CA LEU B 432 -12.06 10.98 -0.57
C LEU B 432 -11.69 12.08 0.41
N LEU B 433 -10.39 12.24 0.66
CA LEU B 433 -9.92 13.30 1.55
C LEU B 433 -10.42 14.65 1.05
N VAL B 434 -10.27 14.92 -0.24
CA VAL B 434 -10.75 16.21 -0.74
C VAL B 434 -12.27 16.39 -0.57
N LEU B 435 -13.06 15.38 -0.93
CA LEU B 435 -14.52 15.53 -0.76
C LEU B 435 -14.96 15.77 0.70
N ILE B 436 -14.45 14.91 1.58
CA ILE B 436 -14.80 15.00 3.00
C ILE B 436 -14.35 16.34 3.58
N GLU B 437 -13.08 16.69 3.33
CA GLU B 437 -12.53 17.92 3.88
C GLU B 437 -13.21 19.16 3.31
N ASN B 438 -13.72 19.09 2.09
CA ASN B 438 -14.46 20.21 1.54
C ASN B 438 -15.79 20.44 2.29
N ASP B 439 -16.51 19.35 2.55
CA ASP B 439 -17.70 19.48 3.41
C ASP B 439 -17.33 20.11 4.76
N ARG B 440 -16.27 19.60 5.38
CA ARG B 440 -15.87 20.09 6.70
C ARG B 440 -15.48 21.57 6.69
N THR B 441 -14.73 22.00 5.68
CA THR B 441 -14.29 23.39 5.56
C THR B 441 -15.50 24.32 5.43
N LEU B 442 -16.43 23.97 4.55
CA LEU B 442 -17.60 24.81 4.37
C LEU B 442 -18.46 24.91 5.65
N ASP B 443 -18.66 23.78 6.31
CA ASP B 443 -19.38 23.79 7.58
C ASP B 443 -18.64 24.54 8.66
N LEU B 444 -17.32 24.58 8.56
CA LEU B 444 -16.49 25.30 9.53
C LEU B 444 -16.71 26.80 9.39
N HIS B 445 -16.70 27.29 8.15
CA HIS B 445 -17.01 28.72 7.97
C HIS B 445 -18.40 29.05 8.53
N ASP B 446 -19.38 28.21 8.19
CA ASP B 446 -20.71 28.40 8.76
C ASP B 446 -20.72 28.47 10.29
N ALA B 447 -20.04 27.51 10.92
CA ALA B 447 -19.98 27.49 12.38
C ALA B 447 -19.38 28.78 12.92
N ASN B 448 -18.27 29.21 12.30
CA ASN B 448 -17.63 30.46 12.72
C ASN B 448 -18.50 31.72 12.66
N VAL B 449 -19.27 31.88 11.57
CA VAL B 449 -20.17 33.05 11.50
C VAL B 449 -21.39 32.92 12.41
N ARG B 450 -21.82 31.69 12.68
CA ARG B 450 -22.87 31.48 13.66
C ARG B 450 -22.40 31.88 15.06
N ASN B 451 -21.18 31.54 15.40
CA ASN B 451 -20.64 31.95 16.69
C ASN B 451 -20.55 33.47 16.76
N LEU B 452 -20.04 34.09 15.71
CA LEU B 452 -20.08 35.57 15.65
C LEU B 452 -21.50 36.14 15.94
N HIS B 453 -22.48 35.58 15.24
CA HIS B 453 -23.88 35.92 15.40
C HIS B 453 -24.35 35.78 16.84
N GLU B 454 -24.00 34.67 17.47
CA GLU B 454 -24.38 34.43 18.86
C GLU B 454 -23.73 35.41 19.82
N GLN B 455 -22.52 35.83 19.51
CA GLN B 455 -21.84 36.84 20.34
C GLN B 455 -22.59 38.16 20.27
N ILE B 456 -23.00 38.55 19.07
CA ILE B 456 -23.80 39.78 18.96
C ILE B 456 -25.14 39.63 19.68
N LYS B 457 -25.76 38.47 19.54
CA LYS B 457 -27.05 38.20 20.18
C LYS B 457 -26.91 38.35 21.68
N ARG B 458 -25.80 37.86 22.21
CA ARG B 458 -25.50 37.96 23.63
C ARG B 458 -25.33 39.42 24.05
N ALA B 459 -24.65 40.19 23.21
CA ALA B 459 -24.45 41.61 23.50
C ALA B 459 -25.77 42.39 23.51
N LEU B 460 -26.64 42.13 22.55
CA LEU B 460 -27.85 42.91 22.38
C LEU B 460 -28.91 42.54 23.41
N LYS B 461 -28.94 41.25 23.78
CA LYS B 461 -29.91 40.77 24.77
C LYS B 461 -31.34 41.13 24.37
N ASP B 462 -32.08 41.77 25.27
CA ASP B 462 -33.48 42.07 24.99
C ASP B 462 -33.72 43.36 24.18
N ASN B 463 -32.65 43.96 23.68
CA ASN B 463 -32.74 45.22 22.95
C ASN B 463 -32.93 45.02 21.45
N ALA B 464 -33.01 43.75 21.03
CA ALA B 464 -33.11 43.43 19.62
C ALA B 464 -33.98 42.20 19.40
N ILE B 465 -34.61 42.14 18.23
CA ILE B 465 -35.36 40.97 17.77
C ILE B 465 -34.51 40.18 16.77
N ASP B 466 -34.35 38.89 17.04
CA ASP B 466 -33.63 37.97 16.18
C ASP B 466 -34.62 37.55 15.11
N GLU B 467 -34.37 37.95 13.87
CA GLU B 467 -35.30 37.60 12.80
C GLU B 467 -34.98 36.25 12.13
N GLY B 468 -34.06 35.50 12.73
CA GLY B 468 -33.74 34.14 12.28
C GLY B 468 -33.06 34.05 10.92
N ASP B 469 -32.57 35.18 10.42
CA ASP B 469 -31.93 35.21 9.11
C ASP B 469 -30.53 35.80 9.19
N GLY B 470 -29.93 35.78 10.37
CA GLY B 470 -28.63 36.41 10.56
C GLY B 470 -28.72 37.89 10.95
N CYS B 471 -29.93 38.45 10.90
CA CYS B 471 -30.10 39.86 11.20
C CYS B 471 -30.83 40.12 12.53
N PHE B 472 -30.46 41.22 13.18
CA PHE B 472 -31.11 41.70 14.38
C PHE B 472 -31.76 43.06 14.13
N SER B 473 -33.05 43.15 14.38
CA SER B 473 -33.73 44.43 14.37
C SER B 473 -33.60 45.08 15.75
N ILE B 474 -32.94 46.23 15.78
CA ILE B 474 -32.60 46.89 17.04
C ILE B 474 -33.75 47.76 17.55
N LEU B 475 -34.13 47.58 18.82
CA LEU B 475 -35.35 48.21 19.38
C LEU B 475 -35.11 49.64 19.88
N HIS B 476 -34.10 50.28 19.33
CA HIS B 476 -33.81 51.65 19.70
C HIS B 476 -33.05 52.30 18.58
N LYS B 477 -33.01 53.63 18.57
CA LYS B 477 -32.18 54.33 17.58
C LYS B 477 -30.72 53.86 17.72
N CYS B 478 -30.14 53.41 16.62
CA CYS B 478 -28.73 52.98 16.66
C CYS B 478 -27.96 53.65 15.52
N ASN B 479 -27.35 54.79 15.82
CA ASN B 479 -26.57 55.53 14.82
C ASN B 479 -25.23 54.84 14.55
N ASP B 480 -24.40 55.42 13.68
CA ASP B 480 -23.13 54.79 13.32
C ASP B 480 -22.20 54.61 14.52
N SER B 481 -22.27 55.52 15.49
CA SER B 481 -21.44 55.36 16.69
C SER B 481 -21.91 54.12 17.47
N CYS B 482 -23.23 53.97 17.56
CA CYS B 482 -23.82 52.82 18.24
C CYS B 482 -23.44 51.51 17.55
N MET B 483 -23.62 51.50 16.22
CA MET B 483 -23.31 50.35 15.40
C MET B 483 -21.85 49.92 15.59
N GLU B 484 -20.94 50.90 15.53
CA GLU B 484 -19.55 50.62 15.82
C GLU B 484 -19.30 50.08 17.23
N THR B 485 -20.05 50.54 18.24
CA THR B 485 -19.94 49.89 19.56
C THR B 485 -20.38 48.42 19.49
N ILE B 486 -21.34 48.12 18.63
CA ILE B 486 -21.78 46.74 18.48
C ILE B 486 -20.69 45.89 17.79
N ARG B 487 -20.11 46.41 16.71
CA ARG B 487 -19.04 45.70 15.99
C ARG B 487 -17.74 45.51 16.81
N ASN B 488 -17.43 46.44 17.71
CA ASN B 488 -16.20 46.31 18.50
C ASN B 488 -16.36 45.73 19.91
N GLY B 489 -17.54 45.18 20.19
CA GLY B 489 -17.77 44.50 21.46
C GLY B 489 -17.91 45.39 22.70
N THR B 490 -18.31 46.64 22.53
CA THR B 490 -18.40 47.54 23.68
C THR B 490 -19.82 48.00 23.99
N TYR B 491 -20.78 47.62 23.15
CA TYR B 491 -22.18 47.93 23.37
C TYR B 491 -22.66 47.39 24.71
N ASN B 492 -23.24 48.26 25.52
CA ASN B 492 -23.86 47.88 26.79
C ASN B 492 -25.36 48.00 26.69
N HIS B 493 -26.08 46.88 26.81
CA HIS B 493 -27.52 46.89 26.61
C HIS B 493 -28.26 47.79 27.61
N GLU B 494 -27.74 47.91 28.83
CA GLU B 494 -28.33 48.74 29.88
C GLU B 494 -28.54 50.17 29.42
N ASP B 495 -27.58 50.69 28.66
CA ASP B 495 -27.64 52.06 28.16
C ASP B 495 -28.94 52.38 27.43
N TYR B 496 -29.56 51.36 26.84
CA TYR B 496 -30.72 51.60 25.97
C TYR B 496 -31.96 50.95 26.53
N LYS B 497 -31.86 50.46 27.77
CA LYS B 497 -32.93 49.62 28.29
C LYS B 497 -34.30 50.33 28.24
N GLU B 498 -34.36 51.52 28.85
CA GLU B 498 -35.59 52.33 28.88
C GLU B 498 -36.14 52.58 27.46
N GLU B 499 -35.26 52.85 26.50
CA GLU B 499 -35.76 53.16 25.15
C GLU B 499 -36.33 51.86 24.53
N SER B 500 -35.59 50.76 24.72
CA SER B 500 -35.94 49.50 24.04
C SER B 500 -37.24 48.91 24.57
N GLN B 501 -37.49 49.09 25.86
CA GLN B 501 -38.72 48.58 26.44
C GLN B 501 -39.92 49.38 25.95
N LEU B 502 -39.69 50.65 25.62
CA LEU B 502 -40.80 51.46 25.10
C LEU B 502 -41.14 50.99 23.69
N LYS B 503 -40.12 50.93 22.85
CA LYS B 503 -40.27 50.48 21.46
C LYS B 503 -40.89 49.08 21.40
N ARG B 504 -40.44 48.20 22.29
CA ARG B 504 -40.97 46.84 22.27
C ARG B 504 -42.46 46.86 22.58
N GLN B 505 -42.88 47.69 23.51
CA GLN B 505 -44.30 47.79 23.82
C GLN B 505 -45.01 48.23 22.54
N GLU B 506 -44.42 49.24 21.89
CA GLU B 506 -45.04 49.84 20.73
C GLU B 506 -45.29 48.80 19.67
N ILE B 507 -44.22 48.13 19.24
CA ILE B 507 -44.27 47.07 18.25
C ILE B 507 -45.22 45.95 18.65
N GLU B 508 -45.25 45.62 19.94
CA GLU B 508 -46.13 44.53 20.39
C GLU B 508 -47.60 44.89 20.15
N GLY B 509 -47.91 46.19 20.19
CA GLY B 509 -49.28 46.63 19.99
C GLY B 509 -49.72 46.77 18.53
N ILE B 510 -48.80 46.71 17.58
CA ILE B 510 -49.17 46.87 16.16
C ILE B 510 -49.97 45.65 15.64
N ARG B 511 -50.94 45.89 14.76
CA ARG B 511 -51.80 44.83 14.20
C ARG B 511 -51.96 45.02 12.68
N LEU B 512 -51.65 43.97 11.90
CA LEU B 512 -51.82 44.02 10.45
C LEU B 512 -53.27 44.28 10.12
N VAL B 513 -54.14 43.40 10.62
CA VAL B 513 -55.59 43.60 10.61
C VAL B 513 -56.02 44.15 11.98
N PRO B 514 -56.63 45.36 12.02
CA PRO B 514 -57.04 45.96 13.31
C PRO B 514 -57.78 44.97 14.20
N ARG B 515 -57.51 44.98 15.50
CA ARG B 515 -58.23 44.07 16.40
C ARG B 515 -59.69 44.49 16.57
N ALA C 7 -21.41 44.52 47.88
CA ALA C 7 -21.62 44.03 46.52
C ALA C 7 -23.10 43.86 46.21
N ASP C 8 -23.51 44.27 45.01
CA ASP C 8 -24.92 44.26 44.63
C ASP C 8 -25.53 42.86 44.75
N GLY C 9 -26.81 42.79 45.09
CA GLY C 9 -27.49 41.51 45.15
C GLY C 9 -27.62 40.95 43.74
N ILE C 10 -27.46 39.64 43.61
CA ILE C 10 -27.64 38.99 42.32
C ILE C 10 -28.52 37.75 42.44
N GLN C 11 -29.15 37.36 41.34
CA GLN C 11 -29.94 36.13 41.30
C GLN C 11 -29.05 34.91 41.53
N ASP C 12 -29.62 33.89 42.15
CA ASP C 12 -28.99 32.58 42.19
C ASP C 12 -28.71 32.09 40.76
N LYS C 13 -27.67 31.29 40.61
CA LYS C 13 -27.14 30.99 39.29
C LYS C 13 -26.74 29.53 39.22
N ILE C 14 -26.98 28.89 38.09
CA ILE C 14 -26.34 27.59 37.83
C ILE C 14 -25.68 27.57 36.45
N CYS C 15 -24.48 27.00 36.37
CA CYS C 15 -23.69 27.01 35.15
C CYS C 15 -23.38 25.59 34.76
N ILE C 16 -23.54 25.30 33.47
CA ILE C 16 -23.38 23.94 32.95
C ILE C 16 -22.18 23.90 32.04
N GLY C 17 -21.24 23.00 32.32
CA GLY C 17 -20.09 22.90 31.44
C GLY C 17 -19.03 21.97 31.94
N TYR C 18 -17.78 22.36 31.77
CA TYR C 18 -16.66 21.48 32.08
C TYR C 18 -16.18 21.67 33.53
N LEU C 19 -15.79 20.57 34.17
CA LEU C 19 -15.14 20.65 35.47
C LEU C 19 -13.80 19.93 35.37
N SER C 20 -12.70 20.63 35.61
CA SER C 20 -11.41 19.92 35.60
C SER C 20 -10.30 20.70 36.32
N ASN C 21 -9.09 20.15 36.31
CA ASN C 21 -7.93 20.92 36.75
C ASN C 21 -7.29 21.62 35.56
N ASN C 22 -6.26 22.42 35.82
CA ASN C 22 -5.40 22.97 34.77
C ASN C 22 -4.88 21.85 33.86
N SER C 23 -4.77 22.15 32.56
CA SER C 23 -4.48 21.13 31.55
C SER C 23 -3.05 20.53 31.54
N THR C 24 -2.07 21.33 31.12
CA THR C 24 -0.69 20.87 30.97
C THR C 24 -0.58 19.59 30.15
N ASP C 25 -0.83 19.71 28.85
CA ASP C 25 -0.89 18.59 27.91
C ASP C 25 -1.48 19.17 26.65
N THR C 26 -0.72 19.23 25.55
CA THR C 26 -1.27 19.76 24.31
C THR C 26 -1.33 18.69 23.22
N VAL C 27 -2.21 18.92 22.25
CA VAL C 27 -2.29 18.10 21.06
C VAL C 27 -2.37 19.05 19.89
N ASP C 28 -2.25 18.52 18.68
CA ASP C 28 -2.55 19.33 17.52
C ASP C 28 -3.84 18.80 16.92
N THR C 29 -4.55 19.67 16.20
CA THR C 29 -5.70 19.24 15.43
C THR C 29 -5.41 19.64 13.99
N LEU C 30 -6.29 19.24 13.07
CA LEU C 30 -6.08 19.57 11.67
C LEU C 30 -6.05 21.07 11.46
N THR C 31 -6.75 21.81 12.32
CA THR C 31 -6.95 23.23 12.15
C THR C 31 -6.22 24.10 13.17
N GLU C 32 -5.64 23.50 14.21
CA GLU C 32 -4.96 24.29 15.23
C GLU C 32 -3.83 23.56 15.96
N ASN C 33 -2.74 24.27 16.26
CA ASN C 33 -1.59 23.70 16.94
C ASN C 33 -1.60 24.01 18.42
N GLY C 34 -1.08 23.07 19.21
CA GLY C 34 -0.88 23.28 20.64
C GLY C 34 -2.17 23.61 21.37
N VAL C 35 -3.14 22.72 21.25
CA VAL C 35 -4.39 22.87 21.98
C VAL C 35 -4.25 22.14 23.32
N PRO C 36 -4.40 22.88 24.42
CA PRO C 36 -4.32 22.26 25.74
C PRO C 36 -5.57 21.43 25.99
N VAL C 37 -5.40 20.21 26.46
CA VAL C 37 -6.51 19.31 26.71
C VAL C 37 -6.27 18.64 28.06
N THR C 38 -7.33 18.13 28.68
CA THR C 38 -7.19 17.54 30.02
C THR C 38 -6.49 16.17 29.99
N SER C 39 -6.55 15.51 28.85
CA SER C 39 -5.87 14.22 28.70
C SER C 39 -5.74 13.80 27.24
N SER C 40 -4.68 13.04 26.97
CA SER C 40 -4.48 12.41 25.68
C SER C 40 -3.77 11.08 25.91
N ILE C 41 -3.69 10.28 24.85
CA ILE C 41 -2.88 9.06 24.87
C ILE C 41 -1.87 9.09 23.72
N ASP C 42 -0.75 8.39 23.90
CA ASP C 42 0.29 8.28 22.86
C ASP C 42 0.04 7.11 21.94
N LEU C 43 0.02 7.35 20.63
CA LEU C 43 -0.24 6.27 19.70
C LEU C 43 1.05 5.61 19.19
N VAL C 44 2.18 6.26 19.42
CA VAL C 44 3.46 5.83 18.87
C VAL C 44 4.38 5.33 19.97
N GLU C 45 4.88 4.10 19.82
CA GLU C 45 5.81 3.54 20.81
C GLU C 45 7.22 4.01 20.50
N THR C 46 7.91 4.48 21.53
CA THR C 46 9.25 5.03 21.38
C THR C 46 10.23 4.28 22.26
N ASN C 47 9.71 3.46 23.17
CA ASN C 47 10.58 2.71 24.07
C ASN C 47 10.88 1.29 23.59
N HIS C 48 12.11 0.84 23.81
CA HIS C 48 12.54 -0.52 23.44
C HIS C 48 13.68 -1.03 24.35
N THR C 49 13.98 -2.32 24.29
CA THR C 49 14.94 -2.93 25.22
C THR C 49 16.38 -2.55 24.92
N GLY C 50 16.66 -2.16 23.68
CA GLY C 50 18.02 -1.89 23.25
C GLY C 50 18.86 -3.16 23.26
N THR C 51 18.19 -4.29 23.22
CA THR C 51 18.84 -5.60 23.22
C THR C 51 18.10 -6.54 22.28
N TYR C 52 18.78 -7.61 21.85
CA TYR C 52 18.11 -8.72 21.19
C TYR C 52 17.48 -9.61 22.26
N CYS C 53 16.20 -9.93 22.08
CA CYS C 53 15.49 -10.80 23.01
C CYS C 53 14.89 -12.02 22.34
N SER C 54 14.46 -12.98 23.14
CA SER C 54 13.55 -14.01 22.66
C SER C 54 12.30 -13.34 22.09
N LEU C 55 11.67 -13.99 21.12
CA LEU C 55 10.56 -13.39 20.40
C LEU C 55 9.35 -14.28 20.54
N ASN C 56 8.34 -13.79 21.27
CA ASN C 56 7.18 -14.59 21.63
C ASN C 56 7.52 -15.99 22.14
N GLY C 57 8.55 -16.05 22.97
CA GLY C 57 8.90 -17.28 23.67
C GLY C 57 9.95 -18.12 22.97
N VAL C 58 10.38 -17.68 21.79
CA VAL C 58 11.36 -18.43 21.01
C VAL C 58 12.70 -17.69 20.90
N SER C 59 13.77 -18.33 21.36
CA SER C 59 15.12 -17.76 21.32
C SER C 59 15.68 -17.66 19.91
N PRO C 60 16.47 -16.63 19.64
CA PRO C 60 17.16 -16.58 18.36
C PRO C 60 18.42 -17.42 18.49
N ILE C 61 19.17 -17.53 17.40
CA ILE C 61 20.50 -18.11 17.50
C ILE C 61 21.52 -17.03 17.15
N HIS C 62 22.48 -16.82 18.05
CA HIS C 62 23.56 -15.88 17.77
C HIS C 62 24.67 -16.71 17.15
N LEU C 63 25.06 -16.37 15.93
CA LEU C 63 26.04 -17.17 15.19
C LEU C 63 27.47 -16.95 15.68
N GLY C 64 27.66 -15.94 16.53
CA GLY C 64 28.96 -15.71 17.15
C GLY C 64 30.03 -15.35 16.14
N ASP C 65 31.06 -16.17 16.08
CA ASP C 65 32.17 -15.93 15.17
C ASP C 65 32.05 -16.72 13.85
N CYS C 66 30.87 -17.27 13.57
CA CYS C 66 30.67 -17.99 12.30
C CYS C 66 29.69 -17.26 11.38
N SER C 67 29.86 -17.47 10.08
CA SER C 67 28.87 -16.98 9.13
C SER C 67 27.72 -17.99 9.07
N PHE C 68 26.59 -17.57 8.51
CA PHE C 68 25.49 -18.50 8.28
C PHE C 68 25.97 -19.72 7.49
N GLU C 69 26.73 -19.50 6.41
CA GLU C 69 27.16 -20.63 5.59
C GLU C 69 28.00 -21.63 6.40
N GLY C 70 28.95 -21.10 7.17
CA GLY C 70 29.77 -21.94 8.02
C GLY C 70 28.93 -22.76 8.97
N TRP C 71 27.93 -22.13 9.55
CA TRP C 71 27.10 -22.78 10.54
C TRP C 71 26.22 -23.86 9.92
N ILE C 72 25.62 -23.55 8.78
CA ILE C 72 24.64 -24.45 8.17
C ILE C 72 25.35 -25.65 7.52
N VAL C 73 26.57 -25.45 7.02
CA VAL C 73 27.28 -26.55 6.36
C VAL C 73 28.03 -27.44 7.36
N GLY C 74 28.24 -26.91 8.57
CA GLY C 74 28.91 -27.67 9.61
C GLY C 74 30.40 -27.45 9.77
N ASN C 75 30.89 -26.25 9.48
CA ASN C 75 32.26 -25.88 9.80
C ASN C 75 32.49 -26.22 11.27
N PRO C 76 33.49 -27.06 11.55
CA PRO C 76 33.78 -27.57 12.91
C PRO C 76 34.22 -26.47 13.86
N SER C 77 34.64 -25.33 13.34
CA SER C 77 34.90 -24.16 14.19
C SER C 77 33.61 -23.58 14.77
N CYS C 78 32.49 -23.90 14.15
CA CYS C 78 31.20 -23.37 14.60
C CYS C 78 30.48 -24.33 15.54
N ALA C 79 29.64 -23.79 16.40
CA ALA C 79 28.84 -24.60 17.32
C ALA C 79 28.00 -25.59 16.54
N SER C 80 27.94 -26.83 17.02
CA SER C 80 27.15 -27.84 16.33
C SER C 80 25.67 -27.56 16.54
N ASN C 81 24.87 -27.85 15.52
CA ASN C 81 23.43 -27.65 15.64
C ASN C 81 22.68 -28.97 15.86
N ILE C 82 23.40 -29.99 16.31
CA ILE C 82 22.83 -31.30 16.61
C ILE C 82 21.59 -31.25 17.52
N ASN C 83 21.59 -30.37 18.52
CA ASN C 83 20.47 -30.31 19.47
C ASN C 83 19.54 -29.10 19.29
N ILE C 84 19.81 -28.26 18.32
CA ILE C 84 18.93 -27.14 18.01
C ILE C 84 17.53 -27.64 17.60
N ARG C 85 16.48 -26.96 18.08
CA ARG C 85 15.12 -27.39 17.78
C ARG C 85 14.27 -26.32 17.10
N GLU C 86 14.72 -25.08 17.18
CA GLU C 86 13.97 -23.92 16.69
C GLU C 86 14.83 -22.67 16.80
N TRP C 87 14.45 -21.63 16.07
CA TRP C 87 14.93 -20.28 16.33
C TRP C 87 14.01 -19.24 15.71
N SER C 88 13.90 -18.08 16.35
CA SER C 88 13.00 -17.04 15.88
C SER C 88 13.67 -16.12 14.87
N TYR C 89 14.99 -16.00 14.99
CA TYR C 89 15.80 -15.20 14.08
C TYR C 89 17.28 -15.48 14.29
N LEU C 90 18.13 -14.92 13.43
CA LEU C 90 19.57 -15.11 13.55
C LEU C 90 20.26 -13.78 13.79
N ILE C 91 21.39 -13.82 14.48
CA ILE C 91 22.24 -12.64 14.67
C ILE C 91 23.64 -12.98 14.14
N GLU C 92 24.12 -12.19 13.19
CA GLU C 92 25.33 -12.55 12.47
C GLU C 92 26.30 -11.38 12.43
N ASP C 93 27.58 -11.71 12.52
CA ASP C 93 28.67 -10.75 12.35
C ASP C 93 29.03 -10.76 10.88
N PRO C 94 28.86 -9.61 10.20
CA PRO C 94 29.20 -9.53 8.77
C PRO C 94 30.66 -9.88 8.51
N ASN C 95 31.53 -9.71 9.51
CA ASN C 95 32.94 -10.05 9.37
C ASN C 95 33.38 -11.28 10.18
N ALA C 96 32.46 -12.23 10.37
CA ALA C 96 32.79 -13.45 11.11
C ALA C 96 34.00 -14.14 10.47
N PRO C 97 34.97 -14.56 11.29
CA PRO C 97 36.20 -15.17 10.75
C PRO C 97 35.99 -16.59 10.23
N HIS C 98 35.01 -17.30 10.81
CA HIS C 98 34.77 -18.68 10.44
C HIS C 98 33.63 -18.80 9.42
N LYS C 99 34.00 -18.97 8.16
CA LYS C 99 32.99 -19.09 7.11
C LYS C 99 33.01 -20.50 6.57
N LEU C 100 33.35 -20.67 5.30
CA LEU C 100 33.70 -21.99 4.81
C LEU C 100 35.18 -22.25 5.12
N CYS C 101 35.46 -23.27 5.92
CA CYS C 101 36.83 -23.56 6.35
C CYS C 101 37.73 -24.02 5.19
N PHE C 102 37.16 -24.73 4.22
CA PHE C 102 37.87 -24.99 2.97
C PHE C 102 37.30 -24.02 1.94
N PRO C 103 38.18 -23.29 1.24
CA PRO C 103 37.79 -22.31 0.22
C PRO C 103 36.73 -22.86 -0.71
N GLY C 104 35.63 -22.14 -0.79
CA GLY C 104 34.56 -22.49 -1.69
C GLY C 104 33.39 -21.53 -1.62
N GLU C 105 32.24 -21.97 -2.13
CA GLU C 105 31.07 -21.11 -2.18
C GLU C 105 29.81 -21.94 -2.01
N VAL C 106 28.76 -21.32 -1.49
CA VAL C 106 27.46 -21.99 -1.40
C VAL C 106 26.57 -21.42 -2.48
N ASP C 107 26.07 -22.29 -3.36
CA ASP C 107 25.18 -21.91 -4.45
C ASP C 107 23.87 -21.38 -3.90
N ASN C 108 23.32 -20.34 -4.56
CA ASN C 108 21.99 -19.85 -4.24
C ASN C 108 21.84 -19.56 -2.74
N ASN C 109 22.84 -18.89 -2.16
CA ASN C 109 22.94 -18.76 -0.70
C ASN C 109 22.05 -17.69 -0.11
N GLY C 110 21.63 -16.73 -0.94
CA GLY C 110 20.66 -15.73 -0.52
C GLY C 110 19.33 -16.39 -0.25
N GLU C 111 18.95 -17.30 -1.15
CA GLU C 111 17.68 -18.01 -1.02
C GLU C 111 17.75 -18.86 0.25
N LEU C 112 18.90 -19.49 0.45
CA LEU C 112 19.13 -20.31 1.62
C LEU C 112 19.01 -19.51 2.91
N ARG C 113 19.62 -18.33 2.95
CA ARG C 113 19.49 -17.43 4.09
C ARG C 113 18.04 -17.03 4.36
N HIS C 114 17.29 -16.79 3.29
CA HIS C 114 15.90 -16.39 3.46
C HIS C 114 15.09 -17.48 4.13
N LEU C 115 15.26 -18.70 3.65
CA LEU C 115 14.41 -19.76 4.21
C LEU C 115 14.80 -20.16 5.64
N PHE C 116 16.06 -19.94 5.99
CA PHE C 116 16.56 -20.30 7.32
C PHE C 116 16.69 -19.12 8.26
N SER C 117 16.08 -17.99 7.89
CA SER C 117 16.12 -16.79 8.74
C SER C 117 15.38 -17.04 10.06
N GLY C 118 14.35 -17.87 9.98
CA GLY C 118 13.69 -18.39 11.17
C GLY C 118 13.08 -19.74 10.82
N VAL C 119 13.14 -20.66 11.77
CA VAL C 119 12.54 -21.97 11.60
C VAL C 119 11.87 -22.41 12.91
N ASN C 120 10.58 -22.65 12.85
CA ASN C 120 9.81 -22.93 14.06
C ASN C 120 10.00 -24.35 14.57
N SER C 121 10.33 -25.25 13.65
CA SER C 121 10.58 -26.64 13.98
C SER C 121 11.76 -27.13 13.13
N PHE C 122 12.83 -27.55 13.80
CA PHE C 122 14.10 -27.88 13.17
C PHE C 122 14.67 -29.10 13.85
N SER C 123 15.09 -30.08 13.06
CA SER C 123 15.81 -31.21 13.60
C SER C 123 16.85 -31.73 12.61
N ARG C 124 18.09 -31.87 13.04
CA ARG C 124 19.12 -32.48 12.20
C ARG C 124 18.87 -33.98 12.09
N THR C 125 19.13 -34.55 10.91
CA THR C 125 18.89 -35.97 10.70
C THR C 125 19.96 -36.56 9.80
N GLU C 126 20.31 -37.82 10.02
CA GLU C 126 21.26 -38.48 9.12
C GLU C 126 20.54 -38.94 7.85
N LEU C 127 20.99 -38.45 6.71
CA LEU C 127 20.33 -38.79 5.46
C LEU C 127 20.76 -40.16 4.93
N ILE C 128 22.08 -40.36 4.86
CA ILE C 128 22.67 -41.57 4.28
C ILE C 128 23.88 -41.93 5.12
N PRO C 129 23.96 -43.17 5.60
CA PRO C 129 25.13 -43.53 6.41
C PRO C 129 26.39 -43.60 5.55
N PRO C 130 27.55 -43.23 6.12
CA PRO C 130 28.83 -43.19 5.40
C PRO C 130 29.21 -44.52 4.71
N SER C 131 28.86 -45.65 5.33
CA SER C 131 29.23 -46.96 4.77
C SER C 131 28.55 -47.24 3.43
N LYS C 132 27.44 -46.55 3.18
CA LYS C 132 26.68 -46.77 1.96
C LYS C 132 27.48 -46.52 0.68
N TRP C 133 28.40 -45.58 0.74
CA TRP C 133 29.16 -45.17 -0.43
C TRP C 133 30.16 -46.21 -0.94
N GLY C 134 30.43 -47.21 -0.12
CA GLY C 134 31.21 -48.36 -0.57
C GLY C 134 32.70 -48.22 -0.31
N ASP C 135 33.50 -48.81 -1.18
CA ASP C 135 34.93 -48.95 -0.95
C ASP C 135 35.71 -47.66 -1.24
N ILE C 136 35.52 -46.69 -0.35
CA ILE C 136 36.01 -45.32 -0.53
C ILE C 136 36.61 -44.92 0.81
N LEU C 137 37.47 -43.90 0.82
CA LEU C 137 37.93 -43.33 2.09
C LEU C 137 37.40 -41.91 2.28
N GLU C 138 37.50 -41.40 3.50
CA GLU C 138 37.10 -40.03 3.82
C GLU C 138 38.29 -39.07 3.83
N GLY C 139 38.24 -38.08 2.94
CA GLY C 139 39.22 -37.02 2.91
C GLY C 139 39.02 -36.08 4.10
N THR C 140 40.12 -35.71 4.74
CA THR C 140 40.09 -34.73 5.81
C THR C 140 41.15 -33.68 5.49
N THR C 141 41.08 -32.54 6.16
CA THR C 141 42.02 -31.46 5.90
C THR C 141 42.32 -30.62 7.12
N ALA C 142 43.53 -30.11 7.19
CA ALA C 142 43.93 -29.22 8.28
C ALA C 142 43.18 -27.90 8.22
N SER C 143 42.59 -27.58 7.07
CA SER C 143 41.77 -26.37 6.99
C SER C 143 40.52 -26.47 7.84
N CYS C 144 40.08 -27.69 8.09
CA CYS C 144 38.88 -27.94 8.86
C CYS C 144 39.18 -28.82 10.08
N GLN C 145 40.06 -28.35 10.95
CA GLN C 145 40.41 -29.10 12.15
C GLN C 145 39.21 -29.31 13.07
N ASN C 146 39.11 -30.52 13.62
CA ASN C 146 38.10 -30.78 14.64
C ASN C 146 38.66 -31.77 15.65
N ARG C 147 38.47 -31.47 16.92
CA ARG C 147 38.99 -32.31 18.01
C ARG C 147 40.43 -32.72 17.80
N GLY C 148 41.30 -31.77 17.47
CA GLY C 148 42.73 -32.00 17.40
C GLY C 148 43.24 -32.73 16.17
N ALA C 149 42.37 -32.92 15.17
CA ALA C 149 42.76 -33.66 13.97
C ALA C 149 42.21 -33.00 12.72
N ASN C 150 42.82 -33.28 11.58
CA ASN C 150 42.26 -32.91 10.29
C ASN C 150 40.87 -33.49 10.18
N SER C 151 39.91 -32.69 9.69
CA SER C 151 38.52 -33.13 9.63
C SER C 151 37.82 -32.48 8.42
N PHE C 152 36.51 -32.31 8.52
CA PHE C 152 35.75 -31.75 7.40
C PHE C 152 34.43 -31.25 7.95
N TYR C 153 33.63 -30.62 7.10
CA TYR C 153 32.31 -30.17 7.50
C TYR C 153 31.53 -31.32 8.11
N ARG C 154 30.76 -31.04 9.17
CA ARG C 154 29.99 -32.09 9.83
C ARG C 154 28.95 -32.73 8.91
N ASN C 155 28.36 -31.93 8.01
CA ASN C 155 27.23 -32.38 7.20
C ASN C 155 27.63 -33.14 5.95
N LEU C 156 28.92 -33.14 5.63
CA LEU C 156 29.37 -33.71 4.38
C LEU C 156 30.50 -34.71 4.60
N ILE C 157 30.65 -35.63 3.64
CA ILE C 157 31.78 -36.57 3.58
C ILE C 157 32.57 -36.37 2.30
N TRP C 158 33.84 -36.02 2.43
CA TRP C 158 34.69 -35.84 1.26
C TRP C 158 35.12 -37.23 0.76
N LEU C 159 34.55 -37.71 -0.33
CA LEU C 159 34.89 -39.05 -0.79
C LEU C 159 36.18 -39.07 -1.61
N VAL C 160 37.14 -39.89 -1.16
CA VAL C 160 38.39 -40.08 -1.92
C VAL C 160 38.68 -41.55 -2.16
N ASN C 161 39.70 -41.84 -2.97
CA ASN C 161 40.03 -43.21 -3.35
C ASN C 161 40.46 -44.05 -2.17
N LYS C 162 40.29 -45.36 -2.30
CA LYS C 162 40.92 -46.29 -1.37
C LYS C 162 41.79 -47.23 -2.19
N LEU C 163 43.03 -47.42 -1.74
CA LEU C 163 44.00 -48.25 -2.45
C LEU C 163 44.01 -47.91 -3.95
N ASN C 164 44.09 -46.62 -4.24
CA ASN C 164 44.19 -46.06 -5.59
C ASN C 164 43.05 -46.51 -6.50
N LYS C 165 41.87 -46.71 -5.92
CA LYS C 165 40.69 -47.04 -6.72
C LYS C 165 39.51 -46.22 -6.22
N TYR C 166 38.73 -45.67 -7.14
CA TYR C 166 37.48 -45.00 -6.79
C TYR C 166 36.34 -45.61 -7.60
N PRO C 167 35.67 -46.62 -7.02
CA PRO C 167 34.52 -47.24 -7.70
C PRO C 167 33.37 -46.26 -7.75
N VAL C 168 32.45 -46.45 -8.69
CA VAL C 168 31.27 -45.60 -8.75
C VAL C 168 30.50 -45.71 -7.43
N VAL C 169 30.36 -44.59 -6.74
CA VAL C 169 29.62 -44.55 -5.48
C VAL C 169 28.16 -44.16 -5.74
N LYS C 170 27.26 -44.76 -4.95
CA LYS C 170 25.83 -44.50 -5.09
C LYS C 170 25.19 -44.39 -3.72
N GLY C 171 24.31 -43.39 -3.56
CA GLY C 171 23.52 -43.31 -2.36
C GLY C 171 22.20 -42.62 -2.65
N GLU C 172 21.19 -42.87 -1.83
CA GLU C 172 19.93 -42.19 -2.05
C GLU C 172 19.19 -41.94 -0.73
N TYR C 173 18.31 -40.94 -0.75
CA TYR C 173 17.49 -40.62 0.41
C TYR C 173 16.04 -40.39 -0.01
N ASN C 174 15.13 -41.07 0.68
CA ASN C 174 13.70 -40.85 0.49
C ASN C 174 13.13 -39.99 1.63
N ASN C 175 12.44 -38.91 1.28
CA ASN C 175 11.87 -38.06 2.31
C ASN C 175 10.55 -38.61 2.86
N THR C 176 10.66 -39.38 3.94
CA THR C 176 9.50 -39.99 4.59
C THR C 176 9.17 -39.32 5.92
N THR C 177 9.72 -38.13 6.15
CA THR C 177 9.52 -37.41 7.40
C THR C 177 8.15 -36.76 7.54
N GLY C 178 7.48 -36.50 6.42
CA GLY C 178 6.21 -35.81 6.44
C GLY C 178 6.37 -34.30 6.53
N ARG C 179 7.63 -33.85 6.55
CA ARG C 179 7.96 -32.42 6.63
C ARG C 179 9.02 -32.10 5.59
N ASP C 180 9.48 -30.86 5.50
CA ASP C 180 10.48 -30.57 4.46
C ASP C 180 11.87 -30.95 4.95
N VAL C 181 12.76 -31.32 4.04
CA VAL C 181 14.12 -31.75 4.41
C VAL C 181 15.18 -31.06 3.55
N LEU C 182 16.05 -30.28 4.19
CA LEU C 182 17.15 -29.64 3.49
C LEU C 182 18.29 -30.61 3.34
N VAL C 183 18.68 -30.85 2.08
CA VAL C 183 19.81 -31.68 1.74
C VAL C 183 20.93 -30.82 1.16
N LEU C 184 22.16 -31.03 1.65
CA LEU C 184 23.34 -30.30 1.20
C LEU C 184 24.33 -31.28 0.59
N TRP C 185 24.96 -30.91 -0.52
CA TRP C 185 26.05 -31.73 -1.06
C TRP C 185 27.07 -30.81 -1.70
N GLY C 186 28.13 -31.37 -2.25
CA GLY C 186 29.13 -30.52 -2.87
C GLY C 186 30.05 -31.20 -3.85
N ILE C 187 30.88 -30.37 -4.47
CA ILE C 187 31.82 -30.84 -5.46
C ILE C 187 33.18 -30.21 -5.17
N HIS C 188 34.19 -31.06 -5.10
CA HIS C 188 35.56 -30.56 -4.97
C HIS C 188 36.22 -30.44 -6.34
N HIS C 189 36.75 -29.24 -6.60
CA HIS C 189 37.41 -28.92 -7.83
C HIS C 189 38.92 -28.73 -7.60
N PRO C 190 39.71 -29.72 -7.98
CA PRO C 190 41.16 -29.74 -7.75
C PRO C 190 41.87 -28.57 -8.43
N ASP C 191 43.00 -28.15 -7.86
CA ASP C 191 43.81 -27.12 -8.50
C ASP C 191 44.56 -27.62 -9.74
N THR C 192 44.80 -28.93 -9.82
CA THR C 192 45.55 -29.52 -10.92
C THR C 192 44.95 -30.84 -11.32
N GLU C 193 45.22 -31.27 -12.54
CA GLU C 193 44.83 -32.60 -12.97
C GLU C 193 45.57 -33.67 -12.15
N ALA C 194 46.83 -33.41 -11.80
CA ALA C 194 47.57 -34.30 -10.90
C ALA C 194 46.81 -34.59 -9.59
N THR C 195 46.31 -33.55 -8.94
CA THR C 195 45.50 -33.71 -7.73
C THR C 195 44.18 -34.45 -8.00
N ALA C 196 43.51 -34.12 -9.10
CA ALA C 196 42.30 -34.86 -9.49
C ALA C 196 42.57 -36.37 -9.67
N ASN C 197 43.65 -36.70 -10.35
CA ASN C 197 43.98 -38.10 -10.57
C ASN C 197 44.34 -38.78 -9.26
N LYS C 198 45.05 -38.07 -8.40
CA LYS C 198 45.46 -38.67 -7.14
C LYS C 198 44.28 -38.96 -6.23
N LEU C 199 43.35 -38.02 -6.13
CA LEU C 199 42.22 -38.18 -5.23
C LEU C 199 41.16 -39.14 -5.78
N TYR C 200 40.84 -38.97 -7.07
CA TYR C 200 39.67 -39.63 -7.68
C TYR C 200 39.99 -40.73 -8.70
N VAL C 201 41.24 -40.83 -9.10
CA VAL C 201 41.72 -41.91 -10.00
C VAL C 201 41.11 -41.93 -11.41
N ASN C 202 39.78 -41.94 -11.47
CA ASN C 202 39.10 -42.01 -12.76
C ASN C 202 39.27 -40.72 -13.57
N LYS C 203 39.37 -40.83 -14.89
CA LYS C 203 39.52 -39.59 -15.68
C LYS C 203 38.15 -39.04 -16.06
N ASN C 204 38.08 -37.71 -16.20
CA ASN C 204 36.80 -37.00 -16.32
C ASN C 204 35.74 -37.54 -15.37
N PRO C 205 36.01 -37.51 -14.05
CA PRO C 205 34.99 -38.02 -13.14
C PRO C 205 33.76 -37.11 -13.13
N TYR C 206 32.62 -37.68 -12.78
CA TYR C 206 31.36 -36.98 -12.86
C TYR C 206 30.61 -37.24 -11.57
N THR C 207 29.69 -36.35 -11.25
CA THR C 207 28.72 -36.58 -10.21
C THR C 207 27.35 -36.35 -10.82
N LEU C 208 26.40 -37.24 -10.55
CA LEU C 208 25.02 -37.08 -10.99
C LEU C 208 24.09 -37.05 -9.78
N VAL C 209 23.32 -35.96 -9.65
CA VAL C 209 22.35 -35.80 -8.57
C VAL C 209 20.95 -35.62 -9.14
N SER C 210 19.99 -36.43 -8.73
CA SER C 210 18.69 -36.38 -9.37
C SER C 210 17.57 -36.59 -8.39
N THR C 211 16.47 -35.87 -8.56
CA THR C 211 15.21 -36.29 -7.94
C THR C 211 14.33 -36.80 -9.08
N LYS C 212 13.06 -37.07 -8.79
CA LYS C 212 12.11 -37.40 -9.84
C LYS C 212 11.74 -36.18 -10.67
N GLU C 213 12.18 -34.99 -10.22
CA GLU C 213 11.74 -33.73 -10.84
C GLU C 213 12.85 -32.98 -11.57
N TRP C 214 14.10 -33.24 -11.20
CA TRP C 214 15.23 -32.59 -11.86
C TRP C 214 16.48 -33.44 -11.79
N SER C 215 17.43 -33.15 -12.67
CA SER C 215 18.69 -33.91 -12.72
C SER C 215 19.86 -33.00 -13.06
N ARG C 216 20.93 -33.10 -12.27
CA ARG C 216 22.10 -32.27 -12.52
C ARG C 216 23.35 -33.14 -12.59
N ARG C 217 24.24 -32.80 -13.52
CA ARG C 217 25.51 -33.49 -13.66
C ARG C 217 26.65 -32.49 -13.42
N TYR C 218 27.70 -32.94 -12.74
CA TYR C 218 28.79 -32.05 -12.39
C TYR C 218 30.14 -32.66 -12.75
N GLU C 219 30.90 -31.93 -13.55
CA GLU C 219 32.28 -32.29 -13.83
C GLU C 219 33.24 -31.39 -13.07
N LEU C 220 34.51 -31.80 -13.01
CA LEU C 220 35.52 -31.03 -12.29
C LEU C 220 35.93 -29.81 -13.10
N GLU C 221 36.10 -28.69 -12.40
CA GLU C 221 36.55 -27.43 -12.97
C GLU C 221 37.94 -27.12 -12.43
N ILE C 222 38.95 -27.56 -13.17
CA ILE C 222 40.30 -27.59 -12.64
C ILE C 222 41.01 -26.25 -12.75
N GLY C 223 41.74 -25.88 -11.69
CA GLY C 223 42.56 -24.70 -11.74
C GLY C 223 42.81 -24.10 -10.38
N THR C 224 43.76 -23.17 -10.33
CA THR C 224 44.17 -22.60 -9.06
C THR C 224 43.27 -21.45 -8.63
N ARG C 225 42.90 -21.45 -7.36
CA ARG C 225 42.03 -20.43 -6.79
C ARG C 225 42.80 -19.65 -5.73
N ILE C 226 42.18 -18.62 -5.16
CA ILE C 226 42.87 -17.75 -4.20
C ILE C 226 42.27 -17.73 -2.80
N GLY C 227 41.53 -18.76 -2.42
CA GLY C 227 41.09 -18.91 -1.05
C GLY C 227 42.28 -19.10 -0.13
N ASP C 228 42.13 -18.75 1.14
CA ASP C 228 43.24 -18.88 2.07
C ASP C 228 43.59 -20.34 2.34
N GLY C 229 44.87 -20.67 2.24
CA GLY C 229 45.39 -21.95 2.70
C GLY C 229 45.20 -23.14 1.79
N GLN C 230 44.49 -22.94 0.68
CA GLN C 230 44.29 -24.00 -0.31
C GLN C 230 44.21 -23.40 -1.71
N ARG C 231 44.71 -24.13 -2.70
CA ARG C 231 44.62 -23.70 -4.09
C ARG C 231 43.40 -24.27 -4.82
N SER C 232 42.82 -25.35 -4.28
CA SER C 232 41.63 -25.92 -4.93
C SER C 232 40.36 -25.24 -4.41
N TRP C 233 39.18 -25.73 -4.81
CA TRP C 233 37.96 -24.98 -4.52
C TRP C 233 36.83 -25.96 -4.33
N MET C 234 35.80 -25.57 -3.57
CA MET C 234 34.64 -26.43 -3.37
C MET C 234 33.37 -25.64 -3.70
N LYS C 235 32.42 -26.29 -4.35
CA LYS C 235 31.12 -25.68 -4.59
C LYS C 235 30.05 -26.48 -3.86
N ILE C 236 29.23 -25.79 -3.07
CA ILE C 236 28.26 -26.47 -2.23
C ILE C 236 26.86 -26.16 -2.75
N TYR C 237 26.04 -27.19 -2.86
CA TYR C 237 24.70 -27.09 -3.42
C TYR C 237 23.66 -27.59 -2.42
N TRP C 238 22.41 -27.23 -2.62
CA TRP C 238 21.34 -27.63 -1.70
C TRP C 238 20.01 -27.79 -2.40
N HIS C 239 19.14 -28.60 -1.81
CA HIS C 239 17.78 -28.69 -2.28
C HIS C 239 16.89 -28.99 -1.11
N LEU C 240 15.76 -28.30 -1.05
CA LEU C 240 14.73 -28.56 -0.06
C LEU C 240 13.72 -29.56 -0.62
N MET C 241 13.69 -30.74 -0.03
CA MET C 241 12.78 -31.80 -0.47
C MET C 241 11.45 -31.69 0.24
N HIS C 242 10.38 -31.68 -0.54
CA HIS C 242 9.05 -31.84 0.02
C HIS C 242 8.85 -33.32 0.36
N PRO C 243 7.88 -33.63 1.24
CA PRO C 243 7.62 -35.03 1.57
C PRO C 243 7.33 -35.86 0.33
N GLY C 244 7.84 -37.09 0.30
CA GLY C 244 7.60 -37.95 -0.84
C GLY C 244 8.68 -37.84 -1.89
N GLU C 245 9.49 -36.79 -1.83
CA GLU C 245 10.57 -36.65 -2.80
C GLU C 245 11.65 -37.69 -2.56
N ARG C 246 12.48 -37.88 -3.58
CA ARG C 246 13.51 -38.91 -3.55
C ARG C 246 14.74 -38.33 -4.22
N ILE C 247 15.89 -38.41 -3.56
CA ILE C 247 17.11 -37.89 -4.19
C ILE C 247 18.20 -38.97 -4.30
N THR C 248 18.86 -39.01 -5.45
CA THR C 248 19.92 -39.98 -5.69
C THR C 248 21.21 -39.26 -6.03
N PHE C 249 22.32 -39.88 -5.60
CA PHE C 249 23.68 -39.37 -5.76
C PHE C 249 24.51 -40.48 -6.36
N GLU C 250 25.24 -40.16 -7.43
CA GLU C 250 26.19 -41.09 -8.03
C GLU C 250 27.46 -40.34 -8.37
N SER C 251 28.62 -40.99 -8.23
CA SER C 251 29.87 -40.29 -8.53
C SER C 251 31.05 -41.19 -8.88
N SER C 252 31.92 -40.71 -9.76
CA SER C 252 33.20 -41.35 -10.03
C SER C 252 34.35 -40.44 -9.61
N GLY C 253 34.03 -39.38 -8.87
CA GLY C 253 35.06 -38.54 -8.28
C GLY C 253 34.59 -37.11 -8.13
N GLY C 254 34.78 -36.52 -6.96
CA GLY C 254 34.48 -35.12 -6.76
C GLY C 254 33.34 -34.83 -5.82
N LEU C 255 32.41 -35.77 -5.69
CA LEU C 255 31.28 -35.58 -4.81
C LEU C 255 31.65 -35.33 -3.35
N LEU C 256 31.04 -34.32 -2.73
CA LEU C 256 31.11 -34.18 -1.29
C LEU C 256 29.76 -34.65 -0.82
N ALA C 257 29.71 -35.89 -0.34
CA ALA C 257 28.46 -36.60 -0.11
C ALA C 257 27.63 -36.06 1.06
N PRO C 258 26.31 -36.06 0.88
CA PRO C 258 25.45 -35.59 1.97
C PRO C 258 25.54 -36.59 3.12
N ARG C 259 25.78 -36.11 4.34
CA ARG C 259 25.63 -37.02 5.47
C ARG C 259 24.47 -36.59 6.34
N TYR C 260 24.49 -35.35 6.80
CA TYR C 260 23.40 -34.84 7.62
C TYR C 260 22.63 -33.78 6.87
N GLY C 261 21.33 -33.69 7.16
CA GLY C 261 20.46 -32.69 6.59
C GLY C 261 19.51 -32.22 7.67
N TYR C 262 18.49 -31.48 7.28
CA TYR C 262 17.65 -30.83 8.27
C TYR C 262 16.15 -30.95 7.98
N ILE C 263 15.40 -31.50 8.93
CA ILE C 263 13.95 -31.56 8.82
C ILE C 263 13.37 -30.25 9.38
N ILE C 264 12.61 -29.54 8.55
CA ILE C 264 12.05 -28.25 8.95
C ILE C 264 10.57 -28.12 8.62
N GLU C 265 9.92 -27.27 9.41
CA GLU C 265 8.52 -26.89 9.23
C GLU C 265 8.36 -25.45 9.69
N LYS C 266 7.56 -24.67 8.95
CA LYS C 266 7.36 -23.26 9.27
C LYS C 266 8.68 -22.49 9.27
N TYR C 267 9.17 -22.19 8.09
CA TYR C 267 10.47 -21.56 7.96
C TYR C 267 10.33 -20.28 7.12
N GLY C 268 11.42 -19.55 6.96
CA GLY C 268 11.36 -18.25 6.30
C GLY C 268 10.58 -17.29 7.17
N THR C 269 10.62 -17.51 8.48
CA THR C 269 9.79 -16.74 9.41
C THR C 269 10.56 -15.66 10.18
N GLY C 270 11.87 -15.60 9.97
CA GLY C 270 12.67 -14.74 10.81
C GLY C 270 13.37 -13.61 10.08
N ARG C 271 14.59 -13.35 10.52
CA ARG C 271 15.40 -12.28 9.97
C ARG C 271 16.85 -12.60 10.29
N ILE C 272 17.78 -12.10 9.50
CA ILE C 272 19.18 -12.15 9.95
C ILE C 272 19.61 -10.75 10.36
N PHE C 273 19.64 -10.52 11.67
CA PHE C 273 20.07 -9.23 12.22
C PHE C 273 21.59 -9.24 12.40
N GLN C 274 22.15 -8.05 12.52
CA GLN C 274 23.61 -7.88 12.60
C GLN C 274 24.10 -7.85 14.05
N SER C 275 25.29 -8.38 14.28
CA SER C 275 25.87 -8.42 15.61
C SER C 275 26.20 -7.01 16.07
N GLY C 276 26.42 -6.85 17.37
CA GLY C 276 26.71 -5.55 17.94
C GLY C 276 25.77 -5.28 19.11
N VAL C 277 24.50 -5.07 18.80
CA VAL C 277 23.49 -5.02 19.86
C VAL C 277 23.56 -6.35 20.59
N ARG C 278 23.42 -6.33 21.91
CA ARG C 278 23.67 -7.53 22.70
C ARG C 278 22.46 -8.39 22.96
N LEU C 279 22.68 -9.69 23.00
CA LEU C 279 21.62 -10.65 23.30
C LEU C 279 21.39 -10.67 24.81
N ALA C 280 20.12 -10.62 25.24
CA ALA C 280 19.82 -10.62 26.66
C ALA C 280 18.74 -11.62 27.03
N LYS C 281 18.66 -11.93 28.32
CA LYS C 281 17.61 -12.78 28.86
C LYS C 281 16.33 -11.94 29.00
N CYS C 282 15.54 -11.91 27.93
CA CYS C 282 14.34 -11.09 27.88
C CYS C 282 13.43 -11.63 26.78
N ASN C 283 12.15 -11.25 26.84
CA ASN C 283 11.20 -11.75 25.85
C ASN C 283 10.32 -10.61 25.37
N THR C 284 10.18 -10.46 24.06
CA THR C 284 9.30 -9.44 23.49
C THR C 284 8.45 -10.00 22.36
N LYS C 285 7.42 -9.27 21.94
CA LYS C 285 6.64 -9.75 20.80
C LYS C 285 7.08 -9.15 19.46
N CYS C 286 7.99 -8.19 19.51
CA CYS C 286 8.50 -7.56 18.31
C CYS C 286 9.98 -7.25 18.44
N GLN C 287 10.82 -7.87 17.62
CA GLN C 287 12.25 -7.58 17.63
C GLN C 287 12.65 -6.67 16.47
N THR C 288 13.37 -5.59 16.78
CA THR C 288 13.94 -4.72 15.75
C THR C 288 15.45 -4.78 15.87
N SER C 289 16.15 -4.22 14.90
CA SER C 289 17.60 -4.17 14.92
C SER C 289 18.12 -3.23 16.02
N MET C 290 17.23 -2.45 16.61
CA MET C 290 17.63 -1.53 17.68
C MET C 290 17.34 -2.09 19.09
N GLY C 291 16.38 -3.00 19.18
CA GLY C 291 15.95 -3.49 20.48
C GLY C 291 14.58 -4.11 20.38
N GLY C 292 14.16 -4.81 21.43
CA GLY C 292 12.85 -5.44 21.46
C GLY C 292 11.75 -4.48 21.90
N ILE C 293 10.56 -4.68 21.35
CA ILE C 293 9.42 -3.81 21.66
C ILE C 293 8.31 -4.61 22.31
N ASN C 294 7.87 -4.15 23.48
CA ASN C 294 6.76 -4.75 24.19
C ASN C 294 5.72 -3.68 24.45
N THR C 295 4.70 -3.58 23.60
CA THR C 295 3.70 -2.52 23.72
C THR C 295 2.35 -2.98 23.17
N ASN C 296 1.29 -2.27 23.55
CA ASN C 296 0.01 -2.48 22.91
C ASN C 296 -0.33 -1.36 21.94
N LYS C 297 0.59 -0.41 21.82
CA LYS C 297 0.45 0.65 20.81
C LYS C 297 0.59 0.04 19.41
N THR C 298 0.01 0.68 18.41
CA THR C 298 -0.02 0.07 17.08
C THR C 298 0.95 0.69 16.09
N PHE C 299 1.63 1.74 16.52
CA PHE C 299 2.68 2.37 15.73
C PHE C 299 3.99 2.44 16.52
N GLN C 300 5.12 2.36 15.82
CA GLN C 300 6.43 2.63 16.42
C GLN C 300 7.25 3.44 15.44
N ASN C 301 8.17 4.26 15.94
CA ASN C 301 8.98 5.13 15.10
C ASN C 301 10.46 4.92 15.39
N ILE C 302 10.72 3.77 15.98
CA ILE C 302 12.05 3.42 16.46
C ILE C 302 12.93 2.90 15.34
N GLU C 303 12.41 1.96 14.55
CA GLU C 303 13.25 1.21 13.59
C GLU C 303 12.43 0.46 12.52
N ARG C 304 12.78 0.70 11.25
CA ARG C 304 12.09 0.06 10.13
C ARG C 304 12.37 -1.45 10.04
N ASN C 305 13.54 -1.88 10.50
CA ASN C 305 13.90 -3.29 10.41
C ASN C 305 13.34 -4.01 11.62
N ALA C 306 12.13 -4.55 11.46
CA ALA C 306 11.39 -5.13 12.57
C ALA C 306 10.75 -6.44 12.19
N LEU C 307 10.59 -7.32 13.17
CA LEU C 307 10.14 -8.69 12.96
C LEU C 307 9.19 -9.11 14.07
N GLY C 308 8.05 -9.68 13.68
CA GLY C 308 7.15 -10.31 14.63
C GLY C 308 5.77 -9.68 14.77
N ASP C 309 5.24 -9.73 15.99
CA ASP C 309 3.94 -9.15 16.33
C ASP C 309 4.14 -7.65 16.62
N CYS C 310 4.35 -6.88 15.56
CA CYS C 310 4.88 -5.52 15.68
C CYS C 310 3.86 -4.41 15.46
N PRO C 311 4.10 -3.25 16.09
CA PRO C 311 3.40 -2.04 15.68
C PRO C 311 3.92 -1.67 14.29
N LYS C 312 3.13 -0.98 13.48
CA LYS C 312 3.62 -0.55 12.18
C LYS C 312 4.67 0.54 12.35
N TYR C 313 5.81 0.38 11.68
CA TYR C 313 6.82 1.43 11.67
C TYR C 313 6.29 2.62 10.91
N ILE C 314 6.35 3.81 11.51
CA ILE C 314 6.00 5.02 10.76
C ILE C 314 7.08 6.11 10.86
N LYS C 315 7.21 6.92 9.81
CA LYS C 315 8.15 8.03 9.80
C LYS C 315 7.49 9.23 10.43
N SER C 316 7.61 9.34 11.74
CA SER C 316 6.80 10.30 12.47
C SER C 316 7.38 10.53 13.83
N GLY C 317 6.94 11.63 14.46
CA GLY C 317 7.20 11.83 15.87
C GLY C 317 6.00 11.25 16.59
N GLN C 318 5.88 11.56 17.88
CA GLN C 318 4.77 11.09 18.68
C GLN C 318 3.44 11.60 18.12
N LEU C 319 2.41 10.78 18.20
CA LEU C 319 1.07 11.19 17.82
C LEU C 319 0.14 11.13 19.03
N LYS C 320 -0.16 12.29 19.59
CA LYS C 320 -1.03 12.35 20.76
C LYS C 320 -2.49 12.48 20.33
N LEU C 321 -3.27 11.50 20.74
CA LEU C 321 -4.69 11.37 20.43
C LEU C 321 -5.49 11.92 21.61
N ALA C 322 -6.25 12.98 21.35
CA ALA C 322 -7.07 13.63 22.39
C ALA C 322 -8.11 12.70 22.98
N THR C 323 -8.18 12.66 24.30
CA THR C 323 -9.26 11.94 24.97
C THR C 323 -10.09 12.87 25.83
N GLY C 324 -9.45 13.88 26.40
CA GLY C 324 -10.09 14.76 27.37
C GLY C 324 -10.67 16.03 26.79
N LEU C 325 -10.91 16.99 27.68
CA LEU C 325 -11.67 18.18 27.37
C LEU C 325 -10.80 19.33 26.91
N ARG C 326 -11.38 20.23 26.12
CA ARG C 326 -10.73 21.49 25.80
C ARG C 326 -11.33 22.50 26.78
N ASN C 327 -10.84 22.48 28.02
CA ASN C 327 -11.38 23.36 29.06
C ASN C 327 -10.44 24.53 29.34
N VAL C 328 -10.40 25.47 28.41
CA VAL C 328 -9.49 26.61 28.48
C VAL C 328 -10.27 27.91 28.72
N PRO C 329 -9.57 28.99 29.15
CA PRO C 329 -10.23 30.27 29.43
C PRO C 329 -11.06 30.85 28.29
N SER C 330 -10.75 30.54 27.04
CA SER C 330 -11.42 31.20 25.91
C SER C 330 -12.71 30.52 25.42
N ILE C 331 -13.11 29.44 26.08
CA ILE C 331 -14.30 28.70 25.65
C ILE C 331 -15.58 29.54 25.80
N GLY C 332 -15.51 30.53 26.68
CA GLY C 332 -16.60 31.46 26.88
C GLY C 332 -16.89 32.27 25.63
N GLU C 333 -15.89 32.38 24.74
CA GLU C 333 -16.07 33.09 23.49
C GLU C 333 -17.00 32.31 22.55
N ARG C 334 -17.17 31.03 22.84
CA ARG C 334 -18.03 30.16 22.04
C ARG C 334 -19.25 29.72 22.87
N GLY C 335 -19.56 30.51 23.89
CA GLY C 335 -20.78 30.31 24.67
C GLY C 335 -20.69 29.23 25.73
N LEU C 336 -19.48 28.72 25.97
CA LEU C 336 -19.30 27.55 26.84
C LEU C 336 -18.81 27.94 28.22
N PHE C 337 -19.08 27.09 29.20
CA PHE C 337 -18.63 27.35 30.56
C PHE C 337 -17.66 26.26 31.02
N GLY C 338 -16.63 26.67 31.75
CA GLY C 338 -15.75 25.72 32.37
C GLY C 338 -15.22 26.27 33.68
N ALA C 339 -15.05 25.36 34.64
CA ALA C 339 -14.41 25.69 35.91
C ALA C 339 -13.16 24.84 36.14
N ILE C 340 -12.16 25.50 36.75
CA ILE C 340 -10.93 24.85 37.14
C ILE C 340 -10.94 24.63 38.65
N ALA C 341 -10.67 23.41 39.08
CA ALA C 341 -10.61 23.09 40.49
C ALA C 341 -9.45 22.14 40.70
N GLY C 342 -8.91 22.11 41.90
CA GLY C 342 -7.82 21.18 42.20
C GLY C 342 -8.38 19.90 42.79
N PHE C 343 -9.60 19.99 43.31
CA PHE C 343 -10.23 18.88 44.01
C PHE C 343 -11.70 18.73 43.66
N ILE C 344 -12.17 17.49 43.60
CA ILE C 344 -13.60 17.19 43.55
C ILE C 344 -13.84 15.85 44.26
N GLU C 345 -14.95 15.74 44.98
CA GLU C 345 -15.24 14.53 45.74
C GLU C 345 -15.29 13.29 44.85
N GLY C 346 -14.28 12.44 45.01
CA GLY C 346 -14.16 11.23 44.20
C GLY C 346 -13.06 11.33 43.17
N GLY C 347 -12.59 12.56 42.92
CA GLY C 347 -11.56 12.79 41.92
C GLY C 347 -12.08 12.74 40.50
N TRP C 348 -11.19 12.99 39.54
CA TRP C 348 -11.55 13.00 38.12
C TRP C 348 -11.55 11.60 37.51
N PRO C 349 -12.50 11.32 36.59
CA PRO C 349 -12.47 10.00 35.96
C PRO C 349 -11.24 9.84 35.08
N GLY C 350 -10.76 8.61 34.98
CA GLY C 350 -9.46 8.33 34.38
C GLY C 350 -9.20 8.76 32.94
N LEU C 351 -10.08 8.36 32.04
CA LEU C 351 -9.86 8.54 30.62
C LEU C 351 -9.95 10.00 30.15
N ILE C 352 -10.88 10.77 30.73
CA ILE C 352 -11.09 12.14 30.26
C ILE C 352 -10.60 13.27 31.20
N ASN C 353 -10.40 12.96 32.48
CA ASN C 353 -9.75 13.92 33.40
C ASN C 353 -10.35 15.38 33.52
N GLY C 354 -11.67 15.55 33.66
CA GLY C 354 -12.59 14.50 34.00
C GLY C 354 -14.10 14.70 33.83
N TRP C 355 -14.70 15.82 34.25
CA TRP C 355 -16.18 15.81 34.32
C TRP C 355 -16.98 16.83 33.48
N TYR C 356 -18.16 16.41 33.00
CA TYR C 356 -19.21 17.37 32.62
C TYR C 356 -19.98 17.62 33.92
N GLY C 357 -20.41 18.85 34.15
CA GLY C 357 -21.19 19.12 35.35
C GLY C 357 -21.66 20.54 35.56
N PHE C 358 -21.93 20.84 36.83
CA PHE C 358 -22.57 22.08 37.24
C PHE C 358 -21.73 22.85 38.24
N GLN C 359 -21.76 24.18 38.13
CA GLN C 359 -21.31 25.03 39.22
C GLN C 359 -22.53 25.83 39.63
N HIS C 360 -22.85 25.90 40.92
CA HIS C 360 -23.98 26.74 41.34
C HIS C 360 -23.53 27.84 42.27
N GLN C 361 -24.39 28.83 42.44
CA GLN C 361 -24.15 29.91 43.37
C GLN C 361 -25.50 30.34 43.90
N ASN C 362 -25.65 30.31 45.22
CA ASN C 362 -26.86 30.81 45.85
C ASN C 362 -26.48 31.42 47.20
N GLU C 363 -27.48 31.78 48.01
CA GLU C 363 -27.14 32.43 49.27
C GLU C 363 -26.48 31.48 50.29
N GLN C 364 -26.59 30.18 50.06
CA GLN C 364 -25.87 29.21 50.88
C GLN C 364 -24.43 28.95 50.41
N GLY C 365 -24.00 29.58 49.31
CA GLY C 365 -22.65 29.41 48.81
C GLY C 365 -22.47 28.88 47.39
N THR C 366 -21.27 28.35 47.11
CA THR C 366 -20.84 27.67 45.87
C THR C 366 -20.46 26.22 46.25
N GLY C 367 -20.16 25.28 45.33
CA GLY C 367 -19.93 25.46 43.91
C GLY C 367 -20.21 24.31 42.95
N ILE C 368 -19.40 23.23 42.97
CA ILE C 368 -19.44 22.27 41.84
C ILE C 368 -19.93 20.84 42.11
N ALA C 369 -20.52 20.24 41.08
CA ALA C 369 -20.91 18.82 41.12
C ALA C 369 -20.92 18.23 39.72
N ALA C 370 -20.39 17.03 39.59
CA ALA C 370 -20.38 16.35 38.30
C ALA C 370 -21.76 15.83 37.89
N ASP C 371 -22.02 15.83 36.57
CA ASP C 371 -23.13 15.06 36.02
C ASP C 371 -22.61 13.71 35.54
N LYS C 372 -22.94 12.67 36.31
CA LYS C 372 -22.38 11.33 36.05
C LYS C 372 -22.89 10.71 34.77
N THR C 373 -24.19 10.82 34.51
CA THR C 373 -24.80 10.18 33.35
C THR C 373 -24.20 10.65 32.03
N SER C 374 -24.21 11.96 31.79
CA SER C 374 -23.66 12.48 30.53
C SER C 374 -22.17 12.20 30.37
N THR C 375 -21.41 12.33 31.47
CA THR C 375 -19.97 12.09 31.44
C THR C 375 -19.68 10.63 31.14
N GLN C 376 -20.49 9.74 31.69
CA GLN C 376 -20.31 8.31 31.45
C GLN C 376 -20.61 7.99 30.01
N LYS C 377 -21.65 8.62 29.46
CA LYS C 377 -21.93 8.48 28.04
C LYS C 377 -20.69 8.88 27.23
N ALA C 378 -20.08 10.00 27.63
CA ALA C 378 -18.89 10.51 26.93
C ALA C 378 -17.67 9.58 27.03
N ILE C 379 -17.43 9.06 28.23
CA ILE C 379 -16.36 8.09 28.46
C ILE C 379 -16.57 6.85 27.58
N ASN C 380 -17.81 6.38 27.52
CA ASN C 380 -18.16 5.26 26.66
C ASN C 380 -17.86 5.55 25.18
N GLU C 381 -18.23 6.74 24.72
CA GLU C 381 -17.91 7.16 23.35
C GLU C 381 -16.42 7.19 23.05
N ILE C 382 -15.65 7.84 23.93
CA ILE C 382 -14.22 7.97 23.70
C ILE C 382 -13.51 6.61 23.76
N THR C 383 -13.94 5.76 24.70
CA THR C 383 -13.39 4.42 24.83
C THR C 383 -13.67 3.61 23.57
N THR C 384 -14.89 3.75 23.06
CA THR C 384 -15.28 3.03 21.85
C THR C 384 -14.45 3.49 20.65
N LYS C 385 -14.28 4.81 20.52
CA LYS C 385 -13.43 5.38 19.46
C LYS C 385 -11.98 4.88 19.53
N ILE C 386 -11.37 5.01 20.70
CA ILE C 386 -10.00 4.55 20.90
C ILE C 386 -9.86 3.08 20.54
N ASN C 387 -10.76 2.25 21.08
CA ASN C 387 -10.70 0.82 20.83
C ASN C 387 -10.90 0.48 19.36
N ASN C 388 -11.72 1.25 18.66
CA ASN C 388 -11.82 1.06 17.22
C ASN C 388 -10.54 1.40 16.48
N ILE C 389 -9.98 2.56 16.77
CA ILE C 389 -8.76 3.01 16.09
C ILE C 389 -7.61 2.03 16.30
N ILE C 390 -7.50 1.51 17.54
CA ILE C 390 -6.42 0.58 17.89
C ILE C 390 -6.66 -0.88 17.52
N GLU C 391 -7.81 -1.42 17.90
CA GLU C 391 -8.05 -2.86 17.76
C GLU C 391 -8.38 -3.28 16.32
N LYS C 392 -8.74 -2.34 15.45
CA LYS C 392 -8.96 -2.70 14.05
C LYS C 392 -7.64 -2.84 13.30
N MET C 393 -6.56 -2.32 13.87
CA MET C 393 -5.23 -2.59 13.33
C MET C 393 -4.75 -3.97 13.77
N ASN C 394 -5.37 -5.00 13.18
CA ASN C 394 -5.02 -6.37 13.56
C ASN C 394 -4.40 -7.14 12.41
N GLY C 395 -3.69 -6.42 11.53
CA GLY C 395 -3.02 -7.04 10.39
C GLY C 395 -1.57 -7.40 10.67
N ASN C 396 -0.75 -7.47 9.64
CA ASN C 396 0.65 -7.82 9.79
C ASN C 396 1.56 -6.65 9.44
N TYR C 397 2.25 -6.12 10.45
CA TYR C 397 2.88 -4.82 10.28
C TYR C 397 4.40 -4.83 10.43
N ASP C 398 5.02 -6.01 10.50
CA ASP C 398 6.49 -6.02 10.57
C ASP C 398 7.08 -5.71 9.22
N SER C 399 8.40 -5.70 9.11
CA SER C 399 9.05 -5.29 7.86
C SER C 399 8.67 -6.18 6.69
N ILE C 400 8.48 -5.58 5.51
CA ILE C 400 8.41 -6.34 4.27
C ILE C 400 9.84 -6.49 3.80
N ARG C 401 10.35 -7.72 3.89
CA ARG C 401 11.79 -7.88 3.93
C ARG C 401 12.18 -9.28 3.48
N GLY C 402 13.40 -9.42 2.96
CA GLY C 402 13.95 -10.72 2.64
C GLY C 402 15.44 -10.75 2.92
N GLU C 403 16.06 -11.92 2.78
CA GLU C 403 17.51 -12.00 2.87
C GLU C 403 18.02 -12.12 1.45
N PHE C 404 19.09 -11.43 1.12
CA PHE C 404 19.61 -11.50 -0.22
C PHE C 404 21.11 -11.53 -0.16
N ASN C 405 21.76 -12.14 -1.14
CA ASN C 405 23.21 -12.14 -1.16
C ASN C 405 23.72 -10.95 -1.98
N GLN C 406 25.02 -10.90 -2.25
CA GLN C 406 25.58 -9.69 -2.84
C GLN C 406 25.28 -9.51 -4.34
N VAL C 407 24.86 -10.58 -5.02
CA VAL C 407 24.57 -10.48 -6.45
C VAL C 407 23.09 -10.18 -6.70
N GLU C 408 22.33 -10.12 -5.61
CA GLU C 408 20.89 -9.89 -5.67
C GLU C 408 20.51 -8.46 -5.30
N LYS C 409 21.26 -7.49 -5.82
CA LYS C 409 21.01 -6.09 -5.49
C LYS C 409 19.63 -5.54 -5.94
N ARG C 410 19.23 -5.87 -7.16
CA ARG C 410 17.99 -5.30 -7.71
C ARG C 410 16.75 -5.72 -6.91
N ILE C 411 16.58 -7.03 -6.70
CA ILE C 411 15.41 -7.48 -5.92
C ILE C 411 15.45 -6.97 -4.47
N ASN C 412 16.65 -6.82 -3.91
CA ASN C 412 16.81 -6.32 -2.55
C ASN C 412 16.32 -4.86 -2.49
N MET C 413 16.74 -4.05 -3.46
CA MET C 413 16.31 -2.66 -3.56
C MET C 413 14.80 -2.53 -3.77
N ILE C 414 14.25 -3.40 -4.60
CA ILE C 414 12.81 -3.36 -4.86
C ILE C 414 12.01 -3.70 -3.61
N ALA C 415 12.35 -4.81 -2.97
CA ALA C 415 11.72 -5.17 -1.69
C ALA C 415 11.79 -4.03 -0.68
N ASP C 416 12.97 -3.46 -0.50
CA ASP C 416 13.13 -2.37 0.46
C ASP C 416 12.29 -1.15 0.08
N ARG C 417 12.16 -0.89 -1.21
CA ARG C 417 11.33 0.21 -1.68
C ARG C 417 9.83 -0.04 -1.40
N VAL C 418 9.37 -1.27 -1.61
CA VAL C 418 7.98 -1.60 -1.31
C VAL C 418 7.73 -1.41 0.19
N ASP C 419 8.65 -1.90 1.02
CA ASP C 419 8.54 -1.71 2.47
C ASP C 419 8.40 -0.21 2.81
N ASP C 420 9.26 0.58 2.18
CA ASP C 420 9.23 2.02 2.39
C ASP C 420 7.92 2.67 1.92
N ALA C 421 7.38 2.21 0.80
CA ALA C 421 6.15 2.80 0.26
C ALA C 421 4.93 2.49 1.15
N VAL C 422 4.85 1.24 1.61
CA VAL C 422 3.80 0.87 2.58
C VAL C 422 3.93 1.73 3.84
N THR C 423 5.17 1.94 4.27
CA THR C 423 5.43 2.82 5.42
C THR C 423 4.99 4.26 5.17
N ASP C 424 5.20 4.78 3.97
CA ASP C 424 4.77 6.15 3.65
C ASP C 424 3.24 6.28 3.70
N ILE C 425 2.56 5.23 3.24
CA ILE C 425 1.10 5.22 3.31
C ILE C 425 0.63 5.26 4.77
N TRP C 426 1.05 4.28 5.57
CA TRP C 426 0.65 4.29 6.98
C TRP C 426 1.08 5.57 7.72
N SER C 427 2.23 6.14 7.36
CA SER C 427 2.72 7.34 8.04
C SER C 427 1.76 8.50 7.82
N TYR C 428 1.48 8.79 6.55
CA TYR C 428 0.56 9.90 6.24
C TYR C 428 -0.81 9.67 6.86
N ASN C 429 -1.34 8.47 6.67
CA ASN C 429 -2.65 8.15 7.21
C ASN C 429 -2.73 8.31 8.73
N ALA C 430 -1.71 7.87 9.45
CA ALA C 430 -1.72 7.99 10.90
C ALA C 430 -1.69 9.46 11.34
N LYS C 431 -0.82 10.25 10.72
CA LYS C 431 -0.77 11.67 11.06
C LYS C 431 -2.11 12.39 10.84
N LEU C 432 -2.69 12.17 9.66
CA LEU C 432 -3.94 12.86 9.34
C LEU C 432 -5.10 12.36 10.20
N LEU C 433 -5.16 11.05 10.43
CA LEU C 433 -6.21 10.49 11.30
C LEU C 433 -6.14 11.14 12.68
N VAL C 434 -4.94 11.26 13.24
CA VAL C 434 -4.85 11.88 14.56
C VAL C 434 -5.31 13.34 14.57
N LEU C 435 -4.84 14.13 13.60
CA LEU C 435 -5.26 15.53 13.55
C LEU C 435 -6.80 15.69 13.43
N ILE C 436 -7.37 14.95 12.48
CA ILE C 436 -8.80 15.02 12.21
C ILE C 436 -9.62 14.58 13.41
N GLU C 437 -9.27 13.43 13.98
CA GLU C 437 -10.00 12.89 15.13
C GLU C 437 -9.86 13.75 16.38
N ASN C 438 -8.74 14.44 16.55
CA ASN C 438 -8.63 15.37 17.67
C ASN C 438 -9.65 16.49 17.53
N ASP C 439 -9.71 17.06 16.33
CA ASP C 439 -10.74 18.08 16.08
C ASP C 439 -12.13 17.52 16.45
N ARG C 440 -12.41 16.31 15.96
CA ARG C 440 -13.70 15.67 16.22
C ARG C 440 -13.99 15.39 17.70
N THR C 441 -12.99 14.91 18.43
CA THR C 441 -13.16 14.57 19.84
C THR C 441 -13.50 15.82 20.65
N LEU C 442 -12.72 16.88 20.43
CA LEU C 442 -12.95 18.10 21.21
C LEU C 442 -14.32 18.74 20.89
N ASP C 443 -14.66 18.74 19.60
CA ASP C 443 -15.99 19.18 19.19
C ASP C 443 -17.12 18.32 19.80
N LEU C 444 -16.88 17.03 19.93
CA LEU C 444 -17.88 16.12 20.47
C LEU C 444 -18.12 16.41 21.94
N HIS C 445 -17.05 16.62 22.70
CA HIS C 445 -17.22 17.04 24.10
C HIS C 445 -18.07 18.33 24.20
N ASP C 446 -17.74 19.29 23.35
CA ASP C 446 -18.54 20.52 23.28
C ASP C 446 -20.03 20.25 23.03
N ALA C 447 -20.31 19.40 22.07
CA ALA C 447 -21.70 19.11 21.70
C ALA C 447 -22.40 18.46 22.89
N ASN C 448 -21.67 17.61 23.60
CA ASN C 448 -22.23 16.95 24.77
C ASN C 448 -22.64 17.90 25.90
N VAL C 449 -21.76 18.83 26.25
CA VAL C 449 -22.14 19.77 27.30
C VAL C 449 -23.20 20.75 26.81
N ARG C 450 -23.19 21.09 25.51
CA ARG C 450 -24.26 21.92 24.97
C ARG C 450 -25.61 21.22 25.09
N ASN C 451 -25.63 19.92 24.82
CA ASN C 451 -26.86 19.16 25.00
C ASN C 451 -27.33 19.18 26.46
N LEU C 452 -26.39 19.00 27.40
CA LEU C 452 -26.73 19.05 28.81
C LEU C 452 -27.34 20.43 29.17
N HIS C 453 -26.67 21.47 28.69
CA HIS C 453 -27.12 22.85 28.83
C HIS C 453 -28.54 23.04 28.31
N GLU C 454 -28.85 22.47 27.15
CA GLU C 454 -30.20 22.59 26.59
C GLU C 454 -31.24 21.82 27.42
N GLN C 455 -30.83 20.71 28.00
CA GLN C 455 -31.73 19.96 28.89
C GLN C 455 -32.10 20.82 30.11
N ILE C 456 -31.09 21.46 30.70
CA ILE C 456 -31.37 22.35 31.83
C ILE C 456 -32.24 23.53 31.38
N LYS C 457 -31.90 24.13 30.24
CA LYS C 457 -32.71 25.22 29.70
C LYS C 457 -34.18 24.82 29.60
N ARG C 458 -34.40 23.61 29.11
CA ARG C 458 -35.74 23.09 28.92
C ARG C 458 -36.47 22.88 30.26
N ALA C 459 -35.74 22.45 31.27
CA ALA C 459 -36.37 22.30 32.58
C ALA C 459 -36.73 23.66 33.20
N LEU C 460 -35.86 24.65 33.04
CA LEU C 460 -36.08 25.95 33.71
C LEU C 460 -37.12 26.82 33.02
N LYS C 461 -37.20 26.67 31.71
CA LYS C 461 -38.10 27.47 30.89
C LYS C 461 -38.04 28.96 31.26
N ASP C 462 -39.19 29.57 31.52
CA ASP C 462 -39.26 31.02 31.76
C ASP C 462 -38.70 31.47 33.12
N ASN C 463 -38.45 30.53 34.03
CA ASN C 463 -37.92 30.80 35.37
C ASN C 463 -36.45 31.21 35.42
N ALA C 464 -35.78 31.25 34.28
CA ALA C 464 -34.36 31.62 34.28
C ALA C 464 -34.00 32.50 33.07
N ILE C 465 -32.96 33.31 33.23
CA ILE C 465 -32.42 34.09 32.12
C ILE C 465 -31.17 33.36 31.58
N ASP C 466 -31.14 33.11 30.28
CA ASP C 466 -29.98 32.48 29.65
C ASP C 466 -28.93 33.55 29.41
N GLU C 467 -27.84 33.52 30.17
CA GLU C 467 -26.82 34.55 30.08
C GLU C 467 -25.90 34.39 28.87
N GLY C 468 -26.10 33.31 28.10
CA GLY C 468 -25.35 33.07 26.89
C GLY C 468 -23.91 32.59 27.09
N ASP C 469 -23.57 32.23 28.31
CA ASP C 469 -22.19 31.85 28.62
C ASP C 469 -22.15 30.52 29.34
N GLY C 470 -23.23 29.74 29.20
CA GLY C 470 -23.30 28.46 29.86
C GLY C 470 -24.02 28.52 31.19
N CYS C 471 -24.35 29.74 31.61
CA CYS C 471 -24.99 29.97 32.91
C CYS C 471 -26.43 30.45 32.78
N PHE C 472 -27.23 30.10 33.77
CA PHE C 472 -28.60 30.59 33.92
C PHE C 472 -28.72 31.34 35.22
N SER C 473 -29.31 32.53 35.13
CA SER C 473 -29.70 33.30 36.31
C SER C 473 -31.14 32.96 36.66
N ILE C 474 -31.31 32.30 37.79
CA ILE C 474 -32.62 31.79 38.18
C ILE C 474 -33.45 32.92 38.80
N LEU C 475 -34.72 33.03 38.39
CA LEU C 475 -35.56 34.17 38.76
C LEU C 475 -36.29 33.96 40.09
N HIS C 476 -35.76 33.09 40.92
CA HIS C 476 -36.34 32.80 42.22
C HIS C 476 -35.26 32.27 43.14
N LYS C 477 -35.51 32.33 44.43
CA LYS C 477 -34.56 31.77 45.38
C LYS C 477 -34.43 30.29 45.10
N CYS C 478 -33.19 29.83 44.95
CA CYS C 478 -32.94 28.43 44.66
C CYS C 478 -31.87 27.88 45.60
N ASN C 479 -32.30 27.38 46.77
CA ASN C 479 -31.35 26.85 47.76
C ASN C 479 -30.73 25.54 47.31
N ASP C 480 -29.84 24.95 48.11
CA ASP C 480 -29.12 23.74 47.68
C ASP C 480 -30.06 22.58 47.30
N SER C 481 -31.22 22.49 47.96
CA SER C 481 -32.20 21.46 47.65
C SER C 481 -32.80 21.68 46.25
N CYS C 482 -33.03 22.96 45.93
CA CYS C 482 -33.60 23.33 44.64
C CYS C 482 -32.57 23.07 43.55
N MET C 483 -31.34 23.50 43.81
CA MET C 483 -30.20 23.23 42.92
C MET C 483 -30.11 21.75 42.63
N GLU C 484 -30.24 20.92 43.65
CA GLU C 484 -30.20 19.48 43.48
C GLU C 484 -31.35 18.95 42.63
N THR C 485 -32.55 19.52 42.78
CA THR C 485 -33.65 19.13 41.88
C THR C 485 -33.33 19.47 40.43
N ILE C 486 -32.61 20.58 40.21
CA ILE C 486 -32.18 20.92 38.85
C ILE C 486 -31.15 19.90 38.33
N ARG C 487 -30.16 19.58 39.16
CA ARG C 487 -29.13 18.62 38.77
C ARG C 487 -29.66 17.19 38.58
N ASN C 488 -30.67 16.78 39.35
CA ASN C 488 -31.20 15.42 39.17
C ASN C 488 -32.44 15.32 38.29
N GLY C 489 -32.77 16.42 37.61
CA GLY C 489 -33.86 16.44 36.64
C GLY C 489 -35.25 16.28 37.22
N THR C 490 -35.45 16.76 38.45
CA THR C 490 -36.77 16.70 39.08
C THR C 490 -37.38 18.10 39.29
N TYR C 491 -36.61 19.14 38.99
CA TYR C 491 -37.07 20.52 39.05
C TYR C 491 -38.31 20.72 38.18
N ASN C 492 -39.37 21.24 38.79
CA ASN C 492 -40.62 21.54 38.10
C ASN C 492 -40.83 23.05 38.09
N HIS C 493 -40.76 23.68 36.91
CA HIS C 493 -40.79 25.13 36.83
C HIS C 493 -42.10 25.67 37.37
N GLU C 494 -43.15 24.84 37.31
CA GLU C 494 -44.47 25.25 37.78
C GLU C 494 -44.43 25.62 39.26
N ASP C 495 -43.53 24.99 40.00
CA ASP C 495 -43.38 25.27 41.43
C ASP C 495 -42.96 26.70 41.70
N TYR C 496 -42.27 27.33 40.75
CA TYR C 496 -41.75 28.68 40.99
C TYR C 496 -42.23 29.74 40.00
N LYS C 497 -43.32 29.45 39.30
CA LYS C 497 -43.81 30.34 38.23
C LYS C 497 -44.14 31.74 38.78
N GLU C 498 -45.02 31.78 39.79
CA GLU C 498 -45.42 33.01 40.46
C GLU C 498 -44.21 33.86 40.88
N GLU C 499 -43.43 33.34 41.83
CA GLU C 499 -42.19 34.01 42.24
C GLU C 499 -41.37 34.50 41.04
N SER C 500 -41.19 33.64 40.03
CA SER C 500 -40.30 33.99 38.93
C SER C 500 -40.88 35.12 38.11
N GLN C 501 -42.20 35.14 37.94
CA GLN C 501 -42.75 36.21 37.15
C GLN C 501 -42.56 37.53 37.90
N LEU C 502 -42.69 37.47 39.22
CA LEU C 502 -42.64 38.69 40.00
C LEU C 502 -41.25 39.28 39.89
N LYS C 503 -40.25 38.43 40.13
CA LYS C 503 -38.86 38.83 39.99
C LYS C 503 -38.63 39.39 38.60
N ARG C 504 -39.17 38.73 37.58
CA ARG C 504 -38.90 39.17 36.22
C ARG C 504 -39.41 40.60 36.08
N GLN C 505 -40.63 40.82 36.54
CA GLN C 505 -41.21 42.15 36.41
C GLN C 505 -40.32 43.16 37.13
N GLU C 506 -39.88 42.78 38.34
CA GLU C 506 -39.04 43.65 39.14
C GLU C 506 -37.82 44.06 38.34
N ILE C 507 -37.16 43.07 37.74
CA ILE C 507 -35.89 43.31 37.09
C ILE C 507 -36.12 44.20 35.88
N GLU C 508 -37.25 44.01 35.20
CA GLU C 508 -37.51 44.78 33.99
C GLU C 508 -37.55 46.27 34.31
N GLY C 509 -37.91 46.59 35.55
CA GLY C 509 -38.09 47.97 35.95
C GLY C 509 -36.81 48.66 36.40
N ILE C 510 -35.76 47.88 36.63
CA ILE C 510 -34.52 48.45 37.13
C ILE C 510 -33.82 49.28 36.04
N ARG C 511 -33.20 50.39 36.44
CA ARG C 511 -32.49 51.25 35.49
C ARG C 511 -31.08 51.58 35.99
N LEU C 512 -30.08 51.29 35.15
CA LEU C 512 -28.69 51.56 35.49
C LEU C 512 -28.49 53.07 35.58
N VAL C 513 -28.87 53.79 34.53
CA VAL C 513 -29.00 55.24 34.62
C VAL C 513 -30.47 55.54 34.92
N PRO C 514 -30.76 56.21 36.06
CA PRO C 514 -32.16 56.48 36.40
C PRO C 514 -32.93 57.12 35.24
N ARG C 515 -34.17 56.68 34.99
CA ARG C 515 -34.89 57.21 33.85
C ARG C 515 -35.30 58.63 34.17
#